data_6O9E
#
_entry.id   6O9E
#
_cell.length_a   89.762
_cell.length_b   127.663
_cell.length_c   131.610
_cell.angle_alpha   90.00
_cell.angle_beta   101.50
_cell.angle_gamma   90.00
#
_symmetry.space_group_name_H-M   'P 1 21 1'
#
loop_
_entity.id
_entity.type
_entity.pdbx_description
1 polymer 'Reverse transcriptase p66'
2 polymer 'Reverse transcriptase p51'
3 polymer 'DNA (38-MER)'
4 branched beta-D-fructofuranose-(2-1)-alpha-D-glucopyranose
5 non-polymer 'SULFATE ION'
6 non-polymer 'AMMONIUM ION'
7 non-polymer GLYCEROL
8 non-polymer DI(HYDROXYETHYL)ETHER
9 non-polymer 5-methyl-1-(4-nitrophenyl)-2-oxo-2,5-dihydro-1H-pyrido[3,2-b]indole-3-carbonitrile
10 non-polymer 'TETRAETHYLENE GLYCOL'
11 water water
#
loop_
_entity_poly.entity_id
_entity_poly.type
_entity_poly.pdbx_seq_one_letter_code
_entity_poly.pdbx_strand_id
1 'polypeptide(L)'
;PISPIETVPVKLKPGMDGPKVKQWPLTEEKIKALVEICTEMEKEGKISKIGPENPYNTPVFAIKKKDSTKWRKLVDFREL
NKRTQDFWEVQLGIPHPAGLKKKKSVTVLDVGDAYFSVPLDEDFRKYTAFTIPSINNETPGIRYQYNVLPQGWKGSPAIF
QSSMTKILEPFKKQNPDIVIYQYMDDLYVGSDLEIGQHRTKIEELRQHLLRWGLTTPDKKHQKEPPFLWMGYELHPDKWT
VQPIVLPEKDSWTVNDIQKLVGKLNWASQIYPGIKVRQLSKLLRGTKALTEVIPLTEEAELELAENREILKEPVHGVYYD
PSKDLIAEIQKQGQGQWTYQIYQEPFKNLKTGKYARMRGAHTNDVKQLTEAVQKITTESIVIWGKTPKFKLPIQKETWET
WWTEYWQATWIPEWEFVNTPPLVKLWYQLEKEPIVGAETFYVDGAANRETKLGKAGYVTNKGRQKVVPLTNTTNQKTELQ
AIYLALQDSGLEVNIVTNSQYALGIIQAQPDKSESELVNQIIEQLIKKEKVYLAWVPAHKGIGGNEQVDKLVSAG
;
A,C
2 'polypeptide(L)'
;GPISPIETVPVKLKPGMDGPKVKQWPLTEEKIKALVEICTEMEKEGKISKIGPENPYNTPVFAIKKKDSTKWRKLVDFRE
LNKRTQDFWEVQLGIPHPAGLKKKKSVTVLDVGDAYFSVPLDEDFRKYTAFTIPSINNETPGIRYQYNVLPQGWKGSPAI
FQSSMTKILEPFKKQNPDIVIYQYMDDLYVGSDLEIGQHRTKIEELRQHLLRWGLTTPDKKHQKEPPFLWMGYELHPDKW
TVQPIVLPEKDSWTVNDIQKLVGKLNWASQIYPGIKVRQLSKLLRGTKALTEVIPLTEEAELELAENREILKEPVHGVYY
DPSKDLIAEIQKQGQGQWTYQIYQEPFKNLKTGKYARMRGAHTNDVKQLTEAVQKITTESIVIWGKTPKFKLPIQKETWE
TWWTEYWQATWIPEWEFVNTPPLVKLWYQ
;
B,D
3 'polydeoxyribonucleotide'
;(DT)(DA)(DA)(DT)(DA)(DA)(OMC)(DC)(OMC)(DC)(DC)(DC)(DT)(DT)(DC)(DG)(DG)(DT)(DG)
(DC)(DT)(DT)(DT)(DG)(DC)(DA)(DC)(DC)(DG)(DA)(DA)(DG)(DG)(DG)(DG)(DG)(DG)(DT)
;
F,E
#
# COMPACT_ATOMS: atom_id res chain seq x y z
N PRO A 1 -26.75 -5.48 58.65
CA PRO A 1 -26.56 -6.18 57.37
C PRO A 1 -25.82 -5.32 56.34
N ILE A 2 -24.57 -5.67 56.08
CA ILE A 2 -23.73 -4.93 55.14
C ILE A 2 -23.92 -5.46 53.74
N SER A 3 -23.70 -4.59 52.75
CA SER A 3 -23.74 -4.97 51.35
C SER A 3 -22.37 -5.46 50.91
N PRO A 4 -22.28 -6.58 50.21
CA PRO A 4 -20.97 -7.10 49.79
C PRO A 4 -20.42 -6.31 48.61
N ILE A 5 -19.14 -5.99 48.70
CA ILE A 5 -18.45 -5.27 47.64
C ILE A 5 -18.03 -6.27 46.56
N GLU A 6 -18.38 -5.97 45.32
CA GLU A 6 -18.02 -6.85 44.21
C GLU A 6 -16.51 -6.98 44.10
N THR A 7 -16.03 -8.21 44.00
CA THR A 7 -14.60 -8.47 43.95
C THR A 7 -14.02 -8.05 42.61
N VAL A 8 -12.75 -7.66 42.63
CA VAL A 8 -12.02 -7.23 41.44
C VAL A 8 -11.21 -8.41 40.93
N PRO A 9 -11.36 -8.84 39.68
CA PRO A 9 -10.56 -9.96 39.18
C PRO A 9 -9.08 -9.61 39.17
N VAL A 10 -8.28 -10.52 39.73
CA VAL A 10 -6.83 -10.35 39.82
C VAL A 10 -6.15 -11.61 39.32
N LYS A 11 -5.11 -11.44 38.51
CA LYS A 11 -4.40 -12.56 37.92
C LYS A 11 -2.91 -12.43 38.18
N LEU A 12 -2.20 -13.55 38.02
CA LEU A 12 -0.76 -13.54 37.99
C LEU A 12 -0.26 -13.22 36.59
N LYS A 13 1.01 -12.88 36.48
CA LYS A 13 1.58 -12.65 35.16
C LYS A 13 1.57 -13.96 34.37
N PRO A 14 1.30 -13.91 33.06
CA PRO A 14 1.17 -15.15 32.28
C PRO A 14 2.41 -16.03 32.41
N GLY A 15 2.18 -17.33 32.52
CA GLY A 15 3.28 -18.27 32.65
C GLY A 15 4.02 -18.21 33.96
N MET A 16 3.43 -17.61 34.99
CA MET A 16 4.06 -17.50 36.30
C MET A 16 3.13 -18.09 37.36
N ASP A 17 3.74 -18.65 38.40
CA ASP A 17 3.01 -19.28 39.49
C ASP A 17 3.18 -18.47 40.77
N GLY A 18 2.37 -18.81 41.77
CA GLY A 18 2.36 -18.08 43.01
C GLY A 18 3.70 -18.04 43.71
N PRO A 19 3.81 -17.21 44.75
CA PRO A 19 5.09 -17.06 45.45
C PRO A 19 5.34 -18.21 46.41
N LYS A 20 6.58 -18.67 46.44
CA LYS A 20 7.02 -19.71 47.38
C LYS A 20 8.37 -19.24 47.94
N VAL A 21 8.32 -18.58 49.09
CA VAL A 21 9.51 -17.98 49.69
C VAL A 21 9.76 -18.45 51.12
N LYS A 22 8.80 -19.08 51.78
CA LYS A 22 9.01 -19.56 53.15
C LYS A 22 9.25 -18.35 54.08
N GLN A 23 9.96 -18.57 55.18
CA GLN A 23 10.01 -17.61 56.27
C GLN A 23 11.46 -17.31 56.66
N TRP A 24 11.69 -16.07 57.08
CA TRP A 24 12.92 -15.60 57.69
C TRP A 24 12.90 -15.87 59.18
N PRO A 25 14.07 -15.99 59.81
CA PRO A 25 14.09 -16.20 61.27
C PRO A 25 13.41 -15.03 61.97
N LEU A 26 12.50 -15.35 62.88
CA LEU A 26 11.72 -14.35 63.60
C LEU A 26 12.03 -14.41 65.09
N THR A 27 12.13 -13.23 65.71
CA THR A 27 12.31 -13.17 67.15
C THR A 27 11.00 -13.50 67.86
N GLU A 28 11.12 -14.07 69.06
CA GLU A 28 9.93 -14.50 69.79
C GLU A 28 9.02 -13.31 70.12
N GLU A 29 9.61 -12.14 70.38
CA GLU A 29 8.80 -10.97 70.70
C GLU A 29 7.74 -10.69 69.63
N LYS A 30 8.10 -10.88 68.36
CA LYS A 30 7.16 -10.66 67.28
C LYS A 30 6.26 -11.87 67.05
N ILE A 31 6.83 -13.08 67.14
CA ILE A 31 6.04 -14.29 66.94
C ILE A 31 4.85 -14.32 67.88
N LYS A 32 5.03 -13.82 69.11
CA LYS A 32 3.95 -13.87 70.10
C LYS A 32 2.80 -12.94 69.72
N ALA A 33 3.07 -11.65 69.60
CA ALA A 33 2.02 -10.68 69.35
C ALA A 33 1.29 -10.92 68.03
N LEU A 34 1.93 -11.61 67.07
CA LEU A 34 1.29 -11.83 65.78
C LEU A 34 0.12 -12.80 65.90
N VAL A 35 0.31 -13.92 66.62
CA VAL A 35 -0.74 -14.93 66.68
C VAL A 35 -2.02 -14.36 67.28
N GLU A 36 -1.91 -13.31 68.09
CA GLU A 36 -3.12 -12.68 68.63
C GLU A 36 -3.91 -12.01 67.51
N ILE A 37 -3.22 -11.34 66.59
CA ILE A 37 -3.90 -10.66 65.48
C ILE A 37 -4.46 -11.68 64.49
N CYS A 38 -3.76 -12.82 64.31
CA CYS A 38 -4.26 -13.83 63.39
C CYS A 38 -5.63 -14.33 63.79
N THR A 39 -5.85 -14.57 65.08
CA THR A 39 -7.16 -15.02 65.55
C THR A 39 -8.19 -13.90 65.43
N GLU A 40 -7.78 -12.66 65.71
CA GLU A 40 -8.70 -11.53 65.58
C GLU A 40 -9.22 -11.39 64.15
N MET A 41 -8.33 -11.56 63.17
CA MET A 41 -8.76 -11.44 61.77
C MET A 41 -9.60 -12.63 61.34
N GLU A 42 -9.32 -13.82 61.88
CA GLU A 42 -10.15 -14.98 61.55
C GLU A 42 -11.56 -14.81 62.09
N LYS A 43 -11.69 -14.37 63.35
CA LYS A 43 -13.00 -14.11 63.91
C LYS A 43 -13.71 -12.99 63.16
N GLU A 44 -13.01 -11.87 62.95
CA GLU A 44 -13.60 -10.74 62.24
C GLU A 44 -13.96 -11.09 60.80
N GLY A 45 -13.38 -12.16 60.26
CA GLY A 45 -13.63 -12.56 58.89
C GLY A 45 -12.61 -12.09 57.87
N LYS A 46 -11.48 -11.55 58.34
CA LYS A 46 -10.47 -11.02 57.42
C LYS A 46 -9.58 -12.12 56.85
N ILE A 47 -9.52 -13.28 57.49
CA ILE A 47 -8.57 -14.32 57.13
C ILE A 47 -9.20 -15.69 57.34
N SER A 48 -8.79 -16.65 56.52
CA SER A 48 -9.21 -18.04 56.65
C SER A 48 -8.00 -18.92 56.97
N LYS A 49 -8.27 -20.02 57.69
CA LYS A 49 -7.22 -20.87 58.24
C LYS A 49 -6.73 -21.96 57.30
N ILE A 50 -7.61 -22.52 56.47
CA ILE A 50 -7.29 -23.73 55.72
C ILE A 50 -6.14 -23.47 54.76
N GLY A 51 -5.02 -24.17 54.95
CA GLY A 51 -3.89 -24.05 54.06
C GLY A 51 -2.95 -25.23 53.97
N PRO A 52 -3.45 -26.48 54.12
CA PRO A 52 -2.53 -27.62 53.98
C PRO A 52 -2.33 -27.97 52.51
N GLU A 53 -3.34 -27.72 51.69
CA GLU A 53 -3.29 -27.97 50.25
C GLU A 53 -2.69 -26.82 49.47
N ASN A 54 -2.07 -25.86 50.16
CA ASN A 54 -1.53 -24.66 49.52
C ASN A 54 -0.01 -24.71 49.51
N PRO A 55 0.62 -24.86 48.34
CA PRO A 55 2.09 -24.92 48.29
C PRO A 55 2.77 -23.55 48.38
N TYR A 56 2.01 -22.46 48.31
CA TYR A 56 2.58 -21.13 48.29
C TYR A 56 2.77 -20.61 49.70
N ASN A 57 3.64 -19.61 49.84
CA ASN A 57 3.88 -18.97 51.12
C ASN A 57 4.63 -17.67 50.88
N THR A 58 4.41 -16.71 51.78
CA THR A 58 5.08 -15.42 51.73
C THR A 58 5.47 -15.06 53.15
N PRO A 59 6.69 -14.55 53.36
CA PRO A 59 7.15 -14.26 54.73
C PRO A 59 6.28 -13.21 55.39
N VAL A 60 6.26 -13.25 56.72
CA VAL A 60 5.51 -12.29 57.53
C VAL A 60 6.38 -11.85 58.70
N PHE A 61 6.18 -10.61 59.11
CA PHE A 61 6.86 -10.07 60.28
C PHE A 61 6.11 -8.82 60.73
N ALA A 62 6.65 -8.14 61.74
CA ALA A 62 5.97 -6.97 62.28
C ALA A 62 6.98 -6.07 62.98
N ILE A 63 6.67 -4.77 63.01
CA ILE A 63 7.48 -3.79 63.72
C ILE A 63 6.53 -2.86 64.47
N LYS A 64 7.09 -1.82 65.08
CA LYS A 64 6.33 -0.94 65.94
C LYS A 64 5.70 0.21 65.16
N LYS A 65 4.45 0.54 65.51
CA LYS A 65 3.86 1.78 65.04
C LYS A 65 4.75 2.95 65.46
N LYS A 66 4.74 4.01 64.65
CA LYS A 66 5.67 5.11 64.87
C LYS A 66 5.51 5.69 66.26
N ASP A 67 6.50 5.46 67.13
CA ASP A 67 6.50 6.01 68.49
C ASP A 67 5.23 5.63 69.24
N SER A 68 4.81 4.38 69.09
CA SER A 68 3.64 3.85 69.76
C SER A 68 3.96 2.48 70.34
N THR A 69 3.30 2.15 71.46
CA THR A 69 3.48 0.85 72.09
C THR A 69 2.90 -0.30 71.29
N LYS A 70 2.14 -0.01 70.24
CA LYS A 70 1.48 -1.03 69.44
C LYS A 70 2.39 -1.56 68.35
N TRP A 71 2.25 -2.84 68.05
CA TRP A 71 3.01 -3.48 66.98
C TRP A 71 2.22 -3.43 65.69
N ARG A 72 2.89 -3.04 64.61
CA ARG A 72 2.29 -2.91 63.30
C ARG A 72 2.65 -4.16 62.48
N LYS A 73 1.64 -4.82 61.93
CA LYS A 73 1.84 -6.05 61.17
C LYS A 73 1.83 -5.76 59.67
N LEU A 74 2.77 -6.38 58.95
CA LEU A 74 2.87 -6.18 57.51
C LEU A 74 3.51 -7.41 56.88
N VAL A 75 3.10 -7.69 55.65
CA VAL A 75 3.55 -8.86 54.90
C VAL A 75 4.43 -8.41 53.75
N ASP A 76 5.58 -9.06 53.59
CA ASP A 76 6.52 -8.73 52.51
C ASP A 76 6.14 -9.50 51.26
N PHE A 77 5.23 -8.92 50.47
CA PHE A 77 4.73 -9.53 49.24
C PHE A 77 5.59 -9.20 48.03
N ARG A 78 6.86 -8.84 48.23
CA ARG A 78 7.69 -8.41 47.11
C ARG A 78 7.79 -9.49 46.04
N GLU A 79 7.77 -10.77 46.43
CA GLU A 79 7.83 -11.83 45.43
C GLU A 79 6.50 -11.98 44.72
N LEU A 80 5.38 -11.90 45.46
CA LEU A 80 4.08 -11.93 44.82
C LEU A 80 3.86 -10.73 43.92
N ASN A 81 4.41 -9.57 44.31
CA ASN A 81 4.27 -8.37 43.48
C ASN A 81 4.90 -8.57 42.11
N LYS A 82 6.06 -9.25 42.05
CA LYS A 82 6.67 -9.53 40.76
C LYS A 82 5.78 -10.42 39.90
N ARG A 83 5.06 -11.35 40.52
CA ARG A 83 4.25 -12.32 39.80
C ARG A 83 2.82 -11.84 39.59
N THR A 84 2.44 -10.71 40.16
CA THR A 84 1.09 -10.19 40.01
C THR A 84 0.98 -9.38 38.73
N GLN A 85 -0.21 -9.39 38.15
CA GLN A 85 -0.44 -8.63 36.93
C GLN A 85 -0.19 -7.15 37.17
N ASP A 86 0.20 -6.45 36.11
CA ASP A 86 0.38 -5.01 36.22
C ASP A 86 -0.98 -4.32 36.27
N PHE A 87 -1.07 -3.30 37.10
CA PHE A 87 -2.28 -2.49 37.22
C PHE A 87 -2.01 -1.10 36.67
N TRP A 88 -3.08 -0.43 36.25
CA TRP A 88 -3.01 0.97 35.88
C TRP A 88 -3.54 1.78 37.05
N GLU A 89 -2.66 2.54 37.69
CA GLU A 89 -3.06 3.31 38.87
C GLU A 89 -4.01 4.43 38.47
N VAL A 90 -5.09 4.58 39.23
CA VAL A 90 -6.00 5.70 39.04
C VAL A 90 -5.61 6.91 39.89
N GLN A 91 -4.63 6.78 40.77
CA GLN A 91 -4.13 7.90 41.55
C GLN A 91 -3.14 8.67 40.68
N LEU A 92 -3.59 9.81 40.15
CA LEU A 92 -2.80 10.56 39.18
C LEU A 92 -2.00 11.70 39.80
N GLY A 93 -2.37 12.16 41.00
CA GLY A 93 -1.66 13.26 41.62
C GLY A 93 -2.13 13.46 43.05
N ILE A 94 -1.50 14.42 43.70
CA ILE A 94 -1.80 14.76 45.10
C ILE A 94 -2.65 16.03 45.10
N PRO A 95 -3.81 16.05 45.73
CA PRO A 95 -4.59 17.28 45.82
C PRO A 95 -3.83 18.33 46.63
N HIS A 96 -4.11 19.60 46.33
CA HIS A 96 -3.40 20.68 46.99
C HIS A 96 -4.39 21.68 47.56
N PRO A 97 -4.15 22.17 48.79
CA PRO A 97 -5.10 23.11 49.40
C PRO A 97 -5.30 24.38 48.61
N ALA A 98 -4.29 24.81 47.84
CA ALA A 98 -4.42 26.03 47.06
C ALA A 98 -5.50 25.91 46.00
N GLY A 99 -5.91 24.69 45.65
CA GLY A 99 -6.99 24.46 44.72
C GLY A 99 -8.36 24.36 45.32
N LEU A 100 -8.48 24.40 46.65
CA LEU A 100 -9.77 24.30 47.30
C LEU A 100 -10.51 25.63 47.27
N LYS A 101 -11.77 25.60 46.84
CA LYS A 101 -12.66 26.73 47.00
C LYS A 101 -13.18 26.82 48.43
N LYS A 102 -13.42 28.04 48.90
CA LYS A 102 -13.90 28.22 50.26
C LYS A 102 -15.31 27.66 50.40
N LYS A 103 -15.50 26.83 51.42
CA LYS A 103 -16.79 26.19 51.69
C LYS A 103 -17.26 26.61 53.08
N LYS A 104 -18.58 26.84 53.20
CA LYS A 104 -19.13 27.28 54.47
C LYS A 104 -18.97 26.23 55.55
N SER A 105 -19.22 24.96 55.22
CA SER A 105 -19.10 23.85 56.15
C SER A 105 -18.13 22.83 55.58
N VAL A 106 -17.25 22.30 56.44
CA VAL A 106 -16.22 21.37 56.02
C VAL A 106 -16.15 20.23 57.03
N THR A 107 -15.85 19.04 56.54
CA THR A 107 -15.70 17.85 57.36
C THR A 107 -14.60 16.97 56.79
N VAL A 108 -13.84 16.33 57.67
CA VAL A 108 -12.78 15.42 57.29
C VAL A 108 -12.94 14.14 58.09
N LEU A 109 -13.17 13.02 57.39
CA LEU A 109 -13.33 11.73 58.05
C LEU A 109 -12.59 10.67 57.24
N ASP A 110 -12.28 9.56 57.91
CA ASP A 110 -11.57 8.44 57.31
C ASP A 110 -12.37 7.16 57.46
N VAL A 111 -12.07 6.18 56.61
CA VAL A 111 -12.70 4.87 56.66
C VAL A 111 -11.85 3.95 57.54
N GLY A 112 -12.50 3.28 58.48
CA GLY A 112 -11.79 2.38 59.39
C GLY A 112 -11.48 1.06 58.71
N ASP A 113 -10.22 0.63 58.82
CA ASP A 113 -9.75 -0.61 58.19
C ASP A 113 -10.23 -0.69 56.74
N ALA A 114 -9.61 0.14 55.91
CA ALA A 114 -10.00 0.23 54.51
C ALA A 114 -9.69 -1.07 53.77
N TYR A 115 -8.41 -1.46 53.74
CA TYR A 115 -8.02 -2.66 53.01
C TYR A 115 -8.78 -3.89 53.50
N PHE A 116 -9.09 -3.95 54.79
CA PHE A 116 -9.71 -5.14 55.37
C PHE A 116 -11.22 -5.13 55.25
N SER A 117 -11.81 -4.09 54.66
CA SER A 117 -13.23 -4.05 54.36
C SER A 117 -13.52 -4.27 52.89
N VAL A 118 -12.51 -4.65 52.10
CA VAL A 118 -12.65 -4.87 50.67
C VAL A 118 -12.36 -6.34 50.40
N PRO A 119 -13.30 -7.10 49.86
CA PRO A 119 -13.08 -8.54 49.65
C PRO A 119 -12.08 -8.78 48.52
N LEU A 120 -11.06 -9.57 48.82
CA LEU A 120 -10.10 -9.97 47.80
C LEU A 120 -10.77 -10.89 46.79
N ASP A 121 -10.12 -11.05 45.63
CA ASP A 121 -10.70 -11.86 44.58
C ASP A 121 -10.84 -13.31 45.03
N GLU A 122 -12.01 -13.90 44.74
CA GLU A 122 -12.32 -15.24 45.19
C GLU A 122 -11.21 -16.22 44.81
N ASP A 123 -10.81 -16.22 43.54
CA ASP A 123 -9.83 -17.18 43.05
C ASP A 123 -8.41 -16.84 43.45
N PHE A 124 -8.15 -15.60 43.88
CA PHE A 124 -6.80 -15.12 44.15
C PHE A 124 -6.39 -15.23 45.62
N ARG A 125 -7.35 -15.46 46.54
CA ARG A 125 -6.99 -15.50 47.96
C ARG A 125 -5.98 -16.59 48.25
N LYS A 126 -5.93 -17.63 47.44
CA LYS A 126 -5.02 -18.75 47.69
C LYS A 126 -3.56 -18.35 47.58
N TYR A 127 -3.24 -17.35 46.75
CA TYR A 127 -1.85 -16.96 46.54
C TYR A 127 -1.31 -16.09 47.68
N THR A 128 -2.19 -15.50 48.49
CA THR A 128 -1.76 -14.66 49.60
C THR A 128 -1.41 -15.48 50.84
N ALA A 129 -1.21 -16.78 50.70
CA ALA A 129 -0.94 -17.62 51.86
C ALA A 129 0.34 -17.18 52.55
N PHE A 130 0.38 -17.39 53.87
CA PHE A 130 1.51 -17.01 54.69
C PHE A 130 1.54 -17.88 55.93
N THR A 131 2.73 -18.06 56.49
CA THR A 131 2.94 -18.92 57.65
C THR A 131 3.60 -18.14 58.76
N ILE A 132 3.11 -18.33 59.98
CA ILE A 132 3.74 -17.74 61.16
C ILE A 132 4.33 -18.87 62.01
N PRO A 133 5.55 -18.72 62.53
CA PRO A 133 6.08 -19.71 63.47
C PRO A 133 5.28 -19.70 64.76
N SER A 134 4.85 -20.87 65.21
CA SER A 134 4.10 -20.95 66.45
C SER A 134 5.00 -20.50 67.60
N ILE A 135 6.02 -21.29 67.90
CA ILE A 135 7.01 -20.90 68.90
C ILE A 135 8.41 -21.20 68.36
N ASN A 136 8.97 -20.27 67.60
CA ASN A 136 10.29 -20.43 66.99
C ASN A 136 10.36 -21.66 66.10
N ASN A 137 9.29 -21.91 65.36
CA ASN A 137 9.21 -23.02 64.40
C ASN A 137 9.35 -24.38 65.07
N GLU A 138 9.19 -24.45 66.40
CA GLU A 138 9.20 -25.75 67.07
C GLU A 138 8.12 -26.66 66.51
N THR A 139 6.90 -26.14 66.37
CA THR A 139 5.78 -26.82 65.76
C THR A 139 5.48 -26.22 64.40
N PRO A 140 4.75 -26.95 63.54
CA PRO A 140 4.48 -26.44 62.18
C PRO A 140 4.00 -24.99 62.17
N GLY A 141 2.87 -24.73 62.83
CA GLY A 141 2.38 -23.39 63.04
C GLY A 141 1.08 -23.13 62.30
N ILE A 142 0.46 -22.00 62.65
CA ILE A 142 -0.83 -21.62 62.09
C ILE A 142 -0.63 -20.95 60.73
N ARG A 143 -1.33 -21.45 59.73
CA ARG A 143 -1.31 -20.87 58.39
C ARG A 143 -2.63 -20.16 58.11
N TYR A 144 -2.59 -19.15 57.25
CA TYR A 144 -3.76 -18.37 56.94
C TYR A 144 -3.69 -17.83 55.51
N GLN A 145 -4.85 -17.44 55.00
CA GLN A 145 -4.97 -16.76 53.71
C GLN A 145 -5.88 -15.55 53.87
N TYR A 146 -5.60 -14.51 53.09
CA TYR A 146 -6.36 -13.27 53.18
C TYR A 146 -7.69 -13.40 52.42
N ASN A 147 -8.77 -12.96 53.06
CA ASN A 147 -10.06 -12.81 52.40
C ASN A 147 -10.31 -11.37 51.96
N VAL A 148 -9.35 -10.47 52.18
CA VAL A 148 -9.48 -9.06 51.87
C VAL A 148 -8.13 -8.56 51.32
N LEU A 149 -8.10 -7.28 50.98
CA LEU A 149 -6.89 -6.67 50.44
C LEU A 149 -5.83 -6.55 51.53
N PRO A 150 -4.68 -7.19 51.40
CA PRO A 150 -3.63 -7.06 52.42
C PRO A 150 -2.69 -5.89 52.15
N GLN A 151 -2.04 -5.45 53.23
CA GLN A 151 -1.05 -4.38 53.15
C GLN A 151 0.25 -4.93 52.59
N GLY A 152 0.84 -4.22 51.63
CA GLY A 152 2.07 -4.62 51.00
C GLY A 152 1.91 -5.22 49.61
N TRP A 153 0.69 -5.50 49.19
CA TRP A 153 0.42 -6.05 47.87
C TRP A 153 0.24 -4.92 46.88
N LYS A 154 0.93 -5.01 45.74
CA LYS A 154 0.96 -3.91 44.79
C LYS A 154 -0.41 -3.59 44.21
N GLY A 155 -1.36 -4.53 44.27
CA GLY A 155 -2.68 -4.29 43.76
C GLY A 155 -3.68 -3.72 44.75
N SER A 156 -3.35 -3.75 46.04
CA SER A 156 -4.30 -3.27 47.05
C SER A 156 -4.65 -1.80 46.89
N PRO A 157 -3.69 -0.88 46.72
CA PRO A 157 -4.07 0.54 46.62
C PRO A 157 -5.03 0.83 45.48
N ALA A 158 -4.74 0.33 44.27
CA ALA A 158 -5.59 0.63 43.13
C ALA A 158 -6.98 0.01 43.28
N ILE A 159 -7.05 -1.22 43.81
CA ILE A 159 -8.34 -1.91 43.90
C ILE A 159 -9.24 -1.23 44.93
N PHE A 160 -8.70 -0.94 46.11
CA PHE A 160 -9.50 -0.24 47.12
C PHE A 160 -9.88 1.14 46.63
N GLN A 161 -8.93 1.87 46.05
CA GLN A 161 -9.17 3.23 45.60
C GLN A 161 -10.30 3.27 44.57
N SER A 162 -10.31 2.31 43.64
CA SER A 162 -11.36 2.28 42.62
C SER A 162 -12.69 1.83 43.21
N SER A 163 -12.66 0.85 44.11
CA SER A 163 -13.89 0.44 44.79
C SER A 163 -14.48 1.59 45.56
N MET A 164 -13.65 2.40 46.20
CA MET A 164 -14.14 3.57 46.92
C MET A 164 -14.88 4.52 46.00
N THR A 165 -14.46 4.61 44.73
CA THR A 165 -15.08 5.56 43.82
C THR A 165 -16.47 5.07 43.39
N LYS A 166 -16.60 3.78 43.09
CA LYS A 166 -17.91 3.25 42.72
C LYS A 166 -18.92 3.40 43.86
N ILE A 167 -18.45 3.30 45.11
CA ILE A 167 -19.35 3.45 46.24
C ILE A 167 -19.80 4.91 46.37
N LEU A 168 -18.87 5.85 46.19
CA LEU A 168 -19.19 7.27 46.31
C LEU A 168 -19.96 7.79 45.11
N GLU A 169 -19.89 7.11 43.97
CA GLU A 169 -20.50 7.60 42.73
C GLU A 169 -21.98 7.93 42.89
N PRO A 170 -22.82 7.06 43.45
CA PRO A 170 -24.25 7.40 43.56
C PRO A 170 -24.51 8.59 44.47
N PHE A 171 -23.78 8.70 45.57
CA PHE A 171 -24.01 9.79 46.51
C PHE A 171 -23.72 11.15 45.87
N LYS A 172 -22.60 11.25 45.13
CA LYS A 172 -22.24 12.52 44.52
C LYS A 172 -23.25 12.94 43.47
N LYS A 173 -23.74 11.99 42.66
CA LYS A 173 -24.74 12.34 41.65
C LYS A 173 -26.05 12.78 42.30
N GLN A 174 -26.40 12.21 43.45
CA GLN A 174 -27.62 12.62 44.14
C GLN A 174 -27.41 13.81 45.06
N ASN A 175 -26.17 14.27 45.21
CA ASN A 175 -25.85 15.45 46.01
C ASN A 175 -24.80 16.26 45.28
N PRO A 176 -25.18 16.87 44.15
CA PRO A 176 -24.19 17.68 43.39
C PRO A 176 -23.71 18.90 44.14
N ASP A 177 -24.45 19.39 45.12
CA ASP A 177 -24.07 20.57 45.88
C ASP A 177 -22.96 20.32 46.89
N ILE A 178 -22.39 19.12 46.90
CA ILE A 178 -21.35 18.76 47.85
C ILE A 178 -20.06 18.47 47.09
N VAL A 179 -18.94 18.67 47.77
CA VAL A 179 -17.61 18.43 47.20
C VAL A 179 -16.88 17.46 48.12
N ILE A 180 -16.37 16.37 47.55
CA ILE A 180 -15.69 15.33 48.30
C ILE A 180 -14.33 15.08 47.66
N TYR A 181 -13.26 15.36 48.40
CA TYR A 181 -11.90 15.03 47.98
C TYR A 181 -11.53 13.69 48.61
N GLN A 182 -11.52 12.63 47.79
CA GLN A 182 -11.18 11.30 48.27
C GLN A 182 -9.73 10.98 47.91
N TYR A 183 -8.91 10.79 48.94
CA TYR A 183 -7.52 10.37 48.79
C TYR A 183 -7.36 9.10 49.62
N MET A 184 -7.34 7.96 48.96
CA MET A 184 -7.27 6.66 49.64
C MET A 184 -8.50 6.58 50.56
N ASP A 185 -8.33 6.30 51.86
CA ASP A 185 -9.44 6.27 52.81
C ASP A 185 -9.75 7.64 53.38
N ASP A 186 -8.87 8.61 53.21
CA ASP A 186 -9.07 9.96 53.74
C ASP A 186 -10.07 10.71 52.88
N LEU A 187 -11.09 11.28 53.52
CA LEU A 187 -12.15 12.00 52.82
C LEU A 187 -12.22 13.45 53.29
N TYR A 188 -12.39 14.35 52.34
CA TYR A 188 -12.64 15.77 52.60
C TYR A 188 -14.02 16.11 52.07
N VAL A 189 -14.89 16.63 52.94
CA VAL A 189 -16.27 16.92 52.59
C VAL A 189 -16.54 18.39 52.92
N GLY A 190 -16.99 19.14 51.94
CA GLY A 190 -17.29 20.54 52.13
C GLY A 190 -18.53 20.95 51.37
N SER A 191 -19.25 21.92 51.91
CA SER A 191 -20.47 22.41 51.29
C SER A 191 -20.77 23.80 51.85
N ASP A 192 -21.60 24.54 51.12
CA ASP A 192 -22.08 25.83 51.59
C ASP A 192 -23.40 25.71 52.36
N LEU A 193 -23.76 24.50 52.78
CA LEU A 193 -24.99 24.30 53.54
C LEU A 193 -24.83 24.74 54.99
N GLU A 194 -25.96 24.88 55.67
CA GLU A 194 -25.95 25.11 57.11
C GLU A 194 -25.35 23.91 57.83
N ILE A 195 -24.66 24.18 58.95
CA ILE A 195 -23.96 23.11 59.65
C ILE A 195 -24.92 21.99 60.03
N GLY A 196 -26.19 22.30 60.24
CA GLY A 196 -27.17 21.28 60.54
C GLY A 196 -27.41 20.39 59.35
N GLN A 197 -27.79 20.99 58.21
CA GLN A 197 -27.93 20.20 56.99
C GLN A 197 -26.61 19.55 56.60
N HIS A 198 -25.49 20.21 56.91
CA HIS A 198 -24.19 19.62 56.62
C HIS A 198 -23.98 18.32 57.39
N ARG A 199 -24.19 18.36 58.71
CA ARG A 199 -24.09 17.13 59.49
C ARG A 199 -25.14 16.12 59.05
N THR A 200 -26.29 16.59 58.57
CA THR A 200 -27.26 15.69 57.96
C THR A 200 -26.70 15.07 56.69
N LYS A 201 -26.18 15.91 55.79
CA LYS A 201 -25.54 15.41 54.59
C LYS A 201 -24.40 14.45 54.95
N ILE A 202 -23.63 14.79 56.00
CA ILE A 202 -22.53 13.93 56.42
C ILE A 202 -23.05 12.58 56.87
N GLU A 203 -24.14 12.57 57.64
CA GLU A 203 -24.68 11.31 58.14
C GLU A 203 -25.30 10.49 57.02
N GLU A 204 -25.90 11.14 56.03
CA GLU A 204 -26.35 10.40 54.85
C GLU A 204 -25.18 9.68 54.20
N LEU A 205 -24.07 10.38 54.02
CA LEU A 205 -22.87 9.77 53.47
C LEU A 205 -22.27 8.77 54.45
N ARG A 206 -22.24 9.12 55.73
CA ARG A 206 -21.62 8.27 56.74
C ARG A 206 -22.36 6.95 56.87
N GLN A 207 -23.68 6.95 56.64
CA GLN A 207 -24.43 5.70 56.58
C GLN A 207 -24.29 5.03 55.21
N HIS A 208 -24.27 5.82 54.14
CA HIS A 208 -24.04 5.28 52.81
C HIS A 208 -22.79 4.41 52.76
N LEU A 209 -21.76 4.78 53.53
CA LEU A 209 -20.53 3.98 53.57
C LEU A 209 -20.72 2.69 54.38
N LEU A 210 -21.43 2.77 55.52
CA LEU A 210 -21.60 1.59 56.35
C LEU A 210 -22.38 0.50 55.65
N ARG A 211 -23.30 0.89 54.75
CA ARG A 211 -24.08 -0.09 54.01
C ARG A 211 -23.19 -1.00 53.17
N TRP A 212 -22.12 -0.46 52.60
CA TRP A 212 -21.17 -1.24 51.83
C TRP A 212 -20.05 -1.82 52.68
N GLY A 213 -20.17 -1.75 54.00
CA GLY A 213 -19.19 -2.34 54.89
C GLY A 213 -18.05 -1.43 55.28
N LEU A 214 -18.19 -0.12 55.11
CA LEU A 214 -17.13 0.83 55.38
C LEU A 214 -17.46 1.60 56.66
N THR A 215 -16.68 1.38 57.70
CA THR A 215 -16.88 2.09 58.96
C THR A 215 -16.20 3.46 58.90
N THR A 216 -16.66 4.34 59.79
CA THR A 216 -16.15 5.71 59.87
C THR A 216 -15.94 6.03 61.34
N PRO A 217 -14.85 5.53 61.93
CA PRO A 217 -14.64 5.73 63.37
C PRO A 217 -14.55 7.20 63.73
N ASP A 218 -15.19 7.56 64.86
CA ASP A 218 -15.13 8.92 65.34
C ASP A 218 -13.73 9.33 65.78
N LYS A 219 -12.84 8.37 66.00
CA LYS A 219 -11.44 8.69 66.28
C LYS A 219 -10.80 9.45 65.14
N LYS A 220 -11.31 9.32 63.92
CA LYS A 220 -10.78 9.94 62.73
C LYS A 220 -11.78 10.90 62.08
N HIS A 221 -12.85 11.24 62.80
CA HIS A 221 -13.86 12.17 62.31
C HIS A 221 -13.52 13.55 62.87
N GLN A 222 -13.18 14.48 61.98
CA GLN A 222 -12.84 15.85 62.37
C GLN A 222 -14.04 16.73 62.09
N LYS A 223 -14.49 17.45 63.12
CA LYS A 223 -15.61 18.35 63.00
C LYS A 223 -15.27 19.82 63.21
N GLU A 224 -14.13 20.12 63.83
CA GLU A 224 -13.77 21.47 64.18
C GLU A 224 -12.41 21.84 63.60
N PRO A 225 -12.28 22.97 62.91
CA PRO A 225 -10.97 23.43 62.43
C PRO A 225 -10.02 23.70 63.58
N PRO A 226 -8.71 23.70 63.33
CA PRO A 226 -8.14 23.43 62.00
C PRO A 226 -8.13 21.94 61.65
N PHE A 227 -8.60 21.61 60.45
CA PHE A 227 -8.61 20.23 59.98
C PHE A 227 -7.21 19.82 59.53
N LEU A 228 -6.76 18.66 59.99
CA LEU A 228 -5.48 18.10 59.57
C LEU A 228 -5.74 17.24 58.34
N TRP A 229 -5.19 17.66 57.19
CA TRP A 229 -5.54 17.05 55.92
C TRP A 229 -4.34 17.10 54.98
N MET A 230 -3.93 15.93 54.49
CA MET A 230 -2.85 15.82 53.49
C MET A 230 -1.57 16.50 53.95
N GLY A 231 -1.36 16.61 55.26
CA GLY A 231 -0.17 17.24 55.78
C GLY A 231 -0.24 18.73 55.95
N TYR A 232 -1.44 19.31 55.91
CA TYR A 232 -1.65 20.74 56.06
C TYR A 232 -2.54 21.02 57.27
N GLU A 233 -2.84 22.30 57.47
CA GLU A 233 -3.81 22.74 58.46
C GLU A 233 -4.82 23.62 57.76
N LEU A 234 -6.10 23.23 57.81
CA LEU A 234 -7.16 23.90 57.06
C LEU A 234 -7.95 24.80 57.99
N HIS A 235 -7.75 26.10 57.87
CA HIS A 235 -8.53 27.11 58.56
C HIS A 235 -9.61 27.65 57.63
N PRO A 236 -10.60 28.37 58.18
CA PRO A 236 -11.72 28.81 57.34
C PRO A 236 -11.31 29.69 56.17
N ASP A 237 -10.34 30.59 56.38
CA ASP A 237 -9.92 31.52 55.34
C ASP A 237 -8.47 31.34 54.90
N LYS A 238 -7.71 30.45 55.54
CA LYS A 238 -6.31 30.28 55.21
C LYS A 238 -5.90 28.84 55.47
N TRP A 239 -4.81 28.44 54.83
CA TRP A 239 -4.21 27.13 55.05
C TRP A 239 -2.71 27.30 55.28
N THR A 240 -2.11 26.27 55.87
CA THR A 240 -0.67 26.27 56.07
C THR A 240 -0.22 24.82 56.20
N VAL A 241 1.08 24.61 56.01
CA VAL A 241 1.66 23.29 56.14
C VAL A 241 1.82 22.96 57.63
N GLN A 242 1.75 21.67 57.94
CA GLN A 242 2.05 21.25 59.30
C GLN A 242 3.52 21.55 59.58
N PRO A 243 3.86 21.89 60.83
CA PRO A 243 5.20 22.42 61.11
C PRO A 243 6.30 21.52 60.56
N ILE A 244 7.38 22.16 60.13
CA ILE A 244 8.50 21.46 59.51
C ILE A 244 9.63 21.36 60.51
N VAL A 245 10.37 20.25 60.45
CA VAL A 245 11.45 19.97 61.39
C VAL A 245 12.77 20.18 60.65
N LEU A 246 13.48 21.26 60.99
CA LEU A 246 14.77 21.54 60.38
C LEU A 246 15.87 20.92 61.20
N PRO A 247 16.61 19.93 60.67
CA PRO A 247 17.72 19.35 61.42
C PRO A 247 18.79 20.40 61.71
N GLU A 248 19.14 20.53 63.00
CA GLU A 248 20.18 21.46 63.42
C GLU A 248 21.49 20.77 63.77
N LYS A 249 21.64 19.48 63.45
CA LYS A 249 22.87 18.77 63.75
C LYS A 249 24.08 19.49 63.18
N ASP A 250 25.13 19.62 63.99
CA ASP A 250 26.33 20.33 63.58
C ASP A 250 27.31 19.47 62.79
N SER A 251 27.10 18.16 62.75
CA SER A 251 27.92 17.25 61.96
C SER A 251 27.05 16.66 60.87
N TRP A 252 27.32 17.04 59.62
CA TRP A 252 26.47 16.70 58.49
C TRP A 252 27.08 15.56 57.68
N THR A 253 26.35 14.47 57.55
CA THR A 253 26.73 13.39 56.64
C THR A 253 26.10 13.64 55.27
N VAL A 254 26.35 12.72 54.33
CA VAL A 254 25.70 12.81 53.03
C VAL A 254 24.18 12.68 53.19
N ASN A 255 23.74 11.67 53.93
CA ASN A 255 22.31 11.46 54.14
C ASN A 255 21.68 12.60 54.92
N ASP A 256 22.46 13.32 55.73
CA ASP A 256 21.92 14.45 56.46
C ASP A 256 21.46 15.56 55.52
N ILE A 257 22.25 15.83 54.47
CA ILE A 257 21.90 16.90 53.54
C ILE A 257 20.72 16.47 52.66
N GLN A 258 20.68 15.19 52.27
CA GLN A 258 19.56 14.69 51.48
C GLN A 258 18.24 14.91 52.22
N LYS A 259 18.19 14.54 53.50
CA LYS A 259 17.00 14.80 54.30
C LYS A 259 16.78 16.29 54.50
N LEU A 260 17.86 17.07 54.61
CA LEU A 260 17.73 18.51 54.80
C LEU A 260 17.15 19.18 53.56
N VAL A 261 17.77 18.96 52.41
CA VAL A 261 17.28 19.56 51.17
C VAL A 261 15.88 19.07 50.86
N GLY A 262 15.55 17.83 51.23
CA GLY A 262 14.23 17.31 50.96
C GLY A 262 13.13 18.11 51.63
N LYS A 263 13.33 18.44 52.91
CA LYS A 263 12.31 19.19 53.64
C LYS A 263 12.21 20.63 53.14
N LEU A 264 13.31 21.21 52.66
CA LEU A 264 13.27 22.56 52.13
C LEU A 264 12.41 22.62 50.86
N ASN A 265 12.53 21.61 49.99
CA ASN A 265 11.66 21.55 48.82
C ASN A 265 10.19 21.49 49.23
N TRP A 266 9.87 20.65 50.21
CA TRP A 266 8.49 20.57 50.69
C TRP A 266 8.03 21.89 51.27
N ALA A 267 8.93 22.63 51.92
CA ALA A 267 8.56 23.91 52.51
C ALA A 267 8.37 24.99 51.45
N SER A 268 9.08 24.87 50.32
CA SER A 268 9.04 25.91 49.29
C SER A 268 7.66 26.09 48.67
N GLN A 269 6.71 25.21 48.97
CA GLN A 269 5.38 25.35 48.38
C GLN A 269 4.57 26.48 48.98
N ILE A 270 5.01 27.08 50.09
CA ILE A 270 4.31 28.19 50.70
C ILE A 270 5.29 29.19 51.29
N TYR A 271 6.47 28.70 51.69
CA TYR A 271 7.53 29.58 52.19
C TYR A 271 8.31 30.15 51.02
N PRO A 272 8.19 31.45 50.75
CA PRO A 272 8.86 32.03 49.58
C PRO A 272 10.36 32.18 49.80
N GLY A 273 11.11 32.06 48.72
CA GLY A 273 12.53 32.35 48.71
C GLY A 273 13.44 31.20 49.10
N ILE A 274 12.91 29.99 49.24
CA ILE A 274 13.76 28.86 49.64
C ILE A 274 14.76 28.57 48.53
N LYS A 275 16.01 28.37 48.92
CA LYS A 275 17.10 28.07 47.99
C LYS A 275 17.84 26.84 48.47
N VAL A 276 18.18 25.95 47.53
CA VAL A 276 18.86 24.71 47.88
C VAL A 276 20.04 24.47 46.94
N ARG A 277 20.46 25.51 46.23
CA ARG A 277 21.55 25.36 45.27
C ARG A 277 22.84 24.95 45.97
N GLN A 278 23.30 25.77 46.93
CA GLN A 278 24.59 25.50 47.56
C GLN A 278 24.55 24.25 48.44
N LEU A 279 23.42 24.00 49.10
CA LEU A 279 23.31 22.79 49.92
C LEU A 279 23.34 21.54 49.05
N SER A 280 22.59 21.54 47.94
CA SER A 280 22.61 20.39 47.05
C SER A 280 23.97 20.23 46.37
N LYS A 281 24.69 21.34 46.16
CA LYS A 281 26.02 21.24 45.56
C LYS A 281 26.95 20.41 46.44
N LEU A 282 26.78 20.48 47.76
CA LEU A 282 27.55 19.62 48.64
C LEU A 282 27.28 18.15 48.35
N LEU A 283 26.06 17.83 47.90
CA LEU A 283 25.65 16.45 47.69
C LEU A 283 26.19 15.84 46.39
N ARG A 284 26.70 16.66 45.47
CA ARG A 284 27.17 16.14 44.19
C ARG A 284 28.44 15.33 44.38
N GLY A 285 28.43 14.09 43.92
CA GLY A 285 29.56 13.19 44.07
C GLY A 285 29.05 11.83 44.51
N THR A 286 29.71 10.77 44.03
CA THR A 286 29.32 9.40 44.35
C THR A 286 29.86 8.98 45.72
N LYS A 287 29.53 9.77 46.72
CA LYS A 287 29.99 9.53 48.08
C LYS A 287 28.91 8.81 48.87
N ALA A 288 29.35 7.92 49.75
CA ALA A 288 28.43 7.10 50.50
C ALA A 288 27.60 7.98 51.45
N LEU A 289 26.43 7.46 51.83
CA LEU A 289 25.51 8.21 52.68
C LEU A 289 26.08 8.47 54.06
N THR A 290 27.12 7.74 54.46
CA THR A 290 27.67 7.87 55.81
C THR A 290 28.79 8.89 55.90
N GLU A 291 29.38 9.28 54.77
CA GLU A 291 30.47 10.24 54.79
C GLU A 291 30.01 11.58 55.33
N VAL A 292 30.76 12.12 56.28
CA VAL A 292 30.45 13.44 56.84
C VAL A 292 31.00 14.51 55.89
N ILE A 293 30.22 15.56 55.70
CA ILE A 293 30.53 16.62 54.76
C ILE A 293 30.70 17.93 55.55
N PRO A 294 31.82 18.64 55.38
CA PRO A 294 31.93 19.98 55.99
C PRO A 294 31.18 21.00 55.15
N LEU A 295 30.35 21.80 55.83
CA LEU A 295 29.53 22.78 55.12
C LEU A 295 30.39 23.95 54.64
N THR A 296 30.35 24.21 53.34
CA THR A 296 31.06 25.35 52.78
C THR A 296 30.45 26.66 53.29
N GLU A 297 31.16 27.76 53.02
CA GLU A 297 30.69 29.07 53.47
C GLU A 297 29.35 29.42 52.84
N GLU A 298 29.20 29.19 51.53
CA GLU A 298 27.94 29.51 50.87
C GLU A 298 26.84 28.57 51.31
N ALA A 299 27.13 27.27 51.42
CA ALA A 299 26.13 26.33 51.89
C ALA A 299 25.68 26.65 53.30
N GLU A 300 26.58 27.18 54.13
CA GLU A 300 26.20 27.59 55.48
C GLU A 300 25.37 28.85 55.46
N LEU A 301 25.68 29.79 54.56
CA LEU A 301 24.89 31.00 54.44
C LEU A 301 23.50 30.71 53.88
N GLU A 302 23.42 29.82 52.89
CA GLU A 302 22.12 29.45 52.34
C GLU A 302 21.22 28.85 53.41
N LEU A 303 21.76 27.94 54.23
CA LEU A 303 20.97 27.35 55.30
C LEU A 303 20.52 28.41 56.30
N ALA A 304 21.37 29.38 56.60
CA ALA A 304 21.00 30.45 57.51
C ALA A 304 19.84 31.26 56.96
N GLU A 305 19.91 31.63 55.67
CA GLU A 305 18.85 32.40 55.05
C GLU A 305 17.54 31.61 55.00
N ASN A 306 17.63 30.29 54.89
CA ASN A 306 16.42 29.46 54.94
C ASN A 306 15.80 29.50 56.32
N ARG A 307 16.62 29.42 57.38
CA ARG A 307 16.09 29.55 58.73
C ARG A 307 15.35 30.87 58.90
N GLU A 308 15.87 31.94 58.32
CA GLU A 308 15.19 33.24 58.41
C GLU A 308 13.82 33.19 57.75
N ILE A 309 13.66 32.38 56.71
CA ILE A 309 12.36 32.27 56.05
C ILE A 309 11.44 31.36 56.85
N LEU A 310 11.98 30.29 57.43
CA LEU A 310 11.17 29.30 58.13
C LEU A 310 10.90 29.66 59.58
N LYS A 311 11.69 30.57 60.16
CA LYS A 311 11.44 30.98 61.54
C LYS A 311 10.09 31.66 61.67
N GLU A 312 9.67 32.43 60.64
CA GLU A 312 8.40 33.15 60.60
C GLU A 312 7.33 32.28 59.95
N PRO A 313 6.11 32.28 60.49
CA PRO A 313 5.04 31.43 59.93
C PRO A 313 4.36 32.10 58.76
N VAL A 314 4.16 31.33 57.68
CA VAL A 314 3.52 31.81 56.47
C VAL A 314 2.23 31.02 56.24
N HIS A 315 1.23 31.69 55.67
CA HIS A 315 -0.06 31.09 55.39
C HIS A 315 -0.39 31.24 53.91
N GLY A 316 -1.19 30.31 53.40
CA GLY A 316 -1.72 30.41 52.05
C GLY A 316 -3.22 30.62 52.06
N VAL A 317 -3.77 31.12 50.95
CA VAL A 317 -5.20 31.36 50.85
C VAL A 317 -5.84 30.31 49.93
N TYR A 318 -7.15 30.40 49.75
CA TYR A 318 -7.89 29.46 48.92
C TYR A 318 -8.21 30.07 47.56
N TYR A 319 -8.68 29.22 46.66
CA TYR A 319 -8.90 29.60 45.27
C TYR A 319 -10.27 30.24 45.08
N ASP A 320 -10.30 31.30 44.27
CA ASP A 320 -11.54 32.00 43.94
C ASP A 320 -11.73 31.96 42.42
N PRO A 321 -12.60 31.10 41.90
CA PRO A 321 -12.73 30.97 40.44
C PRO A 321 -13.12 32.26 39.75
N SER A 322 -13.66 33.25 40.49
CA SER A 322 -14.09 34.49 39.88
C SER A 322 -12.91 35.40 39.53
N LYS A 323 -11.77 35.23 40.18
CA LYS A 323 -10.62 36.09 39.97
C LYS A 323 -9.57 35.37 39.13
N ASP A 324 -8.75 36.16 38.44
CA ASP A 324 -7.70 35.61 37.60
C ASP A 324 -6.57 35.06 38.45
N LEU A 325 -5.81 34.12 37.88
CA LEU A 325 -4.61 33.60 38.50
C LEU A 325 -3.42 34.44 38.06
N ILE A 326 -2.58 34.84 39.02
CA ILE A 326 -1.40 35.65 38.75
C ILE A 326 -0.18 34.86 39.21
N ALA A 327 0.82 34.74 38.34
CA ALA A 327 2.09 34.11 38.68
C ALA A 327 3.20 35.14 38.48
N GLU A 328 4.01 35.34 39.51
CA GLU A 328 5.10 36.30 39.48
C GLU A 328 6.40 35.59 39.80
N ILE A 329 7.43 35.84 39.00
CA ILE A 329 8.71 35.16 39.10
C ILE A 329 9.79 36.17 39.43
N GLN A 330 10.72 35.79 40.29
CA GLN A 330 11.89 36.59 40.61
C GLN A 330 13.14 35.75 40.42
N LYS A 331 14.20 36.38 39.93
CA LYS A 331 15.48 35.71 39.77
C LYS A 331 16.25 35.77 41.08
N GLN A 332 16.78 34.62 41.51
CA GLN A 332 17.53 34.51 42.74
C GLN A 332 19.03 34.36 42.53
N GLY A 333 19.48 34.24 41.28
CA GLY A 333 20.89 34.11 40.99
C GLY A 333 21.36 32.66 40.98
N GLN A 334 22.45 32.42 40.25
CA GLN A 334 23.03 31.09 40.11
C GLN A 334 22.01 30.11 39.54
N GLY A 335 21.22 30.56 38.58
CA GLY A 335 20.21 29.71 37.99
C GLY A 335 19.10 29.29 38.93
N GLN A 336 18.78 30.14 39.90
CA GLN A 336 17.70 29.87 40.84
C GLN A 336 16.55 30.85 40.60
N TRP A 337 15.32 30.34 40.64
CA TRP A 337 14.14 31.14 40.38
C TRP A 337 13.06 30.76 41.38
N THR A 338 12.43 31.77 41.97
CA THR A 338 11.30 31.57 42.87
C THR A 338 10.08 32.30 42.30
N TYR A 339 8.90 31.81 42.64
CA TYR A 339 7.67 32.40 42.12
C TYR A 339 6.58 32.31 43.16
N GLN A 340 5.56 33.16 42.99
CA GLN A 340 4.37 33.16 43.82
C GLN A 340 3.15 33.16 42.91
N ILE A 341 2.13 32.41 43.31
CA ILE A 341 0.85 32.35 42.59
C ILE A 341 -0.22 32.92 43.51
N TYR A 342 -0.94 33.92 43.02
CA TYR A 342 -1.93 34.62 43.83
C TYR A 342 -3.00 35.19 42.91
N GLN A 343 -4.13 35.54 43.52
CA GLN A 343 -5.20 36.24 42.82
C GLN A 343 -5.35 37.69 43.25
N GLU A 344 -5.09 38.00 44.51
CA GLU A 344 -4.98 39.35 45.02
C GLU A 344 -3.61 39.55 45.68
N PRO A 345 -3.05 40.75 45.59
CA PRO A 345 -1.66 40.96 46.01
C PRO A 345 -1.42 40.54 47.45
N PHE A 346 -0.28 39.87 47.67
CA PHE A 346 0.26 39.46 48.97
C PHE A 346 -0.56 38.38 49.65
N LYS A 347 -1.61 37.86 49.01
CA LYS A 347 -2.36 36.73 49.53
C LYS A 347 -2.12 35.56 48.58
N ASN A 348 -0.99 34.90 48.78
CA ASN A 348 -0.54 33.86 47.86
C ASN A 348 -1.36 32.58 48.02
N LEU A 349 -1.82 32.03 46.89
CA LEU A 349 -2.34 30.68 46.90
C LEU A 349 -1.23 29.68 47.25
N LYS A 350 -0.10 29.78 46.55
CA LYS A 350 1.07 28.98 46.88
C LYS A 350 2.31 29.67 46.31
N THR A 351 3.47 29.11 46.63
CA THR A 351 4.74 29.57 46.12
C THR A 351 5.52 28.37 45.59
N GLY A 352 6.70 28.63 45.04
CA GLY A 352 7.52 27.55 44.52
C GLY A 352 8.84 28.08 44.01
N LYS A 353 9.67 27.16 43.55
CA LYS A 353 10.98 27.50 43.01
C LYS A 353 11.31 26.60 41.84
N TYR A 354 12.13 27.13 40.93
CA TYR A 354 12.69 26.37 39.83
C TYR A 354 14.19 26.62 39.79
N ALA A 355 14.98 25.57 40.02
CA ALA A 355 16.43 25.70 40.04
C ALA A 355 17.11 24.69 39.12
N ARG A 356 16.36 24.00 38.25
CA ARG A 356 16.95 22.97 37.42
C ARG A 356 17.92 23.58 36.41
N MET A 357 19.13 23.01 36.34
CA MET A 357 20.13 23.40 35.37
C MET A 357 20.18 22.32 34.30
N ARG A 358 19.50 22.55 33.18
CA ARG A 358 19.47 21.61 32.07
C ARG A 358 20.33 22.14 30.94
N GLY A 359 21.29 21.33 30.52
CA GLY A 359 22.22 21.74 29.49
C GLY A 359 23.52 22.28 30.07
N ALA A 360 24.63 22.00 29.39
CA ALA A 360 25.91 22.50 29.84
C ALA A 360 26.02 24.01 29.70
N HIS A 361 25.35 24.58 28.70
CA HIS A 361 25.39 26.01 28.45
C HIS A 361 23.98 26.52 28.23
N THR A 362 23.62 27.60 28.91
CA THR A 362 22.28 28.17 28.79
C THR A 362 22.35 29.65 29.16
N ASN A 363 21.17 30.29 29.27
CA ASN A 363 21.09 31.68 29.67
C ASN A 363 19.81 31.89 30.46
N ASP A 364 19.66 33.09 31.02
CA ASP A 364 18.52 33.37 31.89
C ASP A 364 17.19 33.29 31.13
N VAL A 365 17.19 33.62 29.84
CA VAL A 365 15.94 33.61 29.09
C VAL A 365 15.42 32.17 28.95
N LYS A 366 16.31 31.24 28.61
CA LYS A 366 15.91 29.84 28.54
C LYS A 366 15.36 29.36 29.88
N GLN A 367 16.08 29.65 30.96
CA GLN A 367 15.66 29.19 32.28
C GLN A 367 14.33 29.83 32.68
N LEU A 368 14.13 31.10 32.33
CA LEU A 368 12.86 31.75 32.62
C LEU A 368 11.73 31.09 31.85
N THR A 369 11.98 30.74 30.57
CA THR A 369 10.98 30.01 29.81
C THR A 369 10.65 28.68 30.49
N GLU A 370 11.66 28.00 31.01
CA GLU A 370 11.43 26.71 31.67
C GLU A 370 10.67 26.89 32.98
N ALA A 371 10.96 27.97 33.71
CA ALA A 371 10.20 28.26 34.92
C ALA A 371 8.74 28.55 34.59
N VAL A 372 8.49 29.27 33.49
CA VAL A 372 7.13 29.54 33.06
C VAL A 372 6.42 28.24 32.73
N GLN A 373 7.13 27.30 32.11
CA GLN A 373 6.51 26.03 31.73
C GLN A 373 6.17 25.18 32.95
N LYS A 374 7.07 25.12 33.92
CA LYS A 374 6.77 24.38 35.16
C LYS A 374 5.54 24.97 35.84
N ILE A 375 5.51 26.29 35.99
CA ILE A 375 4.37 26.94 36.64
C ILE A 375 3.09 26.67 35.85
N THR A 376 3.17 26.71 34.53
CA THR A 376 1.98 26.48 33.70
C THR A 376 1.40 25.10 33.95
N THR A 377 2.23 24.06 33.83
CA THR A 377 1.74 22.70 34.06
C THR A 377 1.23 22.54 35.49
N GLU A 378 1.95 23.10 36.46
CA GLU A 378 1.51 23.01 37.85
C GLU A 378 0.16 23.67 38.07
N SER A 379 -0.11 24.76 37.34
CA SER A 379 -1.36 25.48 37.52
C SER A 379 -2.52 24.74 36.86
N ILE A 380 -2.27 24.09 35.73
CA ILE A 380 -3.32 23.31 35.08
C ILE A 380 -3.72 22.14 35.96
N VAL A 381 -2.78 21.59 36.72
CA VAL A 381 -3.10 20.49 37.62
C VAL A 381 -4.00 20.96 38.76
N ILE A 382 -3.65 22.09 39.38
CA ILE A 382 -4.35 22.50 40.60
C ILE A 382 -5.63 23.26 40.25
N TRP A 383 -5.58 24.13 39.24
CA TRP A 383 -6.73 24.97 38.90
C TRP A 383 -7.26 24.74 37.49
N GLY A 384 -6.55 23.99 36.65
CA GLY A 384 -7.04 23.73 35.31
C GLY A 384 -6.97 24.89 34.35
N LYS A 385 -6.21 25.93 34.67
CA LYS A 385 -6.04 27.05 33.74
C LYS A 385 -4.64 27.62 33.91
N THR A 386 -4.25 28.45 32.95
CA THR A 386 -2.94 29.07 32.93
C THR A 386 -3.00 30.45 33.58
N PRO A 387 -2.14 30.76 34.53
CA PRO A 387 -2.15 32.08 35.17
C PRO A 387 -1.52 33.14 34.28
N LYS A 388 -1.83 34.39 34.60
CA LYS A 388 -1.15 35.52 33.97
C LYS A 388 0.21 35.70 34.65
N PHE A 389 1.24 35.95 33.84
CA PHE A 389 2.60 35.98 34.32
C PHE A 389 3.10 37.42 34.45
N LYS A 390 3.82 37.68 35.54
CA LYS A 390 4.57 38.92 35.74
C LYS A 390 6.05 38.56 35.76
N LEU A 391 6.76 38.93 34.70
CA LEU A 391 8.12 38.45 34.52
C LEU A 391 9.12 39.60 34.61
N PRO A 392 10.29 39.38 35.23
CA PRO A 392 11.33 40.41 35.31
C PRO A 392 12.18 40.51 34.04
N ILE A 393 11.51 40.52 32.90
CA ILE A 393 12.17 40.65 31.60
C ILE A 393 11.37 41.62 30.75
N GLN A 394 12.06 42.52 30.07
CA GLN A 394 11.39 43.51 29.24
C GLN A 394 10.91 42.88 27.93
N LYS A 395 9.77 43.38 27.45
CA LYS A 395 9.22 42.90 26.20
C LYS A 395 10.25 42.97 25.08
N GLU A 396 11.06 44.02 25.06
CA GLU A 396 12.08 44.15 24.03
C GLU A 396 13.08 43.00 24.11
N THR A 397 13.49 42.63 25.32
CA THR A 397 14.44 41.53 25.47
C THR A 397 13.85 40.22 24.96
N TRP A 398 12.61 39.92 25.36
CA TRP A 398 11.99 38.68 24.94
C TRP A 398 11.81 38.62 23.43
N GLU A 399 11.33 39.70 22.82
CA GLU A 399 11.14 39.72 21.37
C GLU A 399 12.45 39.42 20.65
N THR A 400 13.53 40.10 21.05
CA THR A 400 14.82 39.85 20.43
C THR A 400 15.19 38.37 20.53
N TRP A 401 14.98 37.77 21.69
CA TRP A 401 15.29 36.36 21.88
C TRP A 401 14.49 35.46 20.95
N TRP A 402 13.17 35.41 21.15
CA TRP A 402 12.37 34.37 20.49
C TRP A 402 12.31 34.57 18.98
N THR A 403 12.44 35.81 18.50
CA THR A 403 12.40 36.05 17.06
C THR A 403 13.70 35.61 16.39
N GLU A 404 14.83 35.71 17.09
CA GLU A 404 16.12 35.37 16.51
C GLU A 404 16.52 33.92 16.76
N TYR A 405 16.02 33.31 17.84
CA TYR A 405 16.38 31.94 18.16
C TYR A 405 15.89 30.99 17.07
N TRP A 406 16.69 29.97 16.76
CA TRP A 406 16.34 29.05 15.69
C TRP A 406 15.34 27.99 16.12
N GLN A 407 15.08 27.87 17.43
CA GLN A 407 14.11 26.91 17.93
CA GLN A 407 14.12 26.91 17.93
C GLN A 407 12.84 27.62 18.35
N ALA A 408 11.70 26.99 18.09
CA ALA A 408 10.42 27.58 18.43
C ALA A 408 10.27 27.69 19.95
N THR A 409 9.94 28.88 20.42
CA THR A 409 9.74 29.11 21.84
C THR A 409 8.67 30.18 22.02
N TRP A 410 8.03 30.16 23.19
CA TRP A 410 6.89 31.03 23.43
C TRP A 410 6.62 31.12 24.93
N ILE A 411 6.06 32.26 25.33
CA ILE A 411 5.60 32.46 26.70
C ILE A 411 4.15 32.93 26.64
N PRO A 412 3.25 32.36 27.45
CA PRO A 412 1.84 32.80 27.39
C PRO A 412 1.67 34.25 27.82
N GLU A 413 0.44 34.73 27.80
CA GLU A 413 0.19 36.14 28.06
C GLU A 413 0.88 36.59 29.34
N TRP A 414 1.63 37.67 29.25
CA TRP A 414 2.49 38.12 30.35
C TRP A 414 2.74 39.61 30.21
N GLU A 415 3.18 40.21 31.32
CA GLU A 415 3.57 41.61 31.35
C GLU A 415 4.85 41.76 32.15
N PHE A 416 5.57 42.84 31.87
CA PHE A 416 6.85 43.09 32.53
C PHE A 416 6.63 43.73 33.89
N VAL A 417 7.37 43.25 34.89
CA VAL A 417 7.38 43.82 36.22
C VAL A 417 8.82 44.21 36.54
N ASN A 418 9.03 45.49 36.86
CA ASN A 418 10.37 46.01 37.07
C ASN A 418 10.82 45.64 38.49
N THR A 419 11.39 44.44 38.61
CA THR A 419 11.87 43.93 39.89
C THR A 419 13.24 43.31 39.68
N PRO A 420 14.31 44.11 39.82
CA PRO A 420 15.69 43.63 39.66
C PRO A 420 16.00 42.44 40.56
N PRO A 421 16.93 41.58 40.13
CA PRO A 421 17.66 41.72 38.87
C PRO A 421 16.84 41.34 37.64
N LEU A 422 16.88 42.19 36.61
CA LEU A 422 16.15 41.93 35.39
C LEU A 422 16.87 40.89 34.53
N VAL A 423 16.09 40.20 33.70
CA VAL A 423 16.63 39.24 32.74
C VAL A 423 16.91 39.96 31.43
N LYS A 424 18.14 39.80 30.91
CA LYS A 424 18.51 40.42 29.66
C LYS A 424 19.47 39.52 28.91
N LEU A 425 19.66 39.82 27.63
CA LEU A 425 20.68 39.18 26.81
C LEU A 425 21.97 39.96 26.93
N TRP A 426 23.06 39.25 27.25
CA TRP A 426 24.32 39.91 27.60
C TRP A 426 25.17 40.25 26.38
N TYR A 427 24.84 39.71 25.21
CA TYR A 427 25.52 40.10 23.97
C TYR A 427 24.66 39.65 22.80
N GLN A 428 24.92 40.23 21.64
CA GLN A 428 24.17 39.92 20.44
C GLN A 428 25.13 39.85 19.26
N LEU A 429 25.00 38.80 18.46
CA LEU A 429 25.87 38.59 17.31
C LEU A 429 25.35 39.31 16.08
N GLU A 430 26.27 39.90 15.32
CA GLU A 430 25.90 40.57 14.08
C GLU A 430 25.36 39.56 13.07
N LYS A 431 24.51 40.05 12.17
CA LYS A 431 24.03 39.23 11.06
C LYS A 431 24.84 39.39 9.79
N GLU A 432 25.55 40.51 9.64
CA GLU A 432 26.38 40.78 8.48
C GLU A 432 27.81 41.07 8.93
N PRO A 433 28.80 40.83 8.06
CA PRO A 433 30.18 41.16 8.43
C PRO A 433 30.35 42.64 8.70
N ILE A 434 31.23 42.95 9.64
CA ILE A 434 31.47 44.33 10.07
C ILE A 434 32.53 44.94 9.17
N VAL A 435 32.17 46.03 8.50
CA VAL A 435 33.12 46.71 7.62
C VAL A 435 34.18 47.42 8.46
N GLY A 436 35.44 47.27 8.04
CA GLY A 436 36.54 47.89 8.74
C GLY A 436 37.02 47.18 9.99
N ALA A 437 36.43 46.03 10.33
CA ALA A 437 36.85 45.25 11.48
C ALA A 437 37.79 44.15 11.02
N GLU A 438 38.81 43.89 11.83
CA GLU A 438 39.78 42.85 11.49
C GLU A 438 39.08 41.50 11.41
N THR A 439 39.50 40.68 10.45
CA THR A 439 38.92 39.36 10.22
C THR A 439 39.89 38.30 10.73
N PHE A 440 39.47 37.56 11.76
CA PHE A 440 40.27 36.49 12.34
C PHE A 440 39.79 35.15 11.80
N TYR A 441 40.65 34.47 11.04
CA TYR A 441 40.40 33.10 10.63
C TYR A 441 41.00 32.19 11.68
N VAL A 442 40.16 31.59 12.51
CA VAL A 442 40.61 30.81 13.65
C VAL A 442 40.50 29.33 13.31
N ASP A 443 41.25 28.51 14.04
CA ASP A 443 41.20 27.07 13.87
C ASP A 443 41.99 26.43 15.00
N GLY A 444 41.69 25.16 15.24
CA GLY A 444 42.37 24.40 16.28
C GLY A 444 42.42 22.93 15.94
N ALA A 445 43.40 22.24 16.51
CA ALA A 445 43.57 20.82 16.29
C ALA A 445 44.27 20.22 17.50
N ALA A 446 43.97 18.94 17.76
CA ALA A 446 44.54 18.22 18.89
C ALA A 446 44.94 16.83 18.44
N ASN A 447 46.13 16.41 18.84
CA ASN A 447 46.60 15.05 18.54
C ASN A 447 45.81 14.05 19.37
N ARG A 448 45.12 13.13 18.70
CA ARG A 448 44.23 12.22 19.40
C ARG A 448 45.00 11.35 20.40
N GLU A 449 46.26 11.03 20.11
CA GLU A 449 47.00 10.09 20.92
C GLU A 449 47.66 10.77 22.12
N THR A 450 48.40 11.84 21.90
CA THR A 450 49.08 12.54 22.99
C THR A 450 48.17 13.50 23.74
N LYS A 451 46.97 13.78 23.23
CA LYS A 451 46.05 14.76 23.80
C LYS A 451 46.58 16.18 23.72
N LEU A 452 47.71 16.38 23.05
CA LEU A 452 48.26 17.71 22.81
C LEU A 452 47.59 18.35 21.60
N GLY A 453 47.59 19.68 21.57
CA GLY A 453 46.96 20.39 20.47
C GLY A 453 47.47 21.80 20.35
N LYS A 454 46.94 22.48 19.34
CA LYS A 454 47.27 23.88 19.07
C LYS A 454 45.99 24.64 18.74
N ALA A 455 45.99 25.92 19.09
CA ALA A 455 44.90 26.83 18.72
C ALA A 455 45.52 28.15 18.29
N GLY A 456 44.93 28.77 17.28
CA GLY A 456 45.46 30.02 16.79
C GLY A 456 44.58 30.64 15.74
N TYR A 457 45.13 31.67 15.09
CA TYR A 457 44.39 32.43 14.09
C TYR A 457 45.37 33.10 13.14
N VAL A 458 44.85 33.50 11.98
CA VAL A 458 45.52 34.44 11.08
C VAL A 458 44.49 35.47 10.65
N THR A 459 44.92 36.71 10.53
CA THR A 459 44.01 37.81 10.19
C THR A 459 44.39 38.44 8.86
N ASN A 460 43.47 39.23 8.32
CA ASN A 460 43.71 39.92 7.06
C ASN A 460 44.80 40.98 7.17
N LYS A 461 45.13 41.43 8.38
CA LYS A 461 46.19 42.41 8.59
C LYS A 461 47.54 41.76 8.85
N GLY A 462 47.66 40.45 8.66
CA GLY A 462 48.90 39.76 8.92
C GLY A 462 49.10 39.32 10.36
N ARG A 463 48.15 39.59 11.24
CA ARG A 463 48.28 39.15 12.63
C ARG A 463 48.12 37.64 12.70
N GLN A 464 48.97 36.99 13.48
CA GLN A 464 48.93 35.55 13.64
C GLN A 464 49.27 35.18 15.07
N LYS A 465 48.75 34.02 15.50
CA LYS A 465 49.14 33.44 16.77
C LYS A 465 48.89 31.94 16.73
N VAL A 466 49.80 31.19 17.32
CA VAL A 466 49.62 29.76 17.56
C VAL A 466 50.02 29.49 19.01
N VAL A 467 49.20 28.71 19.71
CA VAL A 467 49.43 28.44 21.13
C VAL A 467 49.40 26.94 21.37
N PRO A 468 50.40 26.38 22.04
CA PRO A 468 50.36 24.95 22.37
C PRO A 468 49.46 24.67 23.56
N LEU A 469 48.81 23.51 23.51
CA LEU A 469 47.85 23.11 24.54
C LEU A 469 48.11 21.66 24.92
N THR A 470 47.95 21.37 26.20
CA THR A 470 48.15 20.03 26.74
C THR A 470 46.85 19.49 27.30
N ASN A 471 46.65 18.18 27.15
CA ASN A 471 45.47 17.49 27.67
C ASN A 471 44.19 18.18 27.20
N THR A 472 43.99 18.11 25.88
CA THR A 472 42.91 18.82 25.23
C THR A 472 42.30 17.94 24.14
N THR A 473 41.26 18.45 23.50
CA THR A 473 40.54 17.76 22.44
C THR A 473 40.34 18.71 21.26
N ASN A 474 39.96 18.14 20.12
CA ASN A 474 39.67 18.96 18.95
C ASN A 474 38.61 20.02 19.28
N GLN A 475 37.54 19.63 19.97
CA GLN A 475 36.49 20.58 20.31
C GLN A 475 37.02 21.70 21.18
N LYS A 476 37.86 21.37 22.17
CA LYS A 476 38.37 22.39 23.07
C LYS A 476 39.30 23.35 22.35
N THR A 477 40.14 22.85 21.43
CA THR A 477 41.02 23.73 20.69
C THR A 477 40.23 24.67 19.78
N GLU A 478 39.08 24.21 19.27
CA GLU A 478 38.25 25.08 18.45
C GLU A 478 37.69 26.22 19.27
N LEU A 479 37.22 25.95 20.49
CA LEU A 479 36.79 27.01 21.37
C LEU A 479 37.96 27.90 21.77
N GLN A 480 39.13 27.30 22.01
CA GLN A 480 40.30 28.09 22.40
C GLN A 480 40.70 29.07 21.30
N ALA A 481 40.66 28.62 20.04
CA ALA A 481 40.98 29.50 18.93
C ALA A 481 40.06 30.72 18.92
N ILE A 482 38.76 30.49 19.11
CA ILE A 482 37.82 31.61 19.14
C ILE A 482 38.12 32.52 20.31
N TYR A 483 38.42 31.94 21.48
CA TYR A 483 38.77 32.74 22.64
C TYR A 483 39.99 33.61 22.37
N LEU A 484 41.00 33.06 21.69
CA LEU A 484 42.19 33.83 21.37
C LEU A 484 41.85 35.03 20.49
N ALA A 485 41.00 34.82 19.49
CA ALA A 485 40.64 35.91 18.58
C ALA A 485 39.89 37.02 19.32
N LEU A 486 39.05 36.65 20.30
CA LEU A 486 38.35 37.67 21.07
C LEU A 486 39.31 38.42 21.99
N GLN A 487 40.27 37.72 22.58
CA GLN A 487 41.25 38.38 23.44
C GLN A 487 42.09 39.38 22.66
N ASP A 488 42.47 39.03 21.43
CA ASP A 488 43.47 39.77 20.68
C ASP A 488 42.88 40.74 19.67
N SER A 489 41.58 40.96 19.69
CA SER A 489 40.92 41.86 18.75
C SER A 489 40.40 43.10 19.46
N GLY A 490 40.11 44.13 18.68
CA GLY A 490 39.49 45.32 19.19
C GLY A 490 38.03 45.08 19.55
N LEU A 491 37.31 46.19 19.74
CA LEU A 491 35.91 46.10 20.14
C LEU A 491 35.02 45.56 19.03
N GLU A 492 35.49 45.56 17.78
CA GLU A 492 34.74 45.03 16.65
C GLU A 492 35.63 44.04 15.93
N VAL A 493 35.08 42.87 15.60
CA VAL A 493 35.90 41.80 15.01
C VAL A 493 35.00 40.88 14.21
N ASN A 494 35.51 40.44 13.06
CA ASN A 494 34.93 39.34 12.29
C ASN A 494 35.73 38.07 12.59
N ILE A 495 35.03 36.97 12.83
CA ILE A 495 35.66 35.70 13.15
C ILE A 495 35.11 34.62 12.23
N VAL A 496 36.01 33.89 11.58
CA VAL A 496 35.64 32.82 10.67
C VAL A 496 36.17 31.50 11.22
N THR A 497 35.29 30.53 11.37
CA THR A 497 35.65 29.22 11.90
C THR A 497 34.94 28.13 11.10
N ASN A 498 35.40 26.91 11.29
CA ASN A 498 34.74 25.74 10.65
C ASN A 498 34.24 24.83 11.77
N SER A 499 34.25 25.34 13.00
CA SER A 499 33.81 24.56 14.14
C SER A 499 32.30 24.69 14.28
N GLN A 500 31.57 23.69 13.77
CA GLN A 500 30.13 23.63 14.02
C GLN A 500 29.85 23.49 15.52
N TYR A 501 30.69 22.76 16.23
CA TYR A 501 30.52 22.60 17.67
C TYR A 501 30.53 23.95 18.38
N ALA A 502 31.55 24.77 18.09
CA ALA A 502 31.68 26.04 18.80
C ALA A 502 30.56 27.00 18.43
N LEU A 503 30.22 27.09 17.15
CA LEU A 503 29.18 28.02 16.72
C LEU A 503 27.82 27.67 17.33
N GLY A 504 27.51 26.38 17.42
CA GLY A 504 26.22 25.99 17.99
C GLY A 504 26.05 26.48 19.42
N ILE A 505 27.13 26.48 20.19
CA ILE A 505 27.06 26.94 21.57
C ILE A 505 26.93 28.46 21.63
N ILE A 506 27.78 29.16 20.88
CA ILE A 506 27.85 30.62 21.01
C ILE A 506 26.63 31.29 20.41
N GLN A 507 26.11 30.76 19.31
CA GLN A 507 24.97 31.40 18.65
C GLN A 507 23.72 31.38 19.52
N ALA A 508 23.66 30.49 20.51
CA ALA A 508 22.54 30.46 21.44
C ALA A 508 22.67 31.47 22.58
N GLN A 509 23.62 32.41 22.47
CA GLN A 509 23.85 33.48 23.43
C GLN A 509 23.82 32.97 24.88
N PRO A 510 24.64 31.98 25.21
CA PRO A 510 24.73 31.55 26.61
C PRO A 510 25.34 32.64 27.49
N ASP A 511 24.83 32.74 28.73
CA ASP A 511 25.39 33.64 29.72
C ASP A 511 26.00 32.88 30.89
N LYS A 512 25.92 31.55 30.89
CA LYS A 512 26.46 30.71 31.95
C LYS A 512 26.79 29.36 31.34
N SER A 513 27.83 28.73 31.86
CA SER A 513 28.29 27.47 31.30
C SER A 513 28.96 26.63 32.38
N GLU A 514 28.86 25.31 32.21
CA GLU A 514 29.64 24.39 33.03
C GLU A 514 31.10 24.34 32.61
N SER A 515 31.43 24.94 31.47
CA SER A 515 32.80 24.96 30.96
C SER A 515 33.47 26.27 31.34
N GLU A 516 34.51 26.16 32.16
CA GLU A 516 35.40 27.30 32.43
C GLU A 516 35.72 28.06 31.15
N LEU A 517 36.06 27.35 30.08
CA LEU A 517 36.46 27.99 28.84
C LEU A 517 35.31 28.77 28.21
N VAL A 518 34.13 28.15 28.14
CA VAL A 518 32.98 28.83 27.57
C VAL A 518 32.64 30.08 28.36
N ASN A 519 32.78 30.02 29.69
CA ASN A 519 32.53 31.21 30.50
C ASN A 519 33.52 32.32 30.19
N GLN A 520 34.77 31.95 29.90
CA GLN A 520 35.76 32.96 29.52
C GLN A 520 35.42 33.58 28.16
N ILE A 521 34.94 32.75 27.23
CA ILE A 521 34.49 33.28 25.94
C ILE A 521 33.33 34.25 26.14
N ILE A 522 32.37 33.88 26.99
CA ILE A 522 31.24 34.76 27.27
C ILE A 522 31.74 36.08 27.85
N GLU A 523 32.70 36.02 28.77
CA GLU A 523 33.24 37.25 29.36
C GLU A 523 33.81 38.16 28.28
N GLN A 524 34.47 37.58 27.27
CA GLN A 524 35.00 38.39 26.18
C GLN A 524 33.87 38.98 25.33
N LEU A 525 32.86 38.17 25.01
CA LEU A 525 31.77 38.65 24.17
C LEU A 525 31.04 39.81 24.81
N ILE A 526 30.87 39.77 26.13
CA ILE A 526 30.17 40.85 26.82
C ILE A 526 30.95 42.16 26.71
N LYS A 527 32.28 42.09 26.63
CA LYS A 527 33.10 43.28 26.52
C LYS A 527 33.09 43.86 25.11
N LYS A 528 32.81 43.05 24.09
CA LYS A 528 32.86 43.52 22.71
C LYS A 528 31.67 44.43 22.40
N GLU A 529 31.81 45.19 21.32
CA GLU A 529 30.73 46.01 20.80
C GLU A 529 30.07 45.42 19.56
N LYS A 530 30.84 44.74 18.71
CA LYS A 530 30.30 44.05 17.54
C LYS A 530 31.10 42.79 17.29
N VAL A 531 30.40 41.68 17.08
CA VAL A 531 31.03 40.39 16.83
C VAL A 531 30.24 39.69 15.73
N TYR A 532 30.92 39.36 14.62
CA TYR A 532 30.30 38.62 13.53
C TYR A 532 30.97 37.26 13.41
N LEU A 533 30.22 36.20 13.72
CA LEU A 533 30.69 34.83 13.55
C LEU A 533 30.20 34.28 12.22
N ALA A 534 31.10 33.66 11.46
CA ALA A 534 30.76 33.03 10.19
C ALA A 534 31.39 31.65 10.12
N TRP A 535 30.64 30.69 9.60
CA TRP A 535 31.13 29.32 9.44
C TRP A 535 31.51 29.07 7.99
N VAL A 536 32.58 28.31 7.80
CA VAL A 536 32.98 27.84 6.47
C VAL A 536 33.35 26.38 6.54
N PRO A 537 33.17 25.65 5.44
CA PRO A 537 33.52 24.24 5.43
C PRO A 537 35.03 24.05 5.48
N ALA A 538 35.45 23.03 6.23
CA ALA A 538 36.87 22.74 6.39
C ALA A 538 37.40 21.99 5.17
N HIS A 539 38.72 22.05 5.01
CA HIS A 539 39.43 21.29 3.98
C HIS A 539 38.94 21.62 2.57
N LYS A 540 38.47 22.85 2.37
CA LYS A 540 38.02 23.29 1.06
C LYS A 540 38.91 24.37 0.45
N GLY A 541 40.04 24.68 1.08
CA GLY A 541 40.95 25.67 0.53
C GLY A 541 40.40 27.07 0.56
N ILE A 542 39.85 27.48 1.70
CA ILE A 542 39.18 28.77 1.86
C ILE A 542 40.09 29.70 2.65
N GLY A 543 40.34 30.90 2.11
CA GLY A 543 40.92 32.00 2.85
C GLY A 543 41.98 31.61 3.84
N GLY A 544 42.01 32.31 4.99
CA GLY A 544 42.89 31.93 6.07
C GLY A 544 42.51 30.65 6.77
N ASN A 545 41.34 30.08 6.44
CA ASN A 545 40.95 28.81 7.03
C ASN A 545 41.94 27.70 6.69
N GLU A 546 42.33 27.62 5.41
CA GLU A 546 43.37 26.66 5.04
C GLU A 546 44.72 27.01 5.62
N GLN A 547 45.02 28.32 5.74
CA GLN A 547 46.29 28.74 6.30
C GLN A 547 46.38 28.42 7.79
N VAL A 548 45.33 28.78 8.54
CA VAL A 548 45.38 28.57 9.98
C VAL A 548 45.25 27.10 10.32
N ASP A 549 44.61 26.32 9.44
CA ASP A 549 44.53 24.88 9.65
C ASP A 549 45.92 24.24 9.58
N LYS A 550 46.79 24.76 8.72
CA LYS A 550 48.17 24.27 8.67
C LYS A 550 48.91 24.60 9.96
N LEU A 551 48.81 25.85 10.41
CA LEU A 551 49.53 26.28 11.60
C LEU A 551 49.19 25.42 12.81
N VAL A 552 47.91 25.08 12.99
CA VAL A 552 47.48 24.38 14.19
C VAL A 552 47.52 22.86 14.04
N SER A 553 47.59 22.34 12.83
CA SER A 553 47.61 20.89 12.62
C SER A 553 49.03 20.40 12.35
N PRO B 5 -27.07 -6.85 16.36
CA PRO B 5 -27.00 -8.15 15.70
C PRO B 5 -25.92 -8.20 14.61
N ILE B 6 -24.78 -7.57 14.88
CA ILE B 6 -23.68 -7.50 13.93
C ILE B 6 -22.46 -8.15 14.58
N GLU B 7 -21.90 -9.16 13.89
CA GLU B 7 -20.73 -9.83 14.42
C GLU B 7 -19.50 -8.93 14.36
N THR B 8 -18.63 -9.09 15.34
CA THR B 8 -17.47 -8.22 15.51
C THR B 8 -16.26 -8.80 14.78
N VAL B 9 -15.58 -7.94 14.02
CA VAL B 9 -14.36 -8.34 13.31
C VAL B 9 -13.25 -8.56 14.34
N PRO B 10 -12.68 -9.76 14.42
CA PRO B 10 -11.61 -9.99 15.39
C PRO B 10 -10.34 -9.26 15.00
N VAL B 11 -9.66 -8.69 16.00
CA VAL B 11 -8.43 -7.93 15.79
C VAL B 11 -7.41 -8.36 16.83
N LYS B 12 -6.17 -8.55 16.38
CA LYS B 12 -5.07 -8.95 17.24
C LYS B 12 -4.00 -7.86 17.22
N LEU B 13 -3.10 -7.93 18.20
CA LEU B 13 -1.91 -7.10 18.22
C LEU B 13 -0.76 -7.81 17.55
N LYS B 14 0.26 -7.04 17.16
CA LYS B 14 1.44 -7.62 16.58
C LYS B 14 2.09 -8.57 17.59
N PRO B 15 2.37 -9.82 17.22
CA PRO B 15 2.85 -10.79 18.21
C PRO B 15 4.11 -10.30 18.92
N GLY B 16 4.14 -10.51 20.24
CA GLY B 16 5.27 -10.07 21.03
C GLY B 16 5.22 -8.63 21.48
N MET B 17 4.04 -8.01 21.46
CA MET B 17 3.88 -6.62 21.85
C MET B 17 2.73 -6.52 22.84
N ASP B 18 2.98 -5.83 23.95
CA ASP B 18 1.95 -5.60 24.95
C ASP B 18 1.00 -4.52 24.42
N GLY B 19 0.09 -4.08 25.28
CA GLY B 19 -0.83 -3.02 24.91
C GLY B 19 -0.28 -1.65 25.27
N PRO B 20 -1.00 -0.60 24.90
CA PRO B 20 -0.54 0.75 25.22
C PRO B 20 -0.66 1.04 26.71
N LYS B 21 0.40 1.60 27.30
CA LYS B 21 0.41 2.00 28.70
C LYS B 21 1.00 3.42 28.76
N VAL B 22 0.21 4.39 28.32
CA VAL B 22 0.63 5.78 28.23
C VAL B 22 -0.14 6.59 29.26
N LYS B 23 0.58 7.33 30.09
CA LYS B 23 -0.04 8.09 31.17
C LYS B 23 -0.87 9.24 30.61
N GLN B 24 -1.99 9.52 31.27
CA GLN B 24 -2.80 10.68 30.92
C GLN B 24 -2.12 11.95 31.39
N TRP B 25 -2.11 12.97 30.54
CA TRP B 25 -1.50 14.23 30.93
C TRP B 25 -2.55 15.19 31.46
N PRO B 26 -2.15 16.18 32.26
CA PRO B 26 -3.12 17.11 32.85
C PRO B 26 -3.90 17.85 31.77
N LEU B 27 -5.18 18.07 32.05
CA LEU B 27 -6.07 18.76 31.13
C LEU B 27 -6.59 20.04 31.79
N THR B 28 -6.89 21.04 30.95
CA THR B 28 -7.48 22.26 31.45
C THR B 28 -8.91 22.01 31.93
N GLU B 29 -9.46 22.98 32.66
CA GLU B 29 -10.82 22.84 33.16
C GLU B 29 -11.80 22.64 32.01
N GLU B 30 -11.73 23.50 31.00
CA GLU B 30 -12.66 23.43 29.88
C GLU B 30 -12.57 22.10 29.14
N LYS B 31 -11.38 21.50 29.09
CA LYS B 31 -11.22 20.23 28.39
C LYS B 31 -11.80 19.08 29.20
N ILE B 32 -11.68 19.13 30.53
CA ILE B 32 -12.23 18.07 31.36
C ILE B 32 -13.75 18.13 31.36
N LYS B 33 -14.32 19.33 31.51
CA LYS B 33 -15.77 19.46 31.49
C LYS B 33 -16.36 18.98 30.18
N ALA B 34 -15.71 19.31 29.06
CA ALA B 34 -16.18 18.83 27.77
C ALA B 34 -16.07 17.31 27.67
N LEU B 35 -15.03 16.74 28.28
CA LEU B 35 -14.87 15.29 28.25
C LEU B 35 -15.94 14.59 29.10
N VAL B 36 -16.22 15.12 30.29
CA VAL B 36 -17.21 14.51 31.17
C VAL B 36 -18.57 14.48 30.47
N GLU B 37 -18.97 15.59 29.87
CA GLU B 37 -20.23 15.62 29.12
C GLU B 37 -20.20 14.63 27.97
N ILE B 38 -19.11 14.60 27.21
CA ILE B 38 -19.04 13.71 26.05
C ILE B 38 -19.08 12.25 26.49
N CYS B 39 -18.29 11.91 27.52
CA CYS B 39 -18.24 10.52 27.95
C CYS B 39 -19.50 10.10 28.67
N THR B 40 -20.21 11.06 29.29
CA THR B 40 -21.51 10.74 29.87
C THR B 40 -22.50 10.31 28.80
N GLU B 41 -22.58 11.07 27.71
CA GLU B 41 -23.49 10.72 26.62
C GLU B 41 -23.06 9.42 25.93
N MET B 42 -21.75 9.20 25.82
CA MET B 42 -21.28 7.98 25.17
C MET B 42 -21.54 6.75 26.02
N GLU B 43 -21.55 6.90 27.34
CA GLU B 43 -21.84 5.77 28.21
C GLU B 43 -23.33 5.44 28.20
N LYS B 44 -24.18 6.47 28.23
CA LYS B 44 -25.62 6.25 28.08
C LYS B 44 -25.91 5.50 26.80
N GLU B 45 -25.31 5.92 25.69
CA GLU B 45 -25.51 5.31 24.39
C GLU B 45 -24.73 4.01 24.21
N GLY B 46 -24.10 3.50 25.29
CA GLY B 46 -23.43 2.22 25.25
C GLY B 46 -22.11 2.20 24.52
N LYS B 47 -21.64 3.33 23.99
CA LYS B 47 -20.41 3.33 23.21
C LYS B 47 -19.17 3.12 24.07
N ILE B 48 -19.24 3.44 25.37
CA ILE B 48 -18.13 3.20 26.28
C ILE B 48 -18.68 2.66 27.60
N SER B 49 -17.84 1.91 28.32
CA SER B 49 -18.22 1.33 29.59
C SER B 49 -17.08 1.51 30.58
N LYS B 50 -17.44 1.81 31.83
CA LYS B 50 -16.42 2.01 32.86
C LYS B 50 -15.72 0.70 33.19
N ILE B 51 -14.47 0.80 33.61
CA ILE B 51 -13.64 -0.34 33.95
C ILE B 51 -12.88 -0.04 35.24
N GLY B 52 -12.10 -1.01 35.69
CA GLY B 52 -11.34 -0.87 36.91
C GLY B 52 -9.84 -0.91 36.66
N PRO B 53 -9.04 -0.86 37.73
CA PRO B 53 -7.58 -0.88 37.56
C PRO B 53 -7.02 -2.23 37.17
N GLU B 54 -7.83 -3.29 37.13
CA GLU B 54 -7.32 -4.58 36.68
C GLU B 54 -6.94 -4.55 35.21
N ASN B 55 -7.40 -3.55 34.47
CA ASN B 55 -6.99 -3.32 33.09
C ASN B 55 -5.70 -2.51 33.08
N PRO B 56 -4.57 -3.10 32.70
CA PRO B 56 -3.29 -2.39 32.82
C PRO B 56 -3.00 -1.41 31.69
N TYR B 57 -3.90 -1.26 30.72
CA TYR B 57 -3.66 -0.43 29.56
C TYR B 57 -4.28 0.95 29.74
N ASN B 58 -3.72 1.93 29.05
CA ASN B 58 -4.26 3.28 29.07
C ASN B 58 -3.73 4.06 27.87
N THR B 59 -4.54 5.01 27.41
CA THR B 59 -4.23 5.84 26.26
C THR B 59 -4.68 7.27 26.57
N PRO B 60 -3.85 8.27 26.29
CA PRO B 60 -4.22 9.65 26.60
C PRO B 60 -5.46 10.08 25.84
N VAL B 61 -6.24 10.96 26.47
CA VAL B 61 -7.43 11.53 25.85
C VAL B 61 -7.44 13.03 26.12
N PHE B 62 -7.92 13.79 25.15
CA PHE B 62 -8.15 15.23 25.33
C PHE B 62 -9.18 15.66 24.30
N ALA B 63 -9.41 16.96 24.19
CA ALA B 63 -10.46 17.51 23.34
C ALA B 63 -9.92 18.68 22.53
N ILE B 64 -10.51 18.88 21.34
CA ILE B 64 -10.10 19.93 20.42
C ILE B 64 -11.33 20.61 19.84
N LYS B 65 -11.11 21.81 19.29
CA LYS B 65 -12.09 22.49 18.46
C LYS B 65 -11.49 22.68 17.08
N LYS B 66 -12.14 22.14 16.06
CA LYS B 66 -11.63 22.23 14.70
C LYS B 66 -11.72 23.68 14.20
N LYS B 67 -11.15 23.93 13.02
CA LYS B 67 -11.07 25.29 12.52
C LYS B 67 -12.45 25.91 12.43
N ASP B 68 -12.60 27.09 13.03
CA ASP B 68 -13.84 27.85 13.00
C ASP B 68 -15.01 27.04 13.56
N SER B 69 -14.71 26.10 14.44
CA SER B 69 -15.72 25.30 15.11
C SER B 69 -15.79 25.73 16.57
N THR B 70 -17.00 25.94 17.07
CA THR B 70 -17.20 26.39 18.44
C THR B 70 -17.53 25.26 19.42
N LYS B 71 -17.75 24.04 18.94
CA LYS B 71 -18.12 22.93 19.80
C LYS B 71 -16.94 21.97 19.95
N TRP B 72 -16.83 21.40 21.15
CA TRP B 72 -15.70 20.53 21.45
C TRP B 72 -15.80 19.21 20.70
N ARG B 73 -14.65 18.59 20.49
CA ARG B 73 -14.55 17.29 19.85
C ARG B 73 -13.57 16.45 20.66
N LYS B 74 -13.85 15.17 20.78
CA LYS B 74 -13.03 14.29 21.60
C LYS B 74 -11.96 13.66 20.74
N LEU B 75 -10.72 13.67 21.23
CA LEU B 75 -9.58 13.13 20.51
C LEU B 75 -8.81 12.21 21.44
N VAL B 76 -8.54 11.00 20.97
CA VAL B 76 -7.78 10.00 21.72
C VAL B 76 -6.45 9.80 21.01
N ASP B 77 -5.36 9.89 21.76
CA ASP B 77 -4.02 9.73 21.20
C ASP B 77 -3.73 8.24 21.08
N PHE B 78 -4.27 7.63 20.03
CA PHE B 78 -4.09 6.22 19.73
C PHE B 78 -2.79 5.92 18.99
N ARG B 79 -1.81 6.84 19.04
CA ARG B 79 -0.55 6.58 18.35
C ARG B 79 0.13 5.31 18.85
N GLU B 80 0.12 5.10 20.17
CA GLU B 80 0.76 3.90 20.70
C GLU B 80 -0.04 2.64 20.35
N LEU B 81 -1.36 2.73 20.37
CA LEU B 81 -2.18 1.59 19.98
C LEU B 81 -2.07 1.31 18.49
N ASN B 82 -2.04 2.36 17.68
CA ASN B 82 -1.95 2.17 16.23
C ASN B 82 -0.64 1.50 15.83
N LYS B 83 0.45 1.81 16.54
CA LYS B 83 1.73 1.17 16.24
C LYS B 83 1.75 -0.27 16.70
N ARG B 84 1.00 -0.60 17.76
CA ARG B 84 0.96 -1.95 18.29
C ARG B 84 -0.14 -2.80 17.68
N THR B 85 -1.09 -2.19 16.97
CA THR B 85 -2.15 -2.94 16.31
C THR B 85 -1.63 -3.60 15.04
N GLN B 86 -2.10 -4.82 14.79
CA GLN B 86 -1.70 -5.54 13.59
C GLN B 86 -1.97 -4.69 12.35
N ASP B 87 -0.99 -4.63 11.46
CA ASP B 87 -1.16 -3.93 10.20
C ASP B 87 -2.21 -4.64 9.36
N PHE B 88 -3.21 -3.90 8.89
CA PHE B 88 -4.32 -4.49 8.16
C PHE B 88 -4.02 -4.71 6.69
N TRP B 89 -2.88 -4.24 6.19
CA TRP B 89 -2.44 -4.63 4.86
C TRP B 89 -2.08 -6.11 4.83
N GLU B 90 -1.45 -6.61 5.89
CA GLU B 90 -1.18 -8.04 6.00
C GLU B 90 -2.46 -8.84 6.18
N VAL B 91 -3.46 -8.26 6.86
CA VAL B 91 -4.80 -8.82 6.91
C VAL B 91 -5.60 -8.50 5.66
N GLN B 92 -5.03 -7.71 4.74
CA GLN B 92 -5.64 -7.34 3.47
C GLN B 92 -6.83 -6.42 3.64
N LEU B 93 -6.96 -5.77 4.78
CA LEU B 93 -7.94 -4.70 4.98
C LEU B 93 -7.33 -3.32 4.73
N GLY B 94 -6.23 -3.25 3.98
CA GLY B 94 -5.61 -1.98 3.70
C GLY B 94 -6.32 -1.23 2.58
N ILE B 95 -6.33 0.09 2.70
CA ILE B 95 -6.99 0.97 1.74
C ILE B 95 -5.94 1.46 0.76
N PRO B 96 -6.10 1.24 -0.54
CA PRO B 96 -5.14 1.77 -1.51
C PRO B 96 -5.23 3.27 -1.60
N HIS B 97 -4.25 3.87 -2.27
CA HIS B 97 -4.17 5.32 -2.36
C HIS B 97 -4.29 5.76 -3.82
N PRO B 98 -5.22 6.66 -4.14
CA PRO B 98 -5.35 7.12 -5.52
C PRO B 98 -4.39 8.24 -5.87
N ALA B 99 -3.50 8.01 -6.84
CA ALA B 99 -2.54 9.03 -7.23
C ALA B 99 -3.18 10.25 -7.88
N GLY B 100 -4.47 10.21 -8.17
CA GLY B 100 -5.14 11.33 -8.79
C GLY B 100 -5.78 12.31 -7.84
N LEU B 101 -5.84 11.99 -6.54
CA LEU B 101 -6.44 12.89 -5.58
C LEU B 101 -5.66 14.21 -5.50
N LYS B 102 -4.33 14.13 -5.55
CA LYS B 102 -3.51 15.34 -5.50
C LYS B 102 -3.63 16.17 -6.76
N LYS B 103 -4.23 15.65 -7.83
CA LYS B 103 -4.35 16.36 -9.09
C LYS B 103 -5.66 17.13 -9.22
N LYS B 104 -6.64 16.88 -8.35
CA LYS B 104 -7.92 17.56 -8.44
C LYS B 104 -7.77 19.02 -8.05
N LYS B 105 -8.62 19.87 -8.64
CA LYS B 105 -8.55 21.30 -8.36
C LYS B 105 -9.05 21.64 -6.97
N SER B 106 -9.99 20.86 -6.44
CA SER B 106 -10.54 21.08 -5.11
C SER B 106 -10.73 19.74 -4.42
N VAL B 107 -10.43 19.71 -3.11
CA VAL B 107 -10.56 18.52 -2.30
C VAL B 107 -11.19 18.93 -0.97
N THR B 108 -12.33 18.32 -0.63
CA THR B 108 -13.01 18.59 0.62
C THR B 108 -12.79 17.45 1.59
N VAL B 109 -12.57 17.80 2.85
CA VAL B 109 -12.29 16.82 3.91
C VAL B 109 -13.53 16.74 4.79
N LEU B 110 -14.14 15.56 4.83
CA LEU B 110 -15.36 15.33 5.60
C LEU B 110 -15.04 14.42 6.78
N ASP B 111 -15.48 14.84 7.97
CA ASP B 111 -15.29 14.04 9.17
C ASP B 111 -16.40 12.99 9.22
N VAL B 112 -16.04 11.76 8.88
CA VAL B 112 -16.98 10.64 8.87
C VAL B 112 -16.73 9.69 10.04
N GLY B 113 -15.88 10.07 10.98
CA GLY B 113 -15.60 9.21 12.12
C GLY B 113 -16.83 8.90 12.95
N ASP B 114 -17.83 9.79 12.91
CA ASP B 114 -19.04 9.56 13.69
C ASP B 114 -19.75 8.27 13.28
N ALA B 115 -19.59 7.86 12.01
CA ALA B 115 -20.21 6.62 11.56
C ALA B 115 -19.57 5.39 12.19
N TYR B 116 -18.33 5.50 12.67
CA TYR B 116 -17.67 4.36 13.30
C TYR B 116 -18.37 3.91 14.57
N PHE B 117 -19.15 4.79 15.21
CA PHE B 117 -19.78 4.49 16.48
C PHE B 117 -20.95 3.52 16.36
N SER B 118 -21.22 2.98 15.18
CA SER B 118 -22.32 2.04 14.99
C SER B 118 -21.86 0.60 14.93
N VAL B 119 -20.61 0.35 14.54
CA VAL B 119 -20.08 -1.00 14.40
C VAL B 119 -19.53 -1.46 15.74
N PRO B 120 -19.93 -2.63 16.23
CA PRO B 120 -19.35 -3.15 17.48
C PRO B 120 -17.87 -3.46 17.30
N LEU B 121 -17.20 -3.68 18.43
CA LEU B 121 -15.77 -3.94 18.46
C LEU B 121 -15.49 -5.29 19.10
N ASP B 122 -14.46 -5.96 18.60
CA ASP B 122 -14.07 -7.27 19.12
C ASP B 122 -13.91 -7.23 20.63
N GLU B 123 -14.66 -8.08 21.31
CA GLU B 123 -14.68 -8.05 22.78
C GLU B 123 -13.28 -8.23 23.36
N ASP B 124 -12.50 -9.16 22.81
CA ASP B 124 -11.16 -9.41 23.34
C ASP B 124 -10.21 -8.24 23.12
N PHE B 125 -10.54 -7.32 22.22
CA PHE B 125 -9.71 -6.17 21.92
C PHE B 125 -10.14 -4.91 22.67
N ARG B 126 -11.30 -4.93 23.34
CA ARG B 126 -11.82 -3.72 23.95
C ARG B 126 -10.97 -3.25 25.12
N LYS B 127 -10.27 -4.17 25.79
CA LYS B 127 -9.43 -3.76 26.93
C LYS B 127 -8.24 -2.92 26.52
N TYR B 128 -7.90 -2.89 25.23
CA TYR B 128 -6.76 -2.10 24.77
C TYR B 128 -7.11 -0.64 24.51
N THR B 129 -8.39 -0.31 24.42
CA THR B 129 -8.84 1.05 24.16
C THR B 129 -9.09 1.84 25.44
N ALA B 130 -8.54 1.39 26.57
CA ALA B 130 -8.81 2.03 27.84
C ALA B 130 -8.22 3.43 27.89
N PHE B 131 -8.96 4.35 28.50
CA PHE B 131 -8.48 5.70 28.74
C PHE B 131 -8.97 6.17 30.10
N THR B 132 -8.34 7.22 30.62
CA THR B 132 -8.61 7.73 31.96
C THR B 132 -8.89 9.21 31.89
N ILE B 133 -10.00 9.64 32.48
CA ILE B 133 -10.38 11.05 32.54
C ILE B 133 -9.93 11.60 33.90
N PRO B 134 -9.06 12.59 33.93
CA PRO B 134 -8.59 13.13 35.21
C PRO B 134 -9.57 14.17 35.76
N SER B 135 -9.23 14.70 36.93
CA SER B 135 -10.02 15.74 37.58
C SER B 135 -9.10 16.86 38.03
N ILE B 136 -9.67 18.06 38.13
CA ILE B 136 -8.90 19.22 38.57
C ILE B 136 -8.50 19.05 40.03
N ASN B 137 -7.24 19.37 40.33
CA ASN B 137 -6.68 19.29 41.68
C ASN B 137 -6.78 17.88 42.27
N ASN B 138 -6.94 16.87 41.42
CA ASN B 138 -7.01 15.47 41.86
C ASN B 138 -8.06 15.28 42.97
N GLU B 139 -9.21 15.93 42.79
CA GLU B 139 -10.32 15.72 43.72
C GLU B 139 -10.75 14.26 43.71
N THR B 140 -11.00 13.72 42.52
CA THR B 140 -11.37 12.33 42.32
C THR B 140 -10.26 11.58 41.60
N PRO B 141 -9.99 10.33 41.96
CA PRO B 141 -9.05 9.53 41.18
C PRO B 141 -9.51 9.41 39.74
N GLY B 142 -8.64 8.82 38.92
CA GLY B 142 -8.95 8.73 37.50
C GLY B 142 -10.18 7.88 37.24
N ILE B 143 -11.02 8.37 36.33
CA ILE B 143 -12.22 7.66 35.91
C ILE B 143 -11.89 6.97 34.59
N ARG B 144 -11.84 5.64 34.60
CA ARG B 144 -11.40 4.85 33.46
C ARG B 144 -12.60 4.33 32.66
N TYR B 145 -12.39 4.21 31.36
CA TYR B 145 -13.41 3.72 30.43
C TYR B 145 -12.75 2.77 29.45
N GLN B 146 -13.56 2.19 28.57
CA GLN B 146 -13.06 1.47 27.41
C GLN B 146 -14.14 1.49 26.33
N TYR B 147 -13.73 1.18 25.11
CA TYR B 147 -14.61 1.30 23.96
C TYR B 147 -15.31 -0.02 23.67
N ASN B 148 -16.60 0.08 23.35
CA ASN B 148 -17.39 -1.07 22.92
C ASN B 148 -17.70 -1.05 21.44
N VAL B 149 -17.34 0.01 20.73
CA VAL B 149 -17.56 0.12 19.29
C VAL B 149 -16.24 0.49 18.63
N LEU B 150 -16.28 0.81 17.34
CA LEU B 150 -15.09 1.30 16.66
C LEU B 150 -14.76 2.70 17.16
N PRO B 151 -13.62 2.91 17.83
CA PRO B 151 -13.31 4.23 18.37
C PRO B 151 -12.73 5.16 17.30
N GLN B 152 -13.12 6.42 17.38
CA GLN B 152 -12.53 7.43 16.50
C GLN B 152 -11.03 7.55 16.78
N GLY B 153 -10.26 7.75 15.71
CA GLY B 153 -8.82 7.92 15.83
C GLY B 153 -8.02 6.63 15.82
N TRP B 154 -8.67 5.47 15.78
CA TRP B 154 -7.96 4.20 15.71
C TRP B 154 -7.79 3.77 14.27
N LYS B 155 -6.61 3.22 13.95
CA LYS B 155 -6.30 2.86 12.58
C LYS B 155 -7.12 1.67 12.09
N GLY B 156 -7.63 0.83 13.00
CA GLY B 156 -8.48 -0.27 12.59
C GLY B 156 -9.91 0.11 12.30
N SER B 157 -10.36 1.27 12.77
CA SER B 157 -11.74 1.70 12.54
C SER B 157 -12.04 1.91 11.07
N PRO B 158 -11.24 2.65 10.29
CA PRO B 158 -11.52 2.78 8.86
C PRO B 158 -11.35 1.48 8.10
N ALA B 159 -10.47 0.60 8.56
CA ALA B 159 -10.26 -0.67 7.87
C ALA B 159 -11.46 -1.58 8.05
N ILE B 160 -11.92 -1.75 9.29
CA ILE B 160 -13.08 -2.59 9.55
C ILE B 160 -14.33 -2.01 8.91
N PHE B 161 -14.49 -0.69 8.99
CA PHE B 161 -15.66 -0.02 8.41
C PHE B 161 -15.58 0.13 6.91
N GLN B 162 -14.45 -0.24 6.29
CA GLN B 162 -14.29 -0.05 4.85
C GLN B 162 -15.35 -0.80 4.06
N SER B 163 -15.61 -2.05 4.44
CA SER B 163 -16.62 -2.85 3.74
C SER B 163 -17.97 -2.13 3.73
N SER B 164 -18.40 -1.60 4.88
CA SER B 164 -19.64 -0.84 4.93
C SER B 164 -19.52 0.46 4.16
N MET B 165 -18.33 1.06 4.14
CA MET B 165 -18.16 2.36 3.50
C MET B 165 -18.35 2.27 1.99
N THR B 166 -17.71 1.28 1.36
CA THR B 166 -17.82 1.16 -0.09
C THR B 166 -19.26 0.94 -0.53
N LYS B 167 -20.08 0.27 0.29
CA LYS B 167 -21.48 0.10 -0.02
C LYS B 167 -22.21 1.43 -0.05
N ILE B 168 -22.01 2.25 0.98
CA ILE B 168 -22.75 3.50 1.10
C ILE B 168 -22.40 4.45 -0.03
N LEU B 169 -21.15 4.42 -0.51
CA LEU B 169 -20.71 5.35 -1.54
C LEU B 169 -20.92 4.82 -2.96
N GLU B 170 -21.25 3.54 -3.13
CA GLU B 170 -21.45 2.98 -4.45
C GLU B 170 -22.42 3.80 -5.30
N PRO B 171 -23.59 4.20 -4.80
CA PRO B 171 -24.49 5.03 -5.63
C PRO B 171 -23.85 6.35 -6.04
N PHE B 172 -23.22 7.05 -5.10
CA PHE B 172 -22.60 8.33 -5.41
C PHE B 172 -21.42 8.16 -6.37
N LYS B 173 -20.61 7.11 -6.17
CA LYS B 173 -19.45 6.91 -7.04
C LYS B 173 -19.87 6.64 -8.48
N LYS B 174 -20.91 5.83 -8.67
CA LYS B 174 -21.32 5.46 -10.02
C LYS B 174 -22.14 6.54 -10.71
N GLN B 175 -22.80 7.41 -9.96
CA GLN B 175 -23.44 8.57 -10.57
C GLN B 175 -22.43 9.66 -10.90
N ASN B 176 -21.32 9.73 -10.15
CA ASN B 176 -20.26 10.71 -10.36
C ASN B 176 -18.95 9.94 -10.52
N PRO B 177 -18.70 9.40 -11.72
CA PRO B 177 -17.52 8.54 -11.90
C PRO B 177 -16.20 9.29 -11.90
N ASP B 178 -16.20 10.62 -11.98
CA ASP B 178 -14.96 11.37 -12.03
C ASP B 178 -14.47 11.83 -10.66
N ILE B 179 -15.34 11.87 -9.66
CA ILE B 179 -14.95 12.35 -8.34
C ILE B 179 -14.21 11.26 -7.58
N VAL B 180 -13.02 11.60 -7.08
CA VAL B 180 -12.17 10.66 -6.35
C VAL B 180 -12.48 10.78 -4.86
N ILE B 181 -12.56 9.63 -4.19
CA ILE B 181 -12.84 9.59 -2.76
C ILE B 181 -11.76 8.73 -2.08
N TYR B 182 -11.10 9.30 -1.07
CA TYR B 182 -10.08 8.61 -0.32
C TYR B 182 -10.42 8.69 1.16
N GLN B 183 -10.18 7.59 1.88
CA GLN B 183 -10.47 7.49 3.30
C GLN B 183 -9.18 7.32 4.09
N TYR B 184 -8.96 8.20 5.06
CA TYR B 184 -7.82 8.11 5.96
C TYR B 184 -8.29 8.44 7.37
N MET B 185 -8.12 7.51 8.29
CA MET B 185 -8.52 7.68 9.70
C MET B 185 -9.99 8.08 9.72
N ASP B 186 -10.39 9.10 10.48
CA ASP B 186 -11.79 9.48 10.60
C ASP B 186 -12.24 10.46 9.53
N ASP B 187 -11.44 10.67 8.49
CA ASP B 187 -11.73 11.69 7.49
C ASP B 187 -11.93 11.06 6.12
N LEU B 188 -12.68 11.76 5.28
CA LEU B 188 -12.97 11.34 3.91
C LEU B 188 -12.56 12.46 2.96
N TYR B 189 -11.72 12.13 1.99
CA TYR B 189 -11.20 13.11 1.03
C TYR B 189 -11.92 12.94 -0.30
N VAL B 190 -12.61 13.98 -0.74
CA VAL B 190 -13.42 13.97 -1.96
C VAL B 190 -12.90 15.09 -2.85
N GLY B 191 -12.30 14.72 -3.97
CA GLY B 191 -11.73 15.68 -4.89
C GLY B 191 -12.45 15.65 -6.24
N SER B 192 -12.54 16.83 -6.86
CA SER B 192 -13.18 16.94 -8.17
C SER B 192 -12.57 18.11 -8.92
N ASP B 193 -12.68 18.04 -10.24
CA ASP B 193 -12.25 19.12 -11.12
C ASP B 193 -13.39 20.08 -11.47
N LEU B 194 -14.57 19.87 -10.89
CA LEU B 194 -15.73 20.67 -11.22
C LEU B 194 -15.57 22.10 -10.71
N GLU B 195 -16.49 22.96 -11.13
CA GLU B 195 -16.49 24.34 -10.66
C GLU B 195 -16.71 24.37 -9.15
N ILE B 196 -16.20 25.42 -8.50
CA ILE B 196 -16.23 25.48 -7.04
C ILE B 196 -17.66 25.37 -6.53
N GLY B 197 -18.58 26.14 -7.11
CA GLY B 197 -19.97 26.05 -6.73
C GLY B 197 -20.55 24.65 -6.96
N GLN B 198 -20.24 24.05 -8.11
CA GLN B 198 -20.69 22.69 -8.37
C GLN B 198 -19.97 21.67 -7.48
N HIS B 199 -18.73 21.95 -7.09
CA HIS B 199 -18.03 21.07 -6.17
C HIS B 199 -18.72 21.05 -4.81
N ARG B 200 -18.97 22.23 -4.23
CA ARG B 200 -19.66 22.29 -2.95
C ARG B 200 -21.04 21.67 -3.04
N THR B 201 -21.71 21.80 -4.19
CA THR B 201 -23.02 21.19 -4.37
C THR B 201 -22.92 19.67 -4.30
N LYS B 202 -22.00 19.09 -5.08
CA LYS B 202 -21.83 17.64 -5.04
C LYS B 202 -21.38 17.16 -3.67
N ILE B 203 -20.72 18.02 -2.91
CA ILE B 203 -20.34 17.66 -1.54
C ILE B 203 -21.58 17.53 -0.66
N GLU B 204 -22.49 18.50 -0.77
CA GLU B 204 -23.73 18.42 -0.01
C GLU B 204 -24.55 17.20 -0.43
N GLU B 205 -24.47 16.81 -1.69
CA GLU B 205 -25.11 15.58 -2.13
C GLU B 205 -24.62 14.40 -1.31
N LEU B 206 -23.29 14.27 -1.18
CA LEU B 206 -22.73 13.16 -0.42
C LEU B 206 -23.09 13.25 1.06
N ARG B 207 -23.31 14.46 1.56
CA ARG B 207 -23.68 14.64 2.96
C ARG B 207 -25.03 13.99 3.25
N GLN B 208 -26.06 14.38 2.50
CA GLN B 208 -27.38 13.80 2.71
C GLN B 208 -27.43 12.35 2.25
N HIS B 209 -26.58 11.98 1.28
CA HIS B 209 -26.41 10.57 0.96
C HIS B 209 -25.89 9.80 2.18
N LEU B 210 -25.06 10.45 3.00
CA LEU B 210 -24.58 9.83 4.22
C LEU B 210 -25.66 9.76 5.28
N LEU B 211 -26.59 10.72 5.28
CA LEU B 211 -27.72 10.65 6.20
C LEU B 211 -28.63 9.47 5.86
N ARG B 212 -28.80 9.19 4.58
CA ARG B 212 -29.63 8.06 4.16
C ARG B 212 -29.11 6.73 4.67
N TRP B 213 -27.90 6.69 5.22
CA TRP B 213 -27.41 5.54 5.96
C TRP B 213 -27.45 5.75 7.46
N GLY B 214 -27.12 6.96 7.93
CA GLY B 214 -27.28 7.26 9.34
C GLY B 214 -28.74 7.32 9.77
N LEU B 215 -29.65 7.51 8.81
CA LEU B 215 -31.07 7.42 9.09
C LEU B 215 -31.53 5.96 9.18
N THR B 216 -30.83 5.06 8.49
CA THR B 216 -31.16 3.64 8.51
C THR B 216 -30.28 2.90 9.51
N PRO B 227 -17.53 18.18 15.06
CA PRO B 227 -17.58 16.74 15.29
C PRO B 227 -18.55 16.02 14.37
N PHE B 228 -19.70 16.62 14.10
CA PHE B 228 -20.74 15.96 13.33
C PHE B 228 -20.42 16.00 11.83
N LEU B 229 -21.31 15.38 11.04
CA LEU B 229 -21.11 15.24 9.60
C LEU B 229 -21.02 16.58 8.87
N TRP B 230 -21.51 17.66 9.47
CA TRP B 230 -21.81 18.86 8.71
C TRP B 230 -20.57 19.61 8.24
N MET B 231 -19.45 19.49 8.95
CA MET B 231 -18.28 20.30 8.63
C MET B 231 -17.54 19.76 7.42
N GLY B 232 -16.85 20.68 6.72
CA GLY B 232 -16.05 20.35 5.57
C GLY B 232 -15.06 21.44 5.21
N TYR B 233 -13.81 21.07 4.96
CA TYR B 233 -12.74 22.01 4.65
C TYR B 233 -12.24 21.75 3.24
N GLU B 234 -12.04 22.82 2.48
CA GLU B 234 -11.68 22.73 1.07
C GLU B 234 -10.17 22.90 0.92
N LEU B 235 -9.56 21.99 0.17
CA LEU B 235 -8.16 22.08 -0.24
C LEU B 235 -8.06 22.37 -1.73
N HIS B 236 -6.84 22.67 -2.17
CA HIS B 236 -6.55 22.89 -3.59
C HIS B 236 -5.16 22.37 -3.88
N PRO B 237 -5.01 21.05 -4.02
CA PRO B 237 -3.67 20.47 -4.18
C PRO B 237 -2.99 20.86 -5.47
N ASP B 238 -3.75 21.20 -6.52
CA ASP B 238 -3.14 21.62 -7.77
C ASP B 238 -2.38 22.94 -7.65
N LYS B 239 -2.58 23.69 -6.56
CA LYS B 239 -1.89 24.94 -6.32
C LYS B 239 -0.70 24.80 -5.38
N TRP B 240 -0.41 23.59 -4.91
CA TRP B 240 0.70 23.38 -3.99
C TRP B 240 2.02 23.43 -4.75
N THR B 241 2.98 24.19 -4.23
CA THR B 241 4.27 24.38 -4.88
C THR B 241 5.38 23.88 -3.99
N VAL B 242 6.59 23.85 -4.55
CA VAL B 242 7.77 23.41 -3.83
C VAL B 242 8.71 24.59 -3.58
N GLN B 243 9.58 24.43 -2.59
CA GLN B 243 10.59 25.44 -2.29
C GLN B 243 11.95 24.91 -2.70
N PRO B 244 12.50 25.35 -3.83
CA PRO B 244 13.80 24.85 -4.26
C PRO B 244 14.95 25.60 -3.60
N ILE B 245 16.12 24.96 -3.61
CA ILE B 245 17.33 25.61 -3.12
C ILE B 245 17.71 26.71 -4.09
N VAL B 246 17.91 27.92 -3.57
CA VAL B 246 18.16 29.11 -4.38
C VAL B 246 19.51 29.70 -4.00
N LEU B 247 20.26 30.10 -5.03
CA LEU B 247 21.52 30.83 -4.92
C LEU B 247 21.29 32.29 -5.23
N PRO B 248 21.69 33.21 -4.35
CA PRO B 248 21.46 34.62 -4.61
C PRO B 248 22.13 35.08 -5.89
N GLU B 249 21.57 36.13 -6.49
CA GLU B 249 22.16 36.76 -7.66
C GLU B 249 22.71 38.12 -7.23
N LYS B 250 24.03 38.27 -7.34
CA LYS B 250 24.69 39.53 -7.03
C LYS B 250 25.52 39.98 -8.24
N ASP B 251 25.69 41.29 -8.35
CA ASP B 251 26.60 41.83 -9.36
C ASP B 251 28.01 42.02 -8.81
N SER B 252 28.14 42.28 -7.52
CA SER B 252 29.42 42.29 -6.83
C SER B 252 29.33 41.39 -5.61
N TRP B 253 30.39 40.63 -5.37
CA TRP B 253 30.45 39.66 -4.29
C TRP B 253 31.57 40.04 -3.32
N THR B 254 31.28 39.97 -2.03
CA THR B 254 32.30 40.12 -1.01
C THR B 254 32.86 38.74 -0.64
N VAL B 255 33.99 38.75 0.04
CA VAL B 255 34.58 37.49 0.51
C VAL B 255 33.56 36.72 1.33
N ASN B 256 32.83 37.40 2.21
CA ASN B 256 31.81 36.74 3.01
C ASN B 256 30.72 36.14 2.13
N ASP B 257 30.33 36.83 1.06
CA ASP B 257 29.32 36.28 0.16
C ASP B 257 29.78 34.98 -0.46
N ILE B 258 31.03 34.93 -0.93
CA ILE B 258 31.53 33.72 -1.57
C ILE B 258 31.70 32.62 -0.55
N GLN B 259 32.11 32.97 0.66
CA GLN B 259 32.21 31.97 1.72
C GLN B 259 30.84 31.36 2.02
N LYS B 260 29.82 32.20 2.20
CA LYS B 260 28.47 31.69 2.37
C LYS B 260 28.06 30.81 1.18
N LEU B 261 28.33 31.30 -0.03
CA LEU B 261 27.97 30.53 -1.23
C LEU B 261 28.68 29.19 -1.25
N VAL B 262 30.00 29.19 -1.01
CA VAL B 262 30.75 27.93 -1.06
C VAL B 262 30.23 26.96 0.00
N GLY B 263 29.93 27.47 1.19
CA GLY B 263 29.38 26.60 2.23
C GLY B 263 28.02 26.04 1.85
N LYS B 264 27.15 26.89 1.30
CA LYS B 264 25.82 26.42 0.90
C LYS B 264 25.93 25.38 -0.21
N LEU B 265 26.76 25.65 -1.21
CA LEU B 265 26.94 24.68 -2.30
C LEU B 265 27.53 23.38 -1.78
N ASN B 266 28.42 23.45 -0.79
CA ASN B 266 29.00 22.24 -0.23
C ASN B 266 27.93 21.39 0.46
N TRP B 267 27.03 22.02 1.20
CA TRP B 267 25.90 21.31 1.77
C TRP B 267 25.02 20.72 0.68
N ALA B 268 24.70 21.54 -0.33
CA ALA B 268 23.81 21.11 -1.40
C ALA B 268 24.38 19.95 -2.20
N SER B 269 25.71 19.80 -2.23
CA SER B 269 26.31 18.71 -2.99
C SER B 269 25.91 17.34 -2.45
N GLN B 270 25.52 17.25 -1.18
CA GLN B 270 25.03 15.98 -0.65
C GLN B 270 23.70 15.59 -1.28
N ILE B 271 22.92 16.57 -1.74
CA ILE B 271 21.65 16.28 -2.40
C ILE B 271 21.81 16.15 -3.90
N TYR B 272 22.49 17.12 -4.53
CA TYR B 272 22.76 17.09 -5.95
C TYR B 272 24.23 16.71 -6.15
N PRO B 273 24.53 15.46 -6.53
CA PRO B 273 25.94 15.03 -6.56
C PRO B 273 26.78 15.73 -7.63
N GLY B 274 26.16 16.31 -8.66
CA GLY B 274 26.92 16.93 -9.72
C GLY B 274 27.47 18.31 -9.42
N ILE B 275 27.27 18.82 -8.21
CA ILE B 275 27.70 20.17 -7.86
C ILE B 275 29.19 20.17 -7.54
N LYS B 276 29.91 21.16 -8.08
CA LYS B 276 31.34 21.33 -7.87
C LYS B 276 31.60 22.74 -7.37
N VAL B 277 32.61 22.88 -6.51
CA VAL B 277 32.93 24.17 -5.91
C VAL B 277 34.41 24.50 -6.04
N ARG B 278 35.13 23.74 -6.87
CA ARG B 278 36.57 23.95 -6.99
C ARG B 278 36.89 25.37 -7.45
N GLN B 279 36.29 25.80 -8.56
CA GLN B 279 36.64 27.10 -9.15
C GLN B 279 36.20 28.26 -8.27
N LEU B 280 35.16 28.08 -7.45
CA LEU B 280 34.73 29.16 -6.56
C LEU B 280 35.61 29.26 -5.33
N SER B 281 36.10 28.13 -4.82
CA SER B 281 36.99 28.16 -3.66
C SER B 281 38.27 28.92 -3.96
N LYS B 282 38.83 28.77 -5.16
CA LYS B 282 40.07 29.45 -5.49
C LYS B 282 39.96 30.96 -5.29
N LEU B 283 38.77 31.52 -5.47
CA LEU B 283 38.58 32.94 -5.21
C LEU B 283 38.91 33.30 -3.77
N LEU B 284 38.83 32.33 -2.85
CA LEU B 284 39.11 32.51 -1.44
C LEU B 284 40.52 32.07 -1.06
N ARG B 285 41.47 32.12 -1.99
CA ARG B 285 42.81 31.61 -1.72
C ARG B 285 43.51 32.41 -0.63
N GLY B 286 43.49 33.74 -0.74
CA GLY B 286 44.23 34.57 0.19
C GLY B 286 43.71 34.55 1.61
N THR B 287 43.86 35.67 2.32
CA THR B 287 43.38 35.83 3.70
C THR B 287 42.88 37.27 3.80
N LYS B 288 41.66 37.48 3.35
CA LYS B 288 41.11 38.81 3.09
C LYS B 288 40.02 39.16 4.11
N ALA B 289 39.77 40.46 4.21
CA ALA B 289 38.66 40.93 5.05
C ALA B 289 37.34 40.44 4.46
N LEU B 290 36.38 40.16 5.36
CA LEU B 290 35.12 39.57 4.93
C LEU B 290 34.34 40.49 4.01
N THR B 291 34.49 41.81 4.17
CA THR B 291 33.72 42.77 3.39
C THR B 291 34.42 43.22 2.12
N GLU B 292 35.54 42.59 1.76
CA GLU B 292 36.26 42.97 0.56
C GLU B 292 35.54 42.46 -0.68
N VAL B 293 35.33 43.36 -1.64
CA VAL B 293 34.67 43.01 -2.90
C VAL B 293 35.71 42.43 -3.86
N ILE B 294 35.49 41.21 -4.31
CA ILE B 294 36.40 40.56 -5.26
C ILE B 294 35.60 40.08 -6.47
N PRO B 295 36.04 40.36 -7.69
CA PRO B 295 35.29 39.94 -8.87
C PRO B 295 35.51 38.46 -9.17
N LEU B 296 34.52 37.89 -9.85
CA LEU B 296 34.58 36.47 -10.21
C LEU B 296 35.51 36.24 -11.39
N THR B 297 36.23 35.13 -11.34
CA THR B 297 37.01 34.70 -12.50
C THR B 297 36.08 34.08 -13.55
N GLU B 298 36.57 34.04 -14.79
CA GLU B 298 35.76 33.49 -15.87
C GLU B 298 35.36 32.05 -15.58
N GLU B 299 36.26 31.27 -14.97
CA GLU B 299 35.92 29.89 -14.63
C GLU B 299 34.88 29.81 -13.53
N ALA B 300 34.91 30.76 -12.58
CA ALA B 300 33.94 30.75 -11.50
C ALA B 300 32.54 31.11 -11.98
N GLU B 301 32.43 31.97 -13.01
CA GLU B 301 31.12 32.35 -13.52
C GLU B 301 30.40 31.16 -14.14
N LEU B 302 31.13 30.32 -14.88
CA LEU B 302 30.52 29.12 -15.45
C LEU B 302 30.08 28.14 -14.35
N GLU B 303 30.90 27.99 -13.31
CA GLU B 303 30.55 27.08 -12.23
C GLU B 303 29.28 27.53 -11.51
N LEU B 304 29.15 28.82 -11.23
CA LEU B 304 27.96 29.33 -10.56
C LEU B 304 26.72 29.10 -11.42
N ALA B 305 26.80 29.45 -12.70
CA ALA B 305 25.67 29.22 -13.60
C ALA B 305 25.34 27.74 -13.72
N GLU B 306 26.37 26.90 -13.78
CA GLU B 306 26.15 25.46 -13.93
C GLU B 306 25.51 24.87 -12.68
N ASN B 307 25.89 25.36 -11.50
CA ASN B 307 25.27 24.89 -10.27
C ASN B 307 23.80 25.28 -10.21
N ARG B 308 23.46 26.47 -10.70
CA ARG B 308 22.05 26.86 -10.71
C ARG B 308 21.23 25.94 -11.60
N GLU B 309 21.77 25.58 -12.78
CA GLU B 309 21.09 24.62 -13.63
C GLU B 309 20.83 23.31 -12.90
N ILE B 310 21.85 22.79 -12.20
CA ILE B 310 21.69 21.51 -11.51
C ILE B 310 20.62 21.62 -10.43
N LEU B 311 20.48 22.80 -9.83
CA LEU B 311 19.44 23.03 -8.84
C LEU B 311 18.08 23.25 -9.47
N LYS B 312 18.03 23.47 -10.79
CA LYS B 312 16.76 23.63 -11.49
C LYS B 312 16.12 22.29 -11.78
N GLU B 313 16.92 21.30 -12.15
CA GLU B 313 16.43 19.96 -12.47
C GLU B 313 16.21 19.14 -11.22
N PRO B 314 15.36 18.11 -11.31
CA PRO B 314 15.10 17.26 -10.13
C PRO B 314 16.25 16.32 -9.87
N VAL B 315 16.26 15.79 -8.64
CA VAL B 315 17.28 14.81 -8.26
C VAL B 315 17.00 13.48 -8.95
N HIS B 316 18.06 12.77 -9.31
CA HIS B 316 17.95 11.53 -10.06
C HIS B 316 17.76 10.35 -9.11
N GLY B 317 16.81 9.49 -9.45
CA GLY B 317 16.56 8.28 -8.69
C GLY B 317 15.91 8.51 -7.34
N VAL B 318 15.15 9.59 -7.20
CA VAL B 318 14.39 9.88 -5.99
C VAL B 318 12.93 9.58 -6.28
N TYR B 319 12.35 8.64 -5.54
CA TYR B 319 10.95 8.31 -5.74
C TYR B 319 10.38 7.74 -4.44
N TYR B 320 9.06 7.64 -4.41
CA TYR B 320 8.36 7.23 -3.20
C TYR B 320 8.31 5.71 -3.07
N ASP B 321 8.78 5.21 -1.94
CA ASP B 321 8.73 3.78 -1.65
C ASP B 321 7.56 3.53 -0.71
N PRO B 322 6.51 2.81 -1.14
CA PRO B 322 5.35 2.62 -0.27
C PRO B 322 5.68 1.86 1.02
N SER B 323 6.73 1.06 1.05
CA SER B 323 7.08 0.28 2.23
C SER B 323 7.88 1.07 3.25
N LYS B 324 8.36 2.26 2.91
CA LYS B 324 9.16 3.07 3.82
C LYS B 324 8.32 4.16 4.46
N ASP B 325 8.72 4.57 5.67
CA ASP B 325 8.02 5.61 6.38
C ASP B 325 8.45 6.99 5.88
N LEU B 326 7.54 7.95 5.98
CA LEU B 326 7.83 9.33 5.60
C LEU B 326 8.37 10.10 6.79
N ILE B 327 9.38 10.93 6.53
CA ILE B 327 9.99 11.78 7.54
C ILE B 327 9.89 13.23 7.08
N ALA B 328 9.56 14.13 8.00
CA ALA B 328 9.43 15.54 7.71
C ALA B 328 10.31 16.35 8.66
N GLU B 329 11.17 17.18 8.09
CA GLU B 329 11.98 18.12 8.86
C GLU B 329 11.45 19.53 8.67
N ILE B 330 11.49 20.32 9.73
CA ILE B 330 11.01 21.70 9.71
C ILE B 330 12.08 22.61 10.28
N GLN B 331 12.31 23.74 9.61
CA GLN B 331 13.23 24.77 10.09
C GLN B 331 12.47 26.06 10.31
N LYS B 332 12.71 26.70 11.46
CA LYS B 332 12.22 28.05 11.71
C LYS B 332 13.15 29.04 11.05
N GLN B 333 12.65 29.75 10.04
CA GLN B 333 13.45 30.71 9.29
C GLN B 333 13.30 32.13 9.81
N GLY B 334 12.44 32.35 10.80
CA GLY B 334 12.19 33.68 11.30
C GLY B 334 11.21 34.46 10.43
N GLN B 335 10.59 35.47 11.05
CA GLN B 335 9.64 36.34 10.36
C GLN B 335 8.47 35.54 9.79
N GLY B 336 7.95 34.60 10.59
CA GLY B 336 6.82 33.80 10.17
C GLY B 336 7.10 32.83 9.05
N GLN B 337 8.36 32.69 8.63
CA GLN B 337 8.72 31.77 7.56
C GLN B 337 9.10 30.42 8.15
N TRP B 338 8.60 29.36 7.50
CA TRP B 338 8.87 27.99 7.94
C TRP B 338 9.08 27.13 6.71
N THR B 339 10.24 26.47 6.64
CA THR B 339 10.56 25.56 5.56
C THR B 339 10.47 24.12 6.06
N TYR B 340 10.25 23.20 5.11
CA TYR B 340 10.12 21.79 5.45
C TYR B 340 10.56 20.95 4.27
N GLN B 341 11.01 19.73 4.57
CA GLN B 341 11.39 18.76 3.57
C GLN B 341 10.81 17.41 3.97
N ILE B 342 10.32 16.66 2.99
CA ILE B 342 9.75 15.34 3.19
C ILE B 342 10.63 14.32 2.47
N TYR B 343 11.01 13.27 3.17
CA TYR B 343 11.91 12.28 2.60
C TYR B 343 11.74 10.95 3.33
N GLN B 344 12.25 9.90 2.71
CA GLN B 344 12.33 8.57 3.29
C GLN B 344 13.77 8.12 3.51
N GLU B 345 14.66 8.46 2.58
CA GLU B 345 16.10 8.28 2.69
C GLU B 345 16.78 9.64 2.83
N PRO B 346 17.80 9.75 3.68
CA PRO B 346 18.45 11.05 3.87
C PRO B 346 18.97 11.61 2.55
N PHE B 347 18.75 12.92 2.37
CA PHE B 347 19.21 13.70 1.22
C PHE B 347 18.45 13.36 -0.06
N LYS B 348 17.49 12.44 -0.02
CA LYS B 348 16.65 12.12 -1.17
C LYS B 348 15.23 12.64 -0.87
N ASN B 349 15.03 13.92 -1.11
CA ASN B 349 13.79 14.59 -0.73
C ASN B 349 12.69 14.31 -1.75
N LEU B 350 11.53 13.87 -1.26
CA LEU B 350 10.37 13.71 -2.12
C LEU B 350 9.65 15.04 -2.35
N LYS B 351 9.72 15.95 -1.38
CA LYS B 351 9.11 17.26 -1.52
C LYS B 351 9.81 18.23 -0.58
N THR B 352 9.94 19.48 -1.02
CA THR B 352 10.41 20.58 -0.19
C THR B 352 9.45 21.74 -0.35
N GLY B 353 9.13 22.39 0.77
CA GLY B 353 8.16 23.46 0.75
C GLY B 353 8.47 24.54 1.76
N LYS B 354 7.65 25.59 1.75
CA LYS B 354 7.81 26.71 2.66
C LYS B 354 6.44 27.29 2.99
N TYR B 355 6.22 27.58 4.26
CA TYR B 355 5.00 28.21 4.74
C TYR B 355 5.31 29.59 5.30
N ALA B 356 4.35 30.50 5.16
CA ALA B 356 4.52 31.86 5.66
C ALA B 356 3.15 32.45 5.98
N ARG B 357 3.13 33.36 6.94
CA ARG B 357 1.92 34.11 7.31
C ARG B 357 0.82 33.19 7.83
N MET B 358 1.20 32.15 8.57
CA MET B 358 0.22 31.31 9.21
C MET B 358 -0.30 31.96 10.48
N ARG B 359 -1.39 31.41 11.02
CA ARG B 359 -1.93 31.91 12.27
C ARG B 359 -0.86 31.87 13.36
N GLY B 360 -0.75 32.97 14.11
CA GLY B 360 0.27 33.11 15.12
C GLY B 360 1.56 33.73 14.64
N ALA B 361 1.65 34.10 13.38
CA ALA B 361 2.87 34.70 12.86
C ALA B 361 3.19 35.99 13.60
N HIS B 362 4.43 36.11 14.05
CA HIS B 362 5.00 37.30 14.70
C HIS B 362 4.63 37.37 16.18
N THR B 363 3.85 36.43 16.70
CA THR B 363 3.52 36.44 18.13
C THR B 363 3.63 35.08 18.80
N ASN B 364 3.45 33.96 18.10
CA ASN B 364 3.38 32.65 18.74
C ASN B 364 4.07 31.61 17.88
N ASP B 365 5.26 31.18 18.30
CA ASP B 365 5.99 30.17 17.55
C ASP B 365 5.32 28.81 17.60
N VAL B 366 4.76 28.44 18.76
CA VAL B 366 4.19 27.11 18.91
C VAL B 366 2.94 26.96 18.05
N LYS B 367 2.13 28.02 17.96
CA LYS B 367 0.94 27.95 17.11
C LYS B 367 1.32 27.82 15.64
N GLN B 368 2.34 28.57 15.20
CA GLN B 368 2.78 28.47 13.82
C GLN B 368 3.31 27.08 13.51
N LEU B 369 4.10 26.51 14.43
CA LEU B 369 4.64 25.17 14.20
C LEU B 369 3.55 24.13 14.23
N THR B 370 2.61 24.24 15.18
CA THR B 370 1.47 23.33 15.18
C THR B 370 0.72 23.42 13.86
N GLU B 371 0.50 24.63 13.35
CA GLU B 371 -0.14 24.78 12.05
C GLU B 371 0.67 24.12 10.96
N ALA B 372 1.99 24.32 10.97
CA ALA B 372 2.84 23.73 9.93
C ALA B 372 2.79 22.21 9.99
N VAL B 373 2.81 21.63 11.19
CA VAL B 373 2.71 20.19 11.32
C VAL B 373 1.42 19.68 10.70
N GLN B 374 0.32 20.39 10.93
CA GLN B 374 -0.97 19.97 10.39
C GLN B 374 -1.02 20.14 8.88
N LYS B 375 -0.49 21.25 8.37
CA LYS B 375 -0.44 21.46 6.94
C LYS B 375 0.36 20.37 6.24
N ILE B 376 1.54 20.05 6.78
CA ILE B 376 2.41 19.07 6.15
C ILE B 376 1.79 17.67 6.20
N THR B 377 1.16 17.33 7.32
CA THR B 377 0.49 16.04 7.42
C THR B 377 -0.62 15.92 6.38
N THR B 378 -1.46 16.96 6.27
CA THR B 378 -2.53 16.94 5.27
C THR B 378 -1.98 16.71 3.87
N GLU B 379 -0.87 17.36 3.52
CA GLU B 379 -0.30 17.19 2.20
C GLU B 379 0.24 15.77 2.01
N SER B 380 0.82 15.19 3.05
CA SER B 380 1.34 13.83 2.94
C SER B 380 0.21 12.82 2.76
N ILE B 381 -0.93 13.06 3.42
CA ILE B 381 -2.07 12.17 3.25
C ILE B 381 -2.61 12.26 1.83
N VAL B 382 -2.71 13.47 1.29
CA VAL B 382 -3.25 13.64 -0.06
C VAL B 382 -2.29 13.07 -1.09
N ILE B 383 -0.99 13.23 -0.88
CA ILE B 383 -0.01 12.85 -1.90
C ILE B 383 0.36 11.38 -1.81
N TRP B 384 0.55 10.85 -0.59
CA TRP B 384 1.00 9.48 -0.42
C TRP B 384 0.08 8.64 0.46
N GLY B 385 -0.95 9.23 1.07
CA GLY B 385 -1.77 8.47 1.99
C GLY B 385 -1.05 8.02 3.23
N LYS B 386 0.03 8.69 3.60
CA LYS B 386 0.79 8.37 4.81
C LYS B 386 1.00 9.64 5.63
N THR B 387 1.02 9.47 6.94
CA THR B 387 1.47 10.63 7.71
C THR B 387 2.95 10.48 8.05
N PRO B 388 3.73 11.55 7.93
CA PRO B 388 5.16 11.45 8.20
C PRO B 388 5.47 11.56 9.69
N LYS B 389 6.63 11.04 10.07
CA LYS B 389 7.19 11.27 11.39
C LYS B 389 7.97 12.58 11.36
N PHE B 390 7.64 13.48 12.28
CA PHE B 390 8.18 14.84 12.25
C PHE B 390 9.41 14.97 13.15
N LYS B 391 10.36 15.76 12.66
CA LYS B 391 11.49 16.24 13.45
C LYS B 391 11.23 17.70 13.77
N LEU B 392 10.92 17.99 15.03
CA LEU B 392 10.42 19.33 15.37
C LEU B 392 11.55 20.20 15.91
N PRO B 393 11.72 21.47 15.35
CA PRO B 393 12.73 22.40 15.89
C PRO B 393 12.22 23.10 17.14
N ILE B 394 12.23 22.37 18.25
CA ILE B 394 11.67 22.88 19.50
C ILE B 394 12.10 22.00 20.65
N GLN B 395 12.16 22.59 21.85
CA GLN B 395 12.50 21.84 23.05
C GLN B 395 11.29 21.03 23.51
N LYS B 396 11.54 19.78 23.90
CA LYS B 396 10.46 18.84 24.19
C LYS B 396 9.43 19.43 25.15
N GLU B 397 9.89 19.94 26.29
CA GLU B 397 8.95 20.45 27.29
C GLU B 397 8.13 21.61 26.74
N THR B 398 8.72 22.45 25.88
CA THR B 398 7.97 23.58 25.33
C THR B 398 6.84 23.10 24.42
N TRP B 399 7.15 22.17 23.50
CA TRP B 399 6.11 21.63 22.63
C TRP B 399 5.03 20.93 23.44
N GLU B 400 5.41 20.06 24.38
CA GLU B 400 4.44 19.30 25.13
C GLU B 400 3.54 20.18 25.99
N THR B 401 4.01 21.37 26.36
CA THR B 401 3.21 22.25 27.22
C THR B 401 2.09 22.94 26.46
N TRP B 402 2.23 23.15 25.15
CA TRP B 402 1.34 24.04 24.43
C TRP B 402 0.65 23.43 23.21
N TRP B 403 1.12 22.31 22.67
CA TRP B 403 0.66 21.91 21.34
C TRP B 403 -0.81 21.52 21.32
N THR B 404 -1.35 21.01 22.44
CA THR B 404 -2.76 20.64 22.44
C THR B 404 -3.67 21.87 22.40
N GLU B 405 -3.19 23.02 22.86
CA GLU B 405 -4.00 24.23 22.83
C GLU B 405 -4.32 24.69 21.41
N TYR B 406 -3.55 24.25 20.42
CA TYR B 406 -3.72 24.70 19.05
C TYR B 406 -3.98 23.57 18.07
N TRP B 407 -4.09 22.34 18.54
CA TRP B 407 -4.33 21.22 17.62
C TRP B 407 -5.77 21.27 17.13
N GLN B 408 -5.94 21.08 15.82
CA GLN B 408 -7.25 21.21 15.19
C GLN B 408 -7.54 20.06 14.24
N ALA B 409 -6.79 18.97 14.32
CA ALA B 409 -6.98 17.80 13.47
C ALA B 409 -7.44 16.61 14.32
N THR B 410 -8.05 15.64 13.64
CA THR B 410 -8.55 14.45 14.29
C THR B 410 -7.51 13.33 14.39
N TRP B 411 -6.37 13.48 13.73
CA TRP B 411 -5.25 12.56 13.85
C TRP B 411 -4.06 13.26 14.51
N ILE B 412 -3.08 12.46 14.92
CA ILE B 412 -1.87 12.97 15.57
C ILE B 412 -0.66 12.27 14.98
N PRO B 413 0.26 12.99 14.35
CA PRO B 413 1.43 12.34 13.76
C PRO B 413 2.50 12.04 14.79
N GLU B 414 3.41 11.15 14.40
CA GLU B 414 4.59 10.86 15.19
C GLU B 414 5.56 12.04 15.11
N TRP B 415 6.29 12.30 16.20
CA TRP B 415 7.25 13.38 16.18
C TRP B 415 8.40 13.09 17.13
N GLU B 416 9.52 13.75 16.85
CA GLU B 416 10.68 13.76 17.72
C GLU B 416 11.23 15.19 17.73
N PHE B 417 12.18 15.45 18.62
CA PHE B 417 12.64 16.81 18.88
C PHE B 417 14.11 16.93 18.51
N VAL B 418 14.42 17.94 17.69
CA VAL B 418 15.76 18.18 17.19
C VAL B 418 16.17 19.61 17.49
N ASN B 419 17.48 19.83 17.55
CA ASN B 419 18.05 21.16 17.75
C ASN B 419 19.22 21.31 16.79
N THR B 420 18.99 21.97 15.66
CA THR B 420 19.99 22.13 14.63
C THR B 420 20.25 23.61 14.37
N PRO B 421 21.30 24.18 14.97
CA PRO B 421 21.62 25.59 14.71
C PRO B 421 21.84 25.83 13.23
N PRO B 422 21.37 26.96 12.70
CA PRO B 422 21.56 27.23 11.27
C PRO B 422 22.92 27.81 10.95
N LEU B 423 23.84 26.96 10.50
CA LEU B 423 25.15 27.43 10.07
C LEU B 423 25.09 28.00 8.65
N VAL B 424 24.34 27.34 7.77
CA VAL B 424 24.19 27.77 6.38
C VAL B 424 22.71 27.93 6.10
N LYS B 425 22.34 29.05 5.47
CA LYS B 425 20.96 29.28 5.08
C LYS B 425 20.74 28.53 3.77
N LEU B 426 20.37 27.26 3.89
CA LEU B 426 20.25 26.38 2.74
C LEU B 426 18.88 26.47 2.07
N TRP B 427 17.82 26.31 2.84
CA TRP B 427 16.47 26.23 2.28
C TRP B 427 15.80 27.59 2.14
N TYR B 428 16.39 28.65 2.70
CA TYR B 428 15.77 29.97 2.65
C TYR B 428 16.86 31.03 2.69
N GLN B 429 16.81 31.97 1.73
CA GLN B 429 17.78 33.04 1.67
C GLN B 429 17.60 34.03 2.81
N PRO C 1 -24.12 -58.53 -9.04
CA PRO C 1 -24.60 -57.95 -10.30
C PRO C 1 -24.01 -56.58 -10.58
N ILE C 2 -23.11 -56.50 -11.56
CA ILE C 2 -22.43 -55.26 -11.91
C ILE C 2 -23.29 -54.49 -12.90
N SER C 3 -23.12 -53.15 -12.92
CA SER C 3 -23.86 -52.31 -13.84
C SER C 3 -23.11 -52.18 -15.16
N PRO C 4 -23.78 -52.39 -16.30
CA PRO C 4 -23.11 -52.29 -17.60
C PRO C 4 -22.95 -50.84 -18.02
N ILE C 5 -21.76 -50.49 -18.50
CA ILE C 5 -21.52 -49.16 -19.04
C ILE C 5 -21.95 -49.14 -20.50
N GLU C 6 -22.79 -48.17 -20.86
CA GLU C 6 -23.22 -48.06 -22.25
C GLU C 6 -22.02 -47.79 -23.13
N THR C 7 -21.90 -48.57 -24.21
CA THR C 7 -20.76 -48.43 -25.10
C THR C 7 -20.85 -47.12 -25.89
N VAL C 8 -19.69 -46.59 -26.25
CA VAL C 8 -19.59 -45.35 -27.01
C VAL C 8 -19.43 -45.72 -28.48
N PRO C 9 -20.30 -45.24 -29.37
CA PRO C 9 -20.15 -45.57 -30.79
C PRO C 9 -18.82 -45.06 -31.33
N VAL C 10 -18.09 -45.94 -32.00
CA VAL C 10 -16.78 -45.62 -32.57
C VAL C 10 -16.75 -46.10 -34.01
N LYS C 11 -16.26 -45.25 -34.90
CA LYS C 11 -16.19 -45.54 -36.33
C LYS C 11 -14.79 -45.25 -36.83
N LEU C 12 -14.49 -45.76 -38.02
CA LEU C 12 -13.25 -45.40 -38.69
C LEU C 12 -13.41 -44.08 -39.43
N LYS C 13 -12.29 -43.50 -39.81
CA LYS C 13 -12.33 -42.28 -40.62
C LYS C 13 -12.92 -42.59 -41.98
N PRO C 14 -13.71 -41.69 -42.55
CA PRO C 14 -14.36 -41.98 -43.83
C PRO C 14 -13.34 -42.38 -44.89
N GLY C 15 -13.70 -43.40 -45.68
CA GLY C 15 -12.83 -43.87 -46.73
C GLY C 15 -11.57 -44.57 -46.26
N MET C 16 -11.54 -45.02 -45.01
CA MET C 16 -10.38 -45.70 -44.46
C MET C 16 -10.79 -47.06 -43.91
N ASP C 17 -9.88 -48.03 -44.01
CA ASP C 17 -10.11 -49.39 -43.55
C ASP C 17 -9.21 -49.70 -42.36
N GLY C 18 -9.53 -50.82 -41.69
CA GLY C 18 -8.82 -51.22 -40.49
C GLY C 18 -7.34 -51.44 -40.69
N PRO C 19 -6.61 -51.62 -39.59
CA PRO C 19 -5.16 -51.80 -39.70
C PRO C 19 -4.79 -53.23 -40.05
N LYS C 20 -3.82 -53.37 -40.96
CA LYS C 20 -3.30 -54.67 -41.36
C LYS C 20 -1.78 -54.54 -41.49
N VAL C 21 -1.06 -54.91 -40.43
CA VAL C 21 0.38 -54.73 -40.36
C VAL C 21 1.04 -56.08 -40.07
N LYS C 22 2.31 -56.18 -40.44
CA LYS C 22 3.06 -57.42 -40.21
C LYS C 22 3.62 -57.45 -38.79
N GLN C 23 4.60 -58.32 -38.55
CA GLN C 23 5.11 -58.56 -37.21
C GLN C 23 6.63 -58.58 -37.22
N TRP C 24 7.24 -58.02 -36.17
CA TRP C 24 8.67 -58.22 -36.03
C TRP C 24 8.96 -59.43 -35.15
N PRO C 25 10.12 -60.06 -35.32
CA PRO C 25 10.47 -61.22 -34.48
C PRO C 25 10.55 -60.84 -33.01
N LEU C 26 9.91 -61.64 -32.17
CA LEU C 26 9.91 -61.45 -30.72
C LEU C 26 10.61 -62.62 -30.05
N THR C 27 11.39 -62.32 -29.01
CA THR C 27 12.05 -63.37 -28.25
C THR C 27 11.04 -64.12 -27.38
N GLU C 28 11.35 -65.40 -27.13
CA GLU C 28 10.42 -66.23 -26.37
C GLU C 28 10.18 -65.69 -24.97
N GLU C 29 11.17 -65.03 -24.38
CA GLU C 29 10.98 -64.44 -23.05
C GLU C 29 9.77 -63.53 -23.04
N LYS C 30 9.56 -62.78 -24.12
CA LYS C 30 8.39 -61.92 -24.23
C LYS C 30 7.17 -62.69 -24.70
N ILE C 31 7.35 -63.61 -25.64
CA ILE C 31 6.25 -64.43 -26.12
C ILE C 31 5.60 -65.18 -24.96
N LYS C 32 6.40 -65.58 -23.96
CA LYS C 32 5.85 -66.33 -22.83
C LYS C 32 4.91 -65.46 -22.01
N ALA C 33 5.41 -64.34 -21.49
CA ALA C 33 4.61 -63.49 -20.62
C ALA C 33 3.35 -62.97 -21.31
N LEU C 34 3.35 -62.93 -22.64
CA LEU C 34 2.19 -62.38 -23.35
C LEU C 34 0.98 -63.30 -23.22
N VAL C 35 1.16 -64.60 -23.47
CA VAL C 35 0.05 -65.54 -23.41
C VAL C 35 -0.55 -65.64 -22.01
N GLU C 36 0.22 -65.30 -20.98
CA GLU C 36 -0.30 -65.36 -19.62
C GLU C 36 -1.40 -64.34 -19.39
N ILE C 37 -1.23 -63.12 -19.92
CA ILE C 37 -2.23 -62.09 -19.73
C ILE C 37 -3.48 -62.39 -20.55
N CYS C 38 -3.32 -63.02 -21.72
CA CYS C 38 -4.47 -63.35 -22.55
C CYS C 38 -5.46 -64.22 -21.79
N THR C 39 -4.97 -65.21 -21.04
CA THR C 39 -5.86 -66.07 -20.28
C THR C 39 -6.52 -65.31 -19.14
N GLU C 40 -5.78 -64.40 -18.49
CA GLU C 40 -6.36 -63.59 -17.43
C GLU C 40 -7.52 -62.76 -17.94
N MET C 41 -7.36 -62.15 -19.12
CA MET C 41 -8.44 -61.35 -19.68
C MET C 41 -9.56 -62.22 -20.24
N GLU C 42 -9.24 -63.39 -20.78
CA GLU C 42 -10.27 -64.29 -21.29
C GLU C 42 -11.16 -64.79 -20.16
N LYS C 43 -10.55 -65.22 -19.05
CA LYS C 43 -11.34 -65.63 -17.89
C LYS C 43 -12.15 -64.46 -17.34
N GLU C 44 -11.48 -63.32 -17.12
CA GLU C 44 -12.18 -62.15 -16.62
C GLU C 44 -13.20 -61.62 -17.62
N GLY C 45 -13.09 -61.99 -18.89
CA GLY C 45 -14.01 -61.53 -19.91
C GLY C 45 -13.55 -60.34 -20.72
N LYS C 46 -12.27 -59.94 -20.60
CA LYS C 46 -11.80 -58.76 -21.28
C LYS C 46 -11.48 -59.00 -22.76
N ILE C 47 -11.23 -60.23 -23.17
CA ILE C 47 -10.82 -60.51 -24.53
C ILE C 47 -11.41 -61.84 -24.98
N SER C 48 -11.79 -61.90 -26.26
CA SER C 48 -12.22 -63.13 -26.91
C SER C 48 -11.30 -63.41 -28.09
N LYS C 49 -11.12 -64.69 -28.41
CA LYS C 49 -10.17 -65.07 -29.44
C LYS C 49 -10.83 -65.05 -30.81
N ILE C 50 -10.06 -64.62 -31.81
CA ILE C 50 -10.51 -64.54 -33.19
C ILE C 50 -9.64 -65.44 -34.04
N GLY C 51 -10.17 -65.86 -35.18
CA GLY C 51 -9.49 -66.80 -36.03
C GLY C 51 -9.26 -66.29 -37.45
N PRO C 52 -9.83 -67.00 -38.43
CA PRO C 52 -9.66 -66.59 -39.83
C PRO C 52 -10.59 -65.46 -40.27
N GLU C 53 -11.73 -65.26 -39.61
CA GLU C 53 -12.68 -64.26 -40.05
C GLU C 53 -12.31 -62.84 -39.67
N ASN C 54 -11.12 -62.61 -39.11
CA ASN C 54 -10.69 -61.27 -38.78
C ASN C 54 -9.51 -60.89 -39.68
N PRO C 55 -9.69 -59.99 -40.65
CA PRO C 55 -8.58 -59.65 -41.55
C PRO C 55 -7.60 -58.63 -40.99
N TYR C 56 -7.92 -58.00 -39.86
CA TYR C 56 -7.10 -56.92 -39.33
C TYR C 56 -6.02 -57.45 -38.39
N ASN C 57 -4.99 -56.61 -38.19
CA ASN C 57 -3.90 -56.95 -37.29
C ASN C 57 -3.10 -55.70 -36.96
N THR C 58 -2.50 -55.69 -35.77
CA THR C 58 -1.66 -54.61 -35.29
C THR C 58 -0.45 -55.19 -34.57
N PRO C 59 0.74 -54.66 -34.81
CA PRO C 59 1.96 -55.23 -34.19
C PRO C 59 1.93 -55.13 -32.67
N VAL C 60 2.70 -56.00 -32.03
CA VAL C 60 2.81 -56.05 -30.58
C VAL C 60 4.27 -56.22 -30.19
N PHE C 61 4.62 -55.69 -29.02
CA PHE C 61 5.94 -55.86 -28.45
C PHE C 61 5.85 -55.57 -26.95
N ALA C 62 6.99 -55.58 -26.27
CA ALA C 62 7.00 -55.38 -24.83
C ALA C 62 8.36 -54.83 -24.40
N ILE C 63 8.35 -54.10 -23.29
CA ILE C 63 9.57 -53.57 -22.69
C ILE C 63 9.51 -53.78 -21.18
N LYS C 64 10.69 -53.82 -20.57
CA LYS C 64 10.82 -54.12 -19.16
C LYS C 64 10.40 -52.92 -18.31
N LYS C 65 9.61 -53.18 -17.27
CA LYS C 65 9.28 -52.14 -16.31
C LYS C 65 10.48 -51.81 -15.45
N LYS C 66 10.57 -50.54 -15.03
CA LYS C 66 11.75 -50.05 -14.33
C LYS C 66 12.04 -50.84 -13.06
N ASP C 67 13.13 -51.60 -13.07
CA ASP C 67 13.60 -52.35 -11.91
C ASP C 67 12.49 -53.24 -11.34
N SER C 68 11.76 -53.90 -12.24
CA SER C 68 10.73 -54.84 -11.84
C SER C 68 10.82 -56.10 -12.68
N THR C 69 10.48 -57.23 -12.08
CA THR C 69 10.48 -58.50 -12.80
C THR C 69 9.33 -58.61 -13.80
N LYS C 70 8.40 -57.67 -13.78
CA LYS C 70 7.21 -57.75 -14.63
C LYS C 70 7.49 -57.15 -15.99
N TRP C 71 6.98 -57.82 -17.03
CA TRP C 71 7.08 -57.34 -18.40
C TRP C 71 5.78 -56.64 -18.79
N ARG C 72 5.92 -55.50 -19.46
CA ARG C 72 4.78 -54.68 -19.86
C ARG C 72 4.40 -54.96 -21.31
N LYS C 73 3.13 -55.28 -21.55
CA LYS C 73 2.63 -55.53 -22.88
C LYS C 73 1.89 -54.29 -23.39
N LEU C 74 2.15 -53.93 -24.63
CA LEU C 74 1.52 -52.77 -25.24
C LEU C 74 1.48 -52.96 -26.75
N VAL C 75 0.46 -52.39 -27.38
CA VAL C 75 0.23 -52.55 -28.81
C VAL C 75 0.55 -51.23 -29.50
N ASP C 76 1.32 -51.31 -30.58
CA ASP C 76 1.72 -50.13 -31.36
C ASP C 76 0.61 -49.84 -32.36
N PHE C 77 -0.38 -49.07 -31.92
CA PHE C 77 -1.55 -48.74 -32.73
C PHE C 77 -1.32 -47.53 -33.63
N ARG C 78 -0.07 -47.19 -33.94
CA ARG C 78 0.18 -46.00 -34.74
C ARG C 78 -0.55 -46.06 -36.08
N GLU C 79 -0.69 -47.25 -36.67
CA GLU C 79 -1.42 -47.38 -37.92
C GLU C 79 -2.92 -47.33 -37.69
N LEU C 80 -3.41 -48.01 -36.65
CA LEU C 80 -4.84 -47.95 -36.32
C LEU C 80 -5.24 -46.54 -35.90
N ASN C 81 -4.35 -45.83 -35.19
CA ASN C 81 -4.66 -44.47 -34.78
C ASN C 81 -4.87 -43.56 -35.98
N LYS C 82 -4.10 -43.78 -37.05
CA LYS C 82 -4.27 -42.99 -38.27
C LYS C 82 -5.65 -43.19 -38.88
N ARG C 83 -6.21 -44.40 -38.76
CA ARG C 83 -7.46 -44.75 -39.39
C ARG C 83 -8.68 -44.55 -38.50
N THR C 84 -8.49 -44.20 -37.23
CA THR C 84 -9.59 -44.05 -36.29
C THR C 84 -10.20 -42.65 -36.33
N GLN C 85 -11.49 -42.57 -36.02
CA GLN C 85 -12.19 -41.30 -36.00
C GLN C 85 -11.59 -40.36 -34.97
N ASP C 86 -11.73 -39.06 -35.23
CA ASP C 86 -11.27 -38.04 -34.29
C ASP C 86 -12.25 -37.89 -33.13
N PHE C 87 -11.69 -37.71 -31.93
CA PHE C 87 -12.45 -37.46 -30.71
C PHE C 87 -12.18 -36.05 -30.21
N TRP C 88 -13.12 -35.51 -29.43
CA TRP C 88 -12.92 -34.25 -28.72
C TRP C 88 -12.57 -34.56 -27.27
N GLU C 89 -11.34 -34.23 -26.89
CA GLU C 89 -10.85 -34.52 -25.54
C GLU C 89 -11.59 -33.68 -24.52
N VAL C 90 -12.02 -34.31 -23.42
CA VAL C 90 -12.57 -33.59 -22.28
C VAL C 90 -11.48 -33.24 -21.27
N GLN C 91 -10.26 -33.69 -21.49
CA GLN C 91 -9.11 -33.33 -20.65
C GLN C 91 -8.60 -31.97 -21.10
N LEU C 92 -8.93 -30.93 -20.34
CA LEU C 92 -8.59 -29.57 -20.73
C LEU C 92 -7.34 -29.03 -20.06
N GLY C 93 -6.93 -29.61 -18.94
CA GLY C 93 -5.76 -29.13 -18.24
C GLY C 93 -5.39 -30.04 -17.09
N ILE C 94 -4.30 -29.70 -16.43
CA ILE C 94 -3.79 -30.47 -15.30
C ILE C 94 -4.17 -29.75 -14.01
N PRO C 95 -4.81 -30.41 -13.06
CA PRO C 95 -5.12 -29.77 -11.78
C PRO C 95 -3.84 -29.41 -11.03
N HIS C 96 -3.93 -28.39 -10.19
CA HIS C 96 -2.76 -27.93 -9.45
C HIS C 96 -3.09 -27.84 -7.96
N PRO C 97 -2.16 -28.28 -7.11
CA PRO C 97 -2.44 -28.27 -5.66
C PRO C 97 -2.70 -26.88 -5.11
N ALA C 98 -2.13 -25.84 -5.72
CA ALA C 98 -2.35 -24.48 -5.23
C ALA C 98 -3.80 -24.05 -5.35
N GLY C 99 -4.58 -24.71 -6.20
CA GLY C 99 -5.99 -24.44 -6.33
C GLY C 99 -6.90 -25.25 -5.42
N LEU C 100 -6.32 -26.19 -4.67
CA LEU C 100 -7.10 -27.03 -3.77
C LEU C 100 -7.43 -26.25 -2.50
N LYS C 101 -8.70 -26.30 -2.09
CA LYS C 101 -9.05 -25.77 -0.78
C LYS C 101 -8.58 -26.73 0.31
N LYS C 102 -8.17 -26.16 1.43
CA LYS C 102 -7.66 -26.96 2.54
C LYS C 102 -8.79 -27.77 3.14
N LYS C 103 -8.58 -29.08 3.26
CA LYS C 103 -9.59 -30.00 3.77
C LYS C 103 -9.10 -30.69 5.04
N LYS C 104 -10.02 -30.85 5.99
CA LYS C 104 -9.68 -31.52 7.26
C LYS C 104 -9.37 -32.99 7.03
N SER C 105 -10.15 -33.66 6.19
CA SER C 105 -9.95 -35.07 5.88
C SER C 105 -9.74 -35.24 4.38
N VAL C 106 -8.76 -36.07 4.02
CA VAL C 106 -8.37 -36.26 2.62
C VAL C 106 -8.14 -37.74 2.36
N THR C 107 -8.46 -38.17 1.13
CA THR C 107 -8.24 -39.54 0.69
C THR C 107 -7.81 -39.52 -0.77
N VAL C 108 -6.90 -40.43 -1.12
CA VAL C 108 -6.41 -40.57 -2.49
C VAL C 108 -6.48 -42.04 -2.87
N LEU C 109 -7.26 -42.35 -3.90
CA LEU C 109 -7.41 -43.73 -4.37
C LEU C 109 -7.38 -43.76 -5.89
N ASP C 110 -7.09 -44.94 -6.42
CA ASP C 110 -7.05 -45.16 -7.86
C ASP C 110 -7.96 -46.31 -8.23
N VAL C 111 -8.38 -46.34 -9.50
CA VAL C 111 -9.21 -47.41 -10.02
C VAL C 111 -8.32 -48.47 -10.65
N GLY C 112 -8.56 -49.73 -10.30
CA GLY C 112 -7.76 -50.82 -10.84
C GLY C 112 -8.20 -51.17 -12.25
N ASP C 113 -7.25 -51.27 -13.16
CA ASP C 113 -7.50 -51.57 -14.57
C ASP C 113 -8.65 -50.73 -15.11
N ALA C 114 -8.34 -49.44 -15.30
CA ALA C 114 -9.33 -48.49 -15.78
C ALA C 114 -9.75 -48.81 -17.22
N TYR C 115 -8.79 -48.82 -18.15
CA TYR C 115 -9.11 -49.07 -19.55
C TYR C 115 -9.88 -50.36 -19.74
N PHE C 116 -9.56 -51.39 -18.95
CA PHE C 116 -10.10 -52.72 -19.13
C PHE C 116 -11.43 -52.95 -18.45
N SER C 117 -11.98 -51.95 -17.77
CA SER C 117 -13.31 -52.04 -17.17
C SER C 117 -14.36 -51.28 -17.97
N VAL C 118 -14.03 -50.86 -19.18
CA VAL C 118 -14.91 -50.08 -20.04
C VAL C 118 -15.22 -50.92 -21.28
N PRO C 119 -16.48 -51.25 -21.55
CA PRO C 119 -16.79 -52.11 -22.70
C PRO C 119 -16.54 -51.39 -24.01
N LEU C 120 -15.71 -51.98 -24.86
CA LEU C 120 -15.46 -51.42 -26.18
C LEU C 120 -16.68 -51.60 -27.07
N ASP C 121 -16.73 -50.79 -28.12
CA ASP C 121 -17.85 -50.86 -29.07
C ASP C 121 -17.80 -52.19 -29.81
N GLU C 122 -18.95 -52.85 -29.92
CA GLU C 122 -19.02 -54.16 -30.55
C GLU C 122 -18.42 -54.15 -31.95
N ASP C 123 -18.81 -53.17 -32.78
CA ASP C 123 -18.42 -53.19 -34.18
C ASP C 123 -16.96 -52.83 -34.41
N PHE C 124 -16.30 -52.22 -33.43
CA PHE C 124 -14.92 -51.77 -33.63
C PHE C 124 -13.88 -52.75 -33.10
N ARG C 125 -14.29 -53.73 -32.30
CA ARG C 125 -13.33 -54.66 -31.71
C ARG C 125 -12.58 -55.45 -32.77
N LYS C 126 -13.16 -55.62 -33.96
CA LYS C 126 -12.51 -56.41 -35.00
C LYS C 126 -11.20 -55.76 -35.46
N TYR C 127 -11.12 -54.44 -35.37
CA TYR C 127 -9.93 -53.72 -35.83
C TYR C 127 -8.78 -53.77 -34.84
N THR C 128 -9.04 -54.15 -33.59
CA THR C 128 -8.01 -54.24 -32.56
C THR C 128 -7.19 -55.53 -32.63
N ALA C 129 -7.30 -56.29 -33.72
CA ALA C 129 -6.60 -57.56 -33.83
C ALA C 129 -5.09 -57.35 -33.74
N PHE C 130 -4.40 -58.36 -33.21
CA PHE C 130 -2.95 -58.32 -33.04
C PHE C 130 -2.42 -59.74 -33.03
N THR C 131 -1.16 -59.88 -33.42
CA THR C 131 -0.52 -61.19 -33.58
C THR C 131 0.76 -61.26 -32.75
N ILE C 132 0.97 -62.41 -32.12
CA ILE C 132 2.21 -62.72 -31.41
C ILE C 132 2.95 -63.78 -32.21
N PRO C 133 4.28 -63.68 -32.37
CA PRO C 133 5.02 -64.74 -33.05
C PRO C 133 5.00 -66.03 -32.25
N SER C 134 4.56 -67.11 -32.88
CA SER C 134 4.51 -68.42 -32.24
C SER C 134 5.92 -68.97 -32.04
N ILE C 135 6.58 -69.34 -33.13
CA ILE C 135 7.95 -69.83 -33.11
C ILE C 135 8.68 -69.12 -34.24
N ASN C 136 9.20 -67.92 -33.95
CA ASN C 136 9.88 -67.10 -34.94
C ASN C 136 8.96 -66.82 -36.13
N ASN C 137 7.67 -66.62 -35.83
CA ASN C 137 6.64 -66.31 -36.81
C ASN C 137 6.47 -67.41 -37.85
N GLU C 138 7.05 -68.59 -37.62
CA GLU C 138 6.89 -69.69 -38.56
C GLU C 138 5.45 -70.18 -38.62
N THR C 139 4.88 -70.49 -37.47
CA THR C 139 3.52 -71.01 -37.39
C THR C 139 2.57 -69.97 -36.82
N PRO C 140 1.27 -70.11 -37.08
CA PRO C 140 0.30 -69.12 -36.59
C PRO C 140 0.46 -68.84 -35.09
N GLY C 141 0.57 -67.56 -34.76
CA GLY C 141 0.52 -67.13 -33.38
C GLY C 141 -0.91 -66.94 -32.93
N ILE C 142 -1.08 -66.70 -31.63
CA ILE C 142 -2.41 -66.55 -31.07
C ILE C 142 -2.91 -65.15 -31.40
N ARG C 143 -4.11 -65.07 -31.97
CA ARG C 143 -4.74 -63.81 -32.35
C ARG C 143 -5.84 -63.48 -31.37
N TYR C 144 -6.09 -62.18 -31.19
CA TYR C 144 -7.08 -61.73 -30.23
C TYR C 144 -7.69 -60.42 -30.69
N GLN C 145 -8.84 -60.10 -30.12
CA GLN C 145 -9.49 -58.81 -30.31
C GLN C 145 -9.88 -58.27 -28.94
N TYR C 146 -9.80 -56.95 -28.81
CA TYR C 146 -10.07 -56.30 -27.52
C TYR C 146 -11.56 -56.17 -27.29
N ASN C 147 -12.01 -56.55 -26.09
CA ASN C 147 -13.35 -56.27 -25.62
C ASN C 147 -13.41 -55.03 -24.74
N VAL C 148 -12.28 -54.37 -24.52
CA VAL C 148 -12.18 -53.20 -23.67
C VAL C 148 -11.20 -52.22 -24.32
N LEU C 149 -11.02 -51.08 -23.68
CA LEU C 149 -10.12 -50.05 -24.21
C LEU C 149 -8.67 -50.50 -24.04
N PRO C 150 -7.91 -50.67 -25.13
CA PRO C 150 -6.50 -51.04 -24.99
C PRO C 150 -5.61 -49.82 -24.85
N GLN C 151 -4.43 -50.05 -24.27
CA GLN C 151 -3.45 -49.00 -24.11
C GLN C 151 -2.74 -48.75 -25.43
N GLY C 152 -2.62 -47.48 -25.81
CA GLY C 152 -2.01 -47.09 -27.07
C GLY C 152 -2.98 -46.66 -28.14
N TRP C 153 -4.29 -46.83 -27.93
CA TRP C 153 -5.28 -46.42 -28.91
C TRP C 153 -5.68 -44.97 -28.63
N LYS C 154 -5.69 -44.14 -29.67
CA LYS C 154 -5.87 -42.71 -29.47
C LYS C 154 -7.23 -42.37 -28.87
N GLY C 155 -8.21 -43.27 -28.97
CA GLY C 155 -9.52 -43.04 -28.39
C GLY C 155 -9.69 -43.53 -26.98
N SER C 156 -8.75 -44.34 -26.48
CA SER C 156 -8.90 -44.91 -25.14
C SER C 156 -8.94 -43.84 -24.06
N PRO C 157 -8.02 -42.88 -24.01
CA PRO C 157 -8.08 -41.88 -22.93
C PRO C 157 -9.38 -41.09 -22.90
N ALA C 158 -9.82 -40.58 -24.06
CA ALA C 158 -11.03 -39.78 -24.09
C ALA C 158 -12.26 -40.62 -23.73
N ILE C 159 -12.32 -41.85 -24.22
CA ILE C 159 -13.48 -42.69 -23.98
C ILE C 159 -13.58 -43.06 -22.50
N PHE C 160 -12.46 -43.49 -21.91
CA PHE C 160 -12.45 -43.79 -20.48
C PHE C 160 -12.75 -42.55 -19.65
N GLN C 161 -12.09 -41.43 -19.96
CA GLN C 161 -12.26 -40.22 -19.16
C GLN C 161 -13.71 -39.77 -19.14
N SER C 162 -14.38 -39.78 -20.30
CA SER C 162 -15.76 -39.33 -20.35
C SER C 162 -16.70 -40.33 -19.70
N SER C 163 -16.47 -41.62 -19.93
CA SER C 163 -17.25 -42.65 -19.24
C SER C 163 -17.05 -42.57 -17.74
N MET C 164 -15.82 -42.31 -17.29
CA MET C 164 -15.56 -42.18 -15.87
C MET C 164 -16.37 -41.07 -15.23
N THR C 165 -16.64 -39.99 -15.98
CA THR C 165 -17.34 -38.85 -15.40
C THR C 165 -18.83 -39.15 -15.19
N LYS C 166 -19.45 -39.86 -16.13
CA LYS C 166 -20.86 -40.20 -15.99
C LYS C 166 -21.13 -41.00 -14.73
N ILE C 167 -20.16 -41.84 -14.32
CA ILE C 167 -20.33 -42.64 -13.11
C ILE C 167 -20.31 -41.75 -11.87
N LEU C 168 -19.43 -40.75 -11.85
CA LEU C 168 -19.29 -39.89 -10.69
C LEU C 168 -20.45 -38.91 -10.54
N GLU C 169 -21.20 -38.63 -11.60
CA GLU C 169 -22.24 -37.62 -11.56
C GLU C 169 -23.23 -37.82 -10.42
N PRO C 170 -23.83 -38.99 -10.24
CA PRO C 170 -24.81 -39.14 -9.14
C PRO C 170 -24.21 -38.99 -7.76
N PHE C 171 -23.02 -39.54 -7.54
CA PHE C 171 -22.42 -39.50 -6.20
C PHE C 171 -22.08 -38.08 -5.80
N LYS C 172 -21.46 -37.32 -6.71
CA LYS C 172 -21.10 -35.94 -6.37
C LYS C 172 -22.34 -35.08 -6.18
N LYS C 173 -23.37 -35.31 -7.00
CA LYS C 173 -24.62 -34.57 -6.86
C LYS C 173 -25.28 -34.83 -5.52
N GLN C 174 -25.16 -36.06 -5.03
CA GLN C 174 -25.76 -36.47 -3.76
C GLN C 174 -24.84 -36.23 -2.56
N ASN C 175 -23.64 -35.71 -2.77
CA ASN C 175 -22.70 -35.42 -1.68
C ASN C 175 -22.05 -34.06 -1.94
N PRO C 176 -22.83 -32.98 -1.77
CA PRO C 176 -22.27 -31.64 -2.00
C PRO C 176 -21.18 -31.26 -1.01
N ASP C 177 -21.14 -31.90 0.16
CA ASP C 177 -20.11 -31.62 1.15
C ASP C 177 -18.77 -32.25 0.81
N ILE C 178 -18.64 -32.88 -0.36
CA ILE C 178 -17.43 -33.56 -0.75
C ILE C 178 -16.84 -32.88 -1.98
N VAL C 179 -15.53 -33.01 -2.13
CA VAL C 179 -14.80 -32.49 -3.29
C VAL C 179 -14.02 -33.65 -3.88
N ILE C 180 -14.22 -33.90 -5.18
CA ILE C 180 -13.59 -35.02 -5.85
C ILE C 180 -12.87 -34.49 -7.10
N TYR C 181 -11.55 -34.61 -7.11
CA TYR C 181 -10.74 -34.28 -8.27
C TYR C 181 -10.46 -35.57 -9.03
N GLN C 182 -11.13 -35.75 -10.17
CA GLN C 182 -10.97 -36.94 -10.98
C GLN C 182 -10.01 -36.64 -12.13
N TYR C 183 -8.88 -37.34 -12.15
CA TYR C 183 -7.90 -37.25 -13.23
C TYR C 183 -7.69 -38.68 -13.74
N MET C 184 -8.36 -39.01 -14.84
CA MET C 184 -8.34 -40.39 -15.37
C MET C 184 -8.85 -41.28 -14.25
N ASP C 185 -8.10 -42.31 -13.84
CA ASP C 185 -8.46 -43.18 -12.74
C ASP C 185 -8.01 -42.65 -11.38
N ASP C 186 -7.11 -41.67 -11.37
CA ASP C 186 -6.64 -41.10 -10.12
C ASP C 186 -7.67 -40.13 -9.57
N LEU C 187 -8.07 -40.34 -8.32
CA LEU C 187 -9.09 -39.52 -7.67
C LEU C 187 -8.55 -38.89 -6.40
N TYR C 188 -8.93 -37.64 -6.17
CA TYR C 188 -8.65 -36.92 -4.93
C TYR C 188 -9.98 -36.65 -4.25
N VAL C 189 -10.12 -37.11 -3.01
CA VAL C 189 -11.36 -36.99 -2.26
C VAL C 189 -11.04 -36.32 -0.93
N GLY C 190 -11.71 -35.21 -0.66
CA GLY C 190 -11.47 -34.47 0.56
C GLY C 190 -12.76 -33.87 1.09
N SER C 191 -12.80 -33.69 2.40
CA SER C 191 -13.97 -33.09 3.04
C SER C 191 -13.57 -32.52 4.40
N ASP C 192 -14.37 -31.58 4.87
CA ASP C 192 -14.22 -31.01 6.20
C ASP C 192 -15.05 -31.75 7.25
N LEU C 193 -15.51 -32.96 6.93
CA LEU C 193 -16.30 -33.74 7.85
C LEU C 193 -15.41 -34.32 8.95
N GLU C 194 -16.04 -34.86 9.98
CA GLU C 194 -15.30 -35.59 10.99
C GLU C 194 -14.61 -36.79 10.35
N ILE C 195 -13.42 -37.12 10.88
CA ILE C 195 -12.61 -38.16 10.26
C ILE C 195 -13.38 -39.47 10.15
N GLY C 196 -14.32 -39.71 11.06
CA GLY C 196 -15.13 -40.92 10.98
C GLY C 196 -16.07 -40.90 9.78
N GLN C 197 -16.89 -39.85 9.67
CA GLN C 197 -17.80 -39.74 8.54
C GLN C 197 -17.05 -39.73 7.21
N HIS C 198 -15.84 -39.18 7.18
CA HIS C 198 -15.05 -39.18 5.95
C HIS C 198 -14.75 -40.60 5.49
N ARG C 199 -14.21 -41.42 6.39
CA ARG C 199 -13.89 -42.80 6.04
C ARG C 199 -15.16 -43.58 5.68
N THR C 200 -16.30 -43.19 6.22
CA THR C 200 -17.57 -43.81 5.83
C THR C 200 -17.90 -43.48 4.38
N LYS C 201 -17.87 -42.19 4.03
CA LYS C 201 -18.11 -41.80 2.64
C LYS C 201 -17.16 -42.49 1.68
N ILE C 202 -15.90 -42.65 2.07
CA ILE C 202 -14.91 -43.27 1.19
C ILE C 202 -15.35 -44.68 0.79
N GLU C 203 -15.81 -45.46 1.76
CA GLU C 203 -16.24 -46.82 1.44
C GLU C 203 -17.54 -46.83 0.65
N GLU C 204 -18.42 -45.85 0.89
CA GLU C 204 -19.63 -45.73 0.09
C GLU C 204 -19.29 -45.55 -1.39
N LEU C 205 -18.36 -44.64 -1.69
CA LEU C 205 -17.95 -44.43 -3.08
C LEU C 205 -17.20 -45.64 -3.62
N ARG C 206 -16.33 -46.24 -2.81
CA ARG C 206 -15.54 -47.37 -3.30
C ARG C 206 -16.41 -48.53 -3.73
N GLN C 207 -17.53 -48.75 -3.04
CA GLN C 207 -18.49 -49.74 -3.50
C GLN C 207 -19.37 -49.18 -4.61
N HIS C 208 -19.74 -47.90 -4.49
CA HIS C 208 -20.48 -47.24 -5.57
C HIS C 208 -19.77 -47.39 -6.90
N LEU C 209 -18.43 -47.40 -6.89
CA LEU C 209 -17.68 -47.64 -8.12
C LEU C 209 -17.74 -49.12 -8.49
N LEU C 210 -17.66 -50.01 -7.50
CA LEU C 210 -17.68 -51.43 -7.77
C LEU C 210 -18.99 -51.86 -8.42
N ARG C 211 -20.09 -51.13 -8.15
CA ARG C 211 -21.35 -51.48 -8.78
C ARG C 211 -21.22 -51.43 -10.30
N TRP C 212 -20.47 -50.46 -10.81
CA TRP C 212 -20.26 -50.30 -12.24
C TRP C 212 -19.01 -51.03 -12.73
N GLY C 213 -18.42 -51.89 -11.91
CA GLY C 213 -17.30 -52.71 -12.33
C GLY C 213 -15.92 -52.12 -12.13
N LEU C 214 -15.76 -51.15 -11.24
CA LEU C 214 -14.49 -50.47 -11.03
C LEU C 214 -13.89 -50.93 -9.69
N THR C 215 -12.77 -51.64 -9.77
CA THR C 215 -12.08 -52.07 -8.56
C THR C 215 -11.20 -50.96 -8.01
N THR C 216 -10.90 -51.06 -6.73
CA THR C 216 -10.10 -50.05 -6.01
C THR C 216 -9.12 -50.75 -5.08
N PRO C 217 -8.02 -51.27 -5.61
CA PRO C 217 -7.09 -52.03 -4.77
C PRO C 217 -6.53 -51.19 -3.64
N ASP C 218 -6.47 -51.78 -2.44
CA ASP C 218 -5.87 -51.11 -1.30
C ASP C 218 -4.39 -50.86 -1.49
N LYS C 219 -3.76 -51.55 -2.46
CA LYS C 219 -2.37 -51.28 -2.77
C LYS C 219 -2.16 -49.82 -3.18
N LYS C 220 -3.20 -49.18 -3.72
CA LYS C 220 -3.10 -47.78 -4.14
C LYS C 220 -4.12 -46.88 -3.45
N HIS C 221 -4.71 -47.34 -2.34
CA HIS C 221 -5.66 -46.57 -1.57
C HIS C 221 -4.91 -45.87 -0.43
N GLN C 222 -4.84 -44.54 -0.50
CA GLN C 222 -4.13 -43.74 0.49
C GLN C 222 -5.14 -43.02 1.39
N LYS C 223 -5.01 -43.24 2.70
CA LYS C 223 -5.78 -42.50 3.70
C LYS C 223 -4.92 -41.68 4.64
N GLU C 224 -3.60 -41.88 4.65
CA GLU C 224 -2.71 -41.24 5.61
C GLU C 224 -1.71 -40.37 4.86
N PRO C 225 -1.55 -39.09 5.26
CA PRO C 225 -0.57 -38.16 4.70
C PRO C 225 0.87 -38.60 4.92
N PRO C 226 1.81 -38.11 4.10
CA PRO C 226 1.54 -37.19 3.00
C PRO C 226 0.96 -37.91 1.78
N PHE C 227 -0.10 -37.38 1.20
CA PHE C 227 -0.71 -37.97 0.02
C PHE C 227 0.11 -37.63 -1.21
N LEU C 228 0.45 -38.65 -1.99
CA LEU C 228 1.18 -38.48 -3.25
C LEU C 228 0.18 -38.33 -4.38
N TRP C 229 0.15 -37.15 -5.00
CA TRP C 229 -0.90 -36.84 -5.97
C TRP C 229 -0.32 -35.89 -7.03
N MET C 230 -0.42 -36.30 -8.30
CA MET C 230 -0.01 -35.47 -9.43
C MET C 230 1.46 -35.06 -9.34
N GLY C 231 2.27 -35.86 -8.65
CA GLY C 231 3.69 -35.57 -8.52
C GLY C 231 4.06 -34.67 -7.37
N TYR C 232 3.17 -34.46 -6.41
CA TYR C 232 3.43 -33.61 -5.25
C TYR C 232 3.31 -34.43 -3.97
N GLU C 233 3.49 -33.74 -2.84
CA GLU C 233 3.26 -34.31 -1.52
C GLU C 233 2.30 -33.40 -0.77
N LEU C 234 1.16 -33.92 -0.37
CA LEU C 234 0.09 -33.13 0.24
C LEU C 234 0.06 -33.37 1.73
N HIS C 235 0.50 -32.38 2.50
CA HIS C 235 0.37 -32.37 3.94
C HIS C 235 -0.87 -31.60 4.36
N PRO C 236 -1.31 -31.75 5.61
CA PRO C 236 -2.58 -31.11 6.02
C PRO C 236 -2.57 -29.60 5.85
N ASP C 237 -1.45 -28.94 6.12
CA ASP C 237 -1.37 -27.49 6.06
C ASP C 237 -0.43 -26.97 4.97
N LYS C 238 0.30 -27.84 4.29
CA LYS C 238 1.26 -27.41 3.29
C LYS C 238 1.38 -28.48 2.21
N TRP C 239 1.85 -28.08 1.04
CA TRP C 239 2.14 -29.01 -0.05
C TRP C 239 3.53 -28.71 -0.60
N THR C 240 4.09 -29.69 -1.29
CA THR C 240 5.38 -29.53 -1.94
C THR C 240 5.49 -30.53 -3.08
N VAL C 241 6.41 -30.26 -3.99
CA VAL C 241 6.65 -31.15 -5.11
C VAL C 241 7.47 -32.35 -4.65
N GLN C 242 7.27 -33.48 -5.31
CA GLN C 242 8.11 -34.64 -5.06
C GLN C 242 9.55 -34.34 -5.48
N PRO C 243 10.53 -34.88 -4.76
CA PRO C 243 11.92 -34.46 -4.98
C PRO C 243 12.34 -34.57 -6.44
N ILE C 244 13.18 -33.63 -6.86
CA ILE C 244 13.66 -33.54 -8.23
C ILE C 244 15.10 -34.02 -8.29
N VAL C 245 15.46 -34.62 -9.42
CA VAL C 245 16.78 -35.20 -9.61
C VAL C 245 17.59 -34.26 -10.51
N LEU C 246 18.59 -33.60 -9.94
CA LEU C 246 19.44 -32.70 -10.69
C LEU C 246 20.61 -33.47 -11.30
N PRO C 247 20.72 -33.55 -12.62
CA PRO C 247 21.86 -34.25 -13.22
C PRO C 247 23.18 -33.59 -12.85
N GLU C 248 24.10 -34.40 -12.32
CA GLU C 248 25.44 -33.94 -11.96
C GLU C 248 26.48 -34.36 -12.99
N LYS C 249 26.05 -34.84 -14.15
CA LYS C 249 26.97 -35.28 -15.19
C LYS C 249 27.99 -34.20 -15.49
N ASP C 250 29.26 -34.60 -15.57
CA ASP C 250 30.34 -33.65 -15.79
C ASP C 250 30.57 -33.36 -17.28
N SER C 251 30.01 -34.16 -18.17
CA SER C 251 30.07 -33.95 -19.61
C SER C 251 28.64 -33.77 -20.12
N TRP C 252 28.31 -32.57 -20.59
CA TRP C 252 26.95 -32.22 -20.96
C TRP C 252 26.79 -32.30 -22.47
N THR C 253 25.87 -33.15 -22.92
CA THR C 253 25.48 -33.20 -24.31
C THR C 253 24.30 -32.27 -24.56
N VAL C 254 23.80 -32.25 -25.80
CA VAL C 254 22.60 -31.48 -26.10
C VAL C 254 21.41 -32.02 -25.31
N ASN C 255 21.21 -33.33 -25.36
CA ASN C 255 20.08 -33.94 -24.65
C ASN C 255 20.21 -33.78 -23.14
N ASP C 256 21.44 -33.64 -22.63
CA ASP C 256 21.61 -33.45 -21.19
C ASP C 256 21.03 -32.13 -20.72
N ILE C 257 21.25 -31.06 -21.48
CA ILE C 257 20.74 -29.75 -21.08
C ILE C 257 19.25 -29.66 -21.33
N GLN C 258 18.77 -30.26 -22.42
CA GLN C 258 17.32 -30.28 -22.67
C GLN C 258 16.58 -30.91 -21.50
N LYS C 259 17.06 -32.07 -21.04
CA LYS C 259 16.48 -32.69 -19.84
C LYS C 259 16.72 -31.84 -18.60
N LEU C 260 17.86 -31.14 -18.55
CA LEU C 260 18.16 -30.30 -17.39
C LEU C 260 17.21 -29.12 -17.32
N VAL C 261 17.10 -28.35 -18.40
CA VAL C 261 16.19 -27.21 -18.42
C VAL C 261 14.76 -27.68 -18.20
N GLY C 262 14.41 -28.87 -18.68
CA GLY C 262 13.06 -29.36 -18.49
C GLY C 262 12.69 -29.51 -17.03
N LYS C 263 13.59 -30.11 -16.23
CA LYS C 263 13.31 -30.29 -14.81
C LYS C 263 13.35 -28.96 -14.07
N LEU C 264 14.19 -28.03 -14.50
CA LEU C 264 14.23 -26.71 -13.85
C LEU C 264 12.92 -25.97 -14.08
N ASN C 265 12.37 -26.05 -15.30
CA ASN C 265 11.05 -25.47 -15.55
C ASN C 265 10.01 -26.07 -14.62
N TRP C 266 10.02 -27.39 -14.46
CA TRP C 266 9.09 -28.04 -13.54
C TRP C 266 9.29 -27.57 -12.11
N ALA C 267 10.53 -27.30 -11.71
CA ALA C 267 10.78 -26.86 -10.33
C ALA C 267 10.36 -25.43 -10.09
N SER C 268 10.36 -24.59 -11.13
CA SER C 268 10.06 -23.17 -10.95
C SER C 268 8.64 -22.91 -10.48
N GLN C 269 7.78 -23.93 -10.44
CA GLN C 269 6.41 -23.74 -10.01
C GLN C 269 6.28 -23.54 -8.50
N ILE C 270 7.35 -23.80 -7.75
CA ILE C 270 7.34 -23.60 -6.29
C ILE C 270 8.69 -23.09 -5.84
N TYR C 271 9.74 -23.45 -6.59
CA TYR C 271 11.09 -22.92 -6.31
C TYR C 271 11.26 -21.56 -6.97
N PRO C 272 11.33 -20.48 -6.20
CA PRO C 272 11.46 -19.15 -6.78
C PRO C 272 12.86 -18.88 -7.30
N GLY C 273 12.93 -18.06 -8.34
CA GLY C 273 14.20 -17.56 -8.84
C GLY C 273 14.89 -18.42 -9.87
N ILE C 274 14.24 -19.49 -10.37
CA ILE C 274 14.87 -20.36 -11.35
C ILE C 274 15.11 -19.59 -12.65
N LYS C 275 16.30 -19.74 -13.21
CA LYS C 275 16.68 -19.11 -14.47
C LYS C 275 17.23 -20.18 -15.40
N VAL C 276 16.83 -20.11 -16.67
CA VAL C 276 17.27 -21.09 -17.66
C VAL C 276 17.70 -20.41 -18.95
N ARG C 277 17.90 -19.09 -18.89
CA ARG C 277 18.29 -18.34 -20.08
C ARG C 277 19.65 -18.81 -20.60
N GLN C 278 20.67 -18.74 -19.76
CA GLN C 278 22.02 -19.07 -20.21
C GLN C 278 22.16 -20.57 -20.51
N LEU C 279 21.46 -21.42 -19.76
CA LEU C 279 21.50 -22.85 -20.04
C LEU C 279 20.84 -23.15 -21.39
N SER C 280 19.66 -22.56 -21.63
CA SER C 280 18.99 -22.77 -22.91
C SER C 280 19.75 -22.16 -24.07
N LYS C 281 20.53 -21.09 -23.83
CA LYS C 281 21.30 -20.48 -24.90
C LYS C 281 22.30 -21.46 -25.49
N LEU C 282 22.83 -22.38 -24.69
CA LEU C 282 23.70 -23.42 -25.21
C LEU C 282 23.00 -24.27 -26.28
N LEU C 283 21.68 -24.40 -26.18
CA LEU C 283 20.90 -25.26 -27.07
C LEU C 283 20.67 -24.66 -28.44
N ARG C 284 21.00 -23.39 -28.65
CA ARG C 284 20.69 -22.73 -29.92
C ARG C 284 21.51 -23.37 -31.05
N GLY C 285 20.82 -23.91 -32.05
CA GLY C 285 21.46 -24.58 -33.15
C GLY C 285 20.81 -25.92 -33.47
N THR C 286 20.78 -26.26 -34.76
CA THR C 286 20.20 -27.52 -35.22
C THR C 286 21.20 -28.66 -35.05
N LYS C 287 21.66 -28.82 -33.80
CA LYS C 287 22.71 -29.77 -33.46
C LYS C 287 22.12 -31.04 -32.86
N ALA C 288 22.79 -32.16 -33.15
CA ALA C 288 22.31 -33.47 -32.73
C ALA C 288 22.31 -33.62 -31.21
N LEU C 289 21.49 -34.55 -30.73
CA LEU C 289 21.34 -34.75 -29.29
C LEU C 289 22.59 -35.29 -28.62
N THR C 290 23.52 -35.86 -29.38
CA THR C 290 24.71 -36.48 -28.79
C THR C 290 25.89 -35.53 -28.66
N GLU C 291 25.87 -34.39 -29.35
CA GLU C 291 26.99 -33.46 -29.28
C GLU C 291 27.16 -32.93 -27.86
N VAL C 292 28.38 -32.98 -27.36
CA VAL C 292 28.70 -32.45 -26.04
C VAL C 292 28.89 -30.94 -26.14
N ILE C 293 28.37 -30.22 -25.15
CA ILE C 293 28.40 -28.76 -25.11
C ILE C 293 29.23 -28.34 -23.92
N PRO C 294 30.24 -27.48 -24.09
CA PRO C 294 30.95 -26.93 -22.93
C PRO C 294 30.13 -25.81 -22.29
N LEU C 295 29.97 -25.89 -20.96
CA LEU C 295 29.16 -24.91 -20.26
C LEU C 295 29.88 -23.57 -20.20
N THR C 296 29.24 -22.53 -20.72
CA THR C 296 29.81 -21.19 -20.67
C THR C 296 29.89 -20.71 -19.22
N GLU C 297 30.60 -19.58 -19.04
CA GLU C 297 30.74 -19.03 -17.70
C GLU C 297 29.39 -18.69 -17.10
N GLU C 298 28.50 -18.07 -17.90
CA GLU C 298 27.18 -17.73 -17.40
C GLU C 298 26.33 -18.97 -17.17
N ALA C 299 26.37 -19.92 -18.12
CA ALA C 299 25.61 -21.15 -17.95
C ALA C 299 26.07 -21.94 -16.73
N GLU C 300 27.38 -21.89 -16.42
CA GLU C 300 27.86 -22.57 -15.22
C GLU C 300 27.46 -21.80 -13.97
N LEU C 301 27.48 -20.47 -14.03
CA LEU C 301 27.03 -19.67 -12.90
C LEU C 301 25.53 -19.78 -12.71
N GLU C 302 24.77 -19.75 -13.82
CA GLU C 302 23.32 -19.92 -13.73
C GLU C 302 22.97 -21.27 -13.13
N LEU C 303 23.64 -22.34 -13.60
CA LEU C 303 23.40 -23.66 -13.03
C LEU C 303 23.76 -23.70 -11.55
N ALA C 304 24.86 -23.03 -11.18
CA ALA C 304 25.26 -22.99 -9.78
C ALA C 304 24.18 -22.33 -8.92
N GLU C 305 23.69 -21.16 -9.36
CA GLU C 305 22.66 -20.48 -8.60
C GLU C 305 21.36 -21.28 -8.56
N ASN C 306 21.05 -22.02 -9.62
CA ASN C 306 19.87 -22.88 -9.60
C ASN C 306 20.05 -24.04 -8.64
N ARG C 307 21.23 -24.68 -8.67
CA ARG C 307 21.50 -25.75 -7.72
C ARG C 307 21.39 -25.26 -6.28
N GLU C 308 21.89 -24.05 -6.02
CA GLU C 308 21.81 -23.49 -4.67
C GLU C 308 20.38 -23.31 -4.22
N ILE C 309 19.45 -23.06 -5.15
CA ILE C 309 18.05 -22.89 -4.78
C ILE C 309 17.42 -24.22 -4.45
N LEU C 310 17.83 -25.30 -5.13
CA LEU C 310 17.20 -26.59 -4.94
C LEU C 310 17.72 -27.33 -3.70
N LYS C 311 18.87 -26.93 -3.15
CA LYS C 311 19.34 -27.56 -1.92
C LYS C 311 18.36 -27.33 -0.79
N GLU C 312 17.73 -26.15 -0.75
CA GLU C 312 16.79 -25.83 0.31
C GLU C 312 15.37 -26.22 -0.10
N PRO C 313 14.61 -26.84 0.80
CA PRO C 313 13.25 -27.25 0.46
C PRO C 313 12.26 -26.10 0.64
N VAL C 314 11.38 -25.96 -0.35
CA VAL C 314 10.36 -24.91 -0.33
C VAL C 314 8.99 -25.57 -0.31
N HIS C 315 8.06 -24.93 0.38
CA HIS C 315 6.70 -25.43 0.53
C HIS C 315 5.70 -24.39 0.03
N GLY C 316 4.57 -24.90 -0.46
CA GLY C 316 3.45 -24.04 -0.82
C GLY C 316 2.27 -24.25 0.09
N VAL C 317 1.34 -23.29 0.11
CA VAL C 317 0.14 -23.42 0.93
C VAL C 317 -1.04 -23.68 0.02
N TYR C 318 -2.23 -23.84 0.60
CA TYR C 318 -3.44 -24.11 -0.16
C TYR C 318 -4.27 -22.85 -0.34
N TYR C 319 -5.28 -22.96 -1.19
CA TYR C 319 -6.05 -21.79 -1.60
C TYR C 319 -7.15 -21.47 -0.59
N ASP C 320 -7.34 -20.19 -0.34
CA ASP C 320 -8.39 -19.70 0.57
C ASP C 320 -9.32 -18.80 -0.24
N PRO C 321 -10.48 -19.30 -0.67
CA PRO C 321 -11.36 -18.49 -1.53
C PRO C 321 -11.82 -17.18 -0.91
N SER C 322 -11.73 -17.03 0.42
CA SER C 322 -12.21 -15.81 1.05
C SER C 322 -11.27 -14.63 0.86
N LYS C 323 -9.98 -14.88 0.61
CA LYS C 323 -8.99 -13.83 0.48
C LYS C 323 -8.59 -13.65 -0.98
N ASP C 324 -8.12 -12.44 -1.30
CA ASP C 324 -7.71 -12.11 -2.66
C ASP C 324 -6.39 -12.79 -3.03
N LEU C 325 -6.19 -12.94 -4.33
CA LEU C 325 -4.94 -13.45 -4.88
C LEU C 325 -3.97 -12.30 -5.14
N ILE C 326 -2.72 -12.49 -4.74
CA ILE C 326 -1.67 -11.49 -4.93
C ILE C 326 -0.58 -12.10 -5.79
N ALA C 327 -0.20 -11.38 -6.84
CA ALA C 327 0.90 -11.77 -7.72
C ALA C 327 1.97 -10.69 -7.70
N GLU C 328 3.21 -11.08 -7.42
CA GLU C 328 4.32 -10.15 -7.33
C GLU C 328 5.41 -10.60 -8.30
N ILE C 329 5.91 -9.66 -9.10
CA ILE C 329 6.86 -9.95 -10.17
C ILE C 329 8.18 -9.23 -9.87
N GLN C 330 9.28 -9.90 -10.16
CA GLN C 330 10.61 -9.31 -10.06
C GLN C 330 11.34 -9.51 -11.38
N LYS C 331 12.12 -8.49 -11.78
CA LYS C 331 12.93 -8.59 -12.98
C LYS C 331 14.25 -9.28 -12.65
N GLN C 332 14.62 -10.27 -13.48
CA GLN C 332 15.85 -11.01 -13.28
C GLN C 332 16.94 -10.66 -14.30
N GLY C 333 16.63 -9.80 -15.26
CA GLY C 333 17.62 -9.39 -16.23
C GLY C 333 17.67 -10.30 -17.45
N GLN C 334 18.15 -9.73 -18.56
CA GLN C 334 18.27 -10.46 -19.82
C GLN C 334 16.90 -11.01 -20.26
N GLY C 335 15.86 -10.20 -20.07
CA GLY C 335 14.53 -10.63 -20.44
C GLY C 335 14.00 -11.80 -19.61
N GLN C 336 14.40 -11.90 -18.35
CA GLN C 336 13.93 -12.94 -17.45
C GLN C 336 13.07 -12.32 -16.36
N TRP C 337 11.96 -12.99 -16.05
CA TRP C 337 11.02 -12.49 -15.04
C TRP C 337 10.54 -13.66 -14.19
N THR C 338 10.54 -13.46 -12.87
CA THR C 338 10.01 -14.44 -11.93
C THR C 338 8.89 -13.79 -11.13
N TYR C 339 7.96 -14.62 -10.64
CA TYR C 339 6.82 -14.12 -9.91
C TYR C 339 6.44 -15.09 -8.81
N GLN C 340 5.71 -14.59 -7.82
CA GLN C 340 5.16 -15.39 -6.74
C GLN C 340 3.69 -15.06 -6.59
N ILE C 341 2.88 -16.09 -6.35
CA ILE C 341 1.44 -15.95 -6.13
C ILE C 341 1.13 -16.39 -4.70
N TYR C 342 0.49 -15.50 -3.95
CA TYR C 342 0.21 -15.77 -2.54
C TYR C 342 -1.03 -14.98 -2.12
N GLN C 343 -1.61 -15.41 -0.99
CA GLN C 343 -2.71 -14.70 -0.36
C GLN C 343 -2.31 -14.04 0.95
N GLU C 344 -1.37 -14.63 1.68
CA GLU C 344 -0.75 -13.98 2.83
C GLU C 344 0.75 -13.86 2.59
N PRO C 345 1.38 -12.79 3.06
CA PRO C 345 2.77 -12.53 2.69
C PRO C 345 3.68 -13.70 3.06
N PHE C 346 4.60 -14.02 2.15
CA PHE C 346 5.66 -15.00 2.33
C PHE C 346 5.15 -16.44 2.36
N LYS C 347 3.86 -16.67 2.18
CA LYS C 347 3.29 -18.01 2.09
C LYS C 347 2.75 -18.20 0.67
N ASN C 348 3.65 -18.56 -0.24
CA ASN C 348 3.31 -18.62 -1.65
C ASN C 348 2.44 -19.83 -1.95
N LEU C 349 1.35 -19.61 -2.68
CA LEU C 349 0.60 -20.71 -3.27
C LEU C 349 1.46 -21.44 -4.30
N LYS C 350 2.05 -20.68 -5.23
CA LYS C 350 2.99 -21.23 -6.19
C LYS C 350 3.84 -20.08 -6.71
N THR C 351 4.83 -20.43 -7.53
CA THR C 351 5.71 -19.48 -8.18
C THR C 351 5.78 -19.80 -9.66
N GLY C 352 6.52 -18.98 -10.40
CA GLY C 352 6.69 -19.20 -11.81
C GLY C 352 7.66 -18.18 -12.40
N LYS C 353 7.91 -18.33 -13.70
CA LYS C 353 8.82 -17.46 -14.41
C LYS C 353 8.30 -17.19 -15.81
N TYR C 354 8.69 -16.05 -16.36
CA TYR C 354 8.42 -15.72 -17.75
C TYR C 354 9.72 -15.23 -18.39
N ALA C 355 10.21 -15.98 -19.38
CA ALA C 355 11.46 -15.66 -20.06
C ALA C 355 11.30 -15.61 -21.57
N ARG C 356 10.06 -15.63 -22.06
CA ARG C 356 9.82 -15.66 -23.51
C ARG C 356 10.29 -14.36 -24.15
N MET C 357 11.03 -14.49 -25.24
CA MET C 357 11.49 -13.34 -26.02
C MET C 357 10.60 -13.22 -27.25
N ARG C 358 9.63 -12.32 -27.19
CA ARG C 358 8.68 -12.11 -28.27
C ARG C 358 9.04 -10.83 -29.00
N GLY C 359 9.31 -10.94 -30.31
CA GLY C 359 9.69 -9.79 -31.11
C GLY C 359 11.18 -9.61 -31.22
N ALA C 360 11.65 -9.12 -32.39
CA ALA C 360 13.08 -8.85 -32.54
C ALA C 360 13.53 -7.69 -31.66
N HIS C 361 12.64 -6.72 -31.42
CA HIS C 361 12.94 -5.55 -30.61
C HIS C 361 11.78 -5.34 -29.63
N THR C 362 12.12 -5.13 -28.36
CA THR C 362 11.11 -4.94 -27.33
C THR C 362 11.73 -4.15 -26.18
N ASN C 363 10.99 -4.02 -25.09
CA ASN C 363 11.47 -3.34 -23.90
C ASN C 363 10.87 -4.01 -22.66
N ASP C 364 11.34 -3.57 -21.49
CA ASP C 364 10.89 -4.18 -20.24
C ASP C 364 9.40 -3.97 -20.00
N VAL C 365 8.85 -2.85 -20.49
CA VAL C 365 7.43 -2.58 -20.26
C VAL C 365 6.57 -3.57 -21.03
N LYS C 366 6.90 -3.80 -22.31
CA LYS C 366 6.18 -4.81 -23.09
C LYS C 366 6.27 -6.18 -22.43
N GLN C 367 7.48 -6.58 -22.03
CA GLN C 367 7.65 -7.90 -21.43
C GLN C 367 6.92 -8.00 -20.09
N LEU C 368 6.91 -6.92 -19.31
CA LEU C 368 6.16 -6.93 -18.06
C LEU C 368 4.67 -7.11 -18.33
N THR C 369 4.15 -6.44 -19.35
CA THR C 369 2.75 -6.64 -19.73
C THR C 369 2.49 -8.09 -20.11
N GLU C 370 3.42 -8.71 -20.84
CA GLU C 370 3.23 -10.10 -21.26
C GLU C 370 3.28 -11.05 -20.07
N ALA C 371 4.16 -10.78 -19.10
CA ALA C 371 4.19 -11.59 -17.90
C ALA C 371 2.89 -11.48 -17.12
N VAL C 372 2.34 -10.27 -17.03
CA VAL C 372 1.06 -10.08 -16.35
C VAL C 372 -0.03 -10.88 -17.03
N GLN C 373 -0.01 -10.92 -18.37
CA GLN C 373 -1.04 -11.66 -19.10
C GLN C 373 -0.88 -13.16 -18.91
N LYS C 374 0.36 -13.65 -18.89
CA LYS C 374 0.59 -15.06 -18.61
C LYS C 374 0.11 -15.42 -17.21
N ILE C 375 0.39 -14.56 -16.23
CA ILE C 375 -0.05 -14.83 -14.86
C ILE C 375 -1.57 -14.77 -14.76
N THR C 376 -2.19 -13.82 -15.46
CA THR C 376 -3.64 -13.70 -15.43
C THR C 376 -4.32 -14.97 -15.93
N THR C 377 -3.93 -15.44 -17.11
CA THR C 377 -4.53 -16.65 -17.67
C THR C 377 -4.28 -17.85 -16.76
N GLU C 378 -3.06 -17.98 -16.23
CA GLU C 378 -2.77 -19.09 -15.33
C GLU C 378 -3.62 -19.03 -14.07
N SER C 379 -3.93 -17.81 -13.59
CA SER C 379 -4.72 -17.68 -12.37
C SER C 379 -6.19 -18.00 -12.63
N ILE C 380 -6.70 -17.62 -13.80
CA ILE C 380 -8.08 -17.95 -14.14
C ILE C 380 -8.28 -19.45 -14.26
N VAL C 381 -7.25 -20.17 -14.71
CA VAL C 381 -7.34 -21.62 -14.82
C VAL C 381 -7.40 -22.26 -13.43
N ILE C 382 -6.52 -21.82 -12.53
CA ILE C 382 -6.38 -22.50 -11.25
C ILE C 382 -7.42 -22.02 -10.25
N TRP C 383 -7.70 -20.72 -10.23
CA TRP C 383 -8.63 -20.15 -9.26
C TRP C 383 -9.84 -19.48 -9.89
N GLY C 384 -9.89 -19.30 -11.20
CA GLY C 384 -11.05 -18.71 -11.83
C GLY C 384 -11.23 -17.23 -11.62
N LYS C 385 -10.19 -16.54 -11.18
CA LYS C 385 -10.25 -15.09 -11.03
C LYS C 385 -8.88 -14.50 -11.29
N THR C 386 -8.84 -13.18 -11.47
CA THR C 386 -7.60 -12.48 -11.76
C THR C 386 -6.99 -11.95 -10.48
N PRO C 387 -5.71 -12.20 -10.20
CA PRO C 387 -5.10 -11.69 -8.98
C PRO C 387 -4.75 -10.22 -9.08
N LYS C 388 -4.59 -9.60 -7.92
CA LYS C 388 -4.07 -8.25 -7.84
C LYS C 388 -2.55 -8.27 -7.95
N PHE C 389 -1.99 -7.33 -8.70
CA PHE C 389 -0.58 -7.35 -9.06
C PHE C 389 0.21 -6.31 -8.28
N LYS C 390 1.41 -6.71 -7.86
CA LYS C 390 2.41 -5.81 -7.32
C LYS C 390 3.58 -5.79 -8.31
N LEU C 391 3.74 -4.67 -9.01
CA LEU C 391 4.68 -4.64 -10.12
C LEU C 391 5.84 -3.69 -9.83
N PRO C 392 7.05 -4.05 -10.25
CA PRO C 392 8.23 -3.19 -10.09
C PRO C 392 8.30 -2.07 -11.15
N ILE C 393 7.18 -1.40 -11.35
CA ILE C 393 7.09 -0.29 -12.30
C ILE C 393 6.29 0.83 -11.65
N GLN C 394 6.76 2.06 -11.81
CA GLN C 394 6.08 3.19 -11.20
C GLN C 394 4.81 3.52 -11.97
N LYS C 395 3.77 3.95 -11.25
CA LYS C 395 2.53 4.36 -11.91
C LYS C 395 2.81 5.41 -12.98
N GLU C 396 3.75 6.32 -12.71
CA GLU C 396 4.08 7.36 -13.68
C GLU C 396 4.64 6.75 -14.97
N THR C 397 5.50 5.74 -14.84
CA THR C 397 6.08 5.10 -16.02
C THR C 397 4.99 4.47 -16.88
N TRP C 398 4.10 3.70 -16.25
CA TRP C 398 3.05 3.03 -17.02
C TRP C 398 2.14 4.04 -17.71
N GLU C 399 1.78 5.10 -17.01
CA GLU C 399 0.92 6.13 -17.61
C GLU C 399 1.57 6.71 -18.86
N THR C 400 2.85 7.10 -18.77
CA THR C 400 3.54 7.62 -19.94
C THR C 400 3.52 6.62 -21.08
N TRP C 401 3.75 5.34 -20.78
CA TRP C 401 3.77 4.31 -21.83
C TRP C 401 2.42 4.21 -22.52
N TRP C 402 1.38 3.81 -21.79
CA TRP C 402 0.12 3.44 -22.45
C TRP C 402 -0.56 4.65 -23.07
N THR C 403 -0.32 5.85 -22.54
CA THR C 403 -0.93 7.04 -23.13
C THR C 403 -0.27 7.44 -24.44
N GLU C 404 1.03 7.18 -24.58
CA GLU C 404 1.77 7.55 -25.79
C GLU C 404 1.81 6.43 -26.81
N TYR C 405 1.74 5.17 -26.36
CA TYR C 405 1.81 4.04 -27.27
C TYR C 405 0.59 4.02 -28.18
N TRP C 406 0.82 3.65 -29.45
CA TRP C 406 -0.24 3.66 -30.45
C TRP C 406 -1.11 2.41 -30.41
N GLN C 407 -0.68 1.36 -29.71
CA GLN C 407 -1.47 0.14 -29.58
C GLN C 407 -2.22 0.14 -28.25
N ALA C 408 -3.46 -0.32 -28.28
CA ALA C 408 -4.23 -0.46 -27.05
C ALA C 408 -3.54 -1.45 -26.12
N THR C 409 -3.32 -1.03 -24.88
CA THR C 409 -2.71 -1.89 -23.88
C THR C 409 -3.29 -1.55 -22.52
N TRP C 410 -3.23 -2.50 -21.61
CA TRP C 410 -3.86 -2.34 -20.31
C TRP C 410 -3.30 -3.38 -19.34
N ILE C 411 -3.27 -3.00 -18.06
CA ILE C 411 -2.89 -3.91 -16.99
C ILE C 411 -3.97 -3.86 -15.92
N PRO C 412 -4.44 -5.00 -15.41
CA PRO C 412 -5.47 -4.98 -14.37
C PRO C 412 -4.97 -4.33 -13.09
N GLU C 413 -5.83 -4.28 -12.08
CA GLU C 413 -5.51 -3.58 -10.84
C GLU C 413 -4.14 -3.99 -10.32
N TRP C 414 -3.30 -3.01 -10.02
CA TRP C 414 -1.93 -3.26 -9.61
C TRP C 414 -1.43 -2.08 -8.79
N GLU C 415 -0.37 -2.33 -8.03
CA GLU C 415 0.28 -1.28 -7.25
C GLU C 415 1.79 -1.43 -7.39
N PHE C 416 2.51 -0.34 -7.16
CA PHE C 416 3.96 -0.32 -7.31
C PHE C 416 4.64 -0.93 -6.10
N VAL C 417 5.61 -1.80 -6.36
CA VAL C 417 6.45 -2.40 -5.33
C VAL C 417 7.90 -2.07 -5.68
N ASN C 418 8.60 -1.45 -4.74
CA ASN C 418 9.98 -1.00 -4.97
C ASN C 418 10.92 -2.20 -4.81
N THR C 419 11.14 -2.91 -5.91
CA THR C 419 12.02 -4.09 -5.92
C THR C 419 12.92 -3.99 -7.13
N PRO C 420 14.07 -3.30 -7.01
CA PRO C 420 15.06 -3.17 -8.09
C PRO C 420 15.52 -4.51 -8.62
N PRO C 421 15.88 -4.57 -9.92
CA PRO C 421 15.85 -3.41 -10.82
C PRO C 421 14.43 -3.08 -11.27
N LEU C 422 14.07 -1.81 -11.23
CA LEU C 422 12.74 -1.38 -11.63
C LEU C 422 12.61 -1.37 -13.15
N VAL C 423 11.37 -1.49 -13.61
CA VAL C 423 11.05 -1.38 -15.02
C VAL C 423 10.78 0.09 -15.34
N LYS C 424 11.49 0.62 -16.34
CA LYS C 424 11.32 2.01 -16.72
C LYS C 424 11.56 2.16 -18.21
N LEU C 425 11.18 3.31 -18.74
CA LEU C 425 11.50 3.68 -20.11
C LEU C 425 12.84 4.39 -20.11
N TRP C 426 13.76 3.90 -20.95
CA TRP C 426 15.15 4.35 -20.91
C TRP C 426 15.42 5.60 -21.74
N TYR C 427 14.49 6.00 -22.59
CA TYR C 427 14.63 7.24 -23.33
C TYR C 427 13.26 7.66 -23.85
N GLN C 428 13.16 8.92 -24.23
CA GLN C 428 11.91 9.49 -24.71
C GLN C 428 12.19 10.38 -25.91
N LEU C 429 11.40 10.20 -26.97
CA LEU C 429 11.56 11.02 -28.16
C LEU C 429 10.76 12.30 -28.00
N GLU C 430 11.36 13.42 -28.42
CA GLU C 430 10.67 14.70 -28.34
C GLU C 430 9.44 14.69 -29.22
N LYS C 431 8.46 15.50 -28.86
CA LYS C 431 7.28 15.69 -29.68
C LYS C 431 7.41 16.87 -30.62
N GLU C 432 8.28 17.82 -30.31
CA GLU C 432 8.53 18.97 -31.15
C GLU C 432 10.02 19.07 -31.49
N PRO C 433 10.37 19.68 -32.62
CA PRO C 433 11.78 19.85 -32.95
C PRO C 433 12.48 20.68 -31.88
N ILE C 434 13.77 20.37 -31.68
CA ILE C 434 14.56 21.01 -30.64
C ILE C 434 15.17 22.29 -31.18
N VAL C 435 14.85 23.41 -30.53
CA VAL C 435 15.40 24.69 -30.95
C VAL C 435 16.89 24.75 -30.61
N GLY C 436 17.69 25.21 -31.56
CA GLY C 436 19.12 25.32 -31.37
C GLY C 436 19.89 24.02 -31.51
N ALA C 437 19.22 22.92 -31.84
CA ALA C 437 19.87 21.64 -32.04
C ALA C 437 20.14 21.40 -33.52
N GLU C 438 21.29 20.81 -33.82
CA GLU C 438 21.64 20.52 -35.20
C GLU C 438 20.65 19.56 -35.83
N THR C 439 20.35 19.76 -37.11
CA THR C 439 19.39 18.93 -37.83
C THR C 439 20.16 18.02 -38.78
N PHE C 440 20.07 16.70 -38.54
CA PHE C 440 20.71 15.69 -39.38
C PHE C 440 19.68 15.11 -40.35
N TYR C 441 19.91 15.31 -41.64
CA TYR C 441 19.13 14.62 -42.68
C TYR C 441 19.88 13.34 -43.03
N VAL C 442 19.36 12.21 -42.56
CA VAL C 442 20.04 10.94 -42.70
C VAL C 442 19.39 10.14 -43.83
N ASP C 443 20.13 9.18 -44.37
CA ASP C 443 19.62 8.31 -45.42
C ASP C 443 20.63 7.19 -45.66
N GLY C 444 20.15 6.10 -46.24
CA GLY C 444 20.98 4.97 -46.56
C GLY C 444 20.45 4.23 -47.78
N ALA C 445 21.35 3.51 -48.44
CA ALA C 445 20.99 2.73 -49.62
C ALA C 445 21.95 1.56 -49.75
N ALA C 446 21.45 0.47 -50.35
CA ALA C 446 22.22 -0.74 -50.53
C ALA C 446 21.98 -1.32 -51.91
N ASN C 447 23.05 -1.72 -52.58
CA ASN C 447 22.94 -2.36 -53.88
C ASN C 447 22.34 -3.75 -53.70
N ARG C 448 21.20 -3.99 -54.36
CA ARG C 448 20.45 -5.22 -54.14
C ARG C 448 21.25 -6.47 -54.48
N GLU C 449 22.11 -6.40 -55.50
CA GLU C 449 22.84 -7.58 -55.96
C GLU C 449 24.18 -7.75 -55.25
N THR C 450 25.00 -6.71 -55.20
CA THR C 450 26.32 -6.81 -54.59
C THR C 450 26.29 -6.71 -53.07
N LYS C 451 25.15 -6.35 -52.48
CA LYS C 451 25.00 -6.18 -51.04
C LYS C 451 25.86 -5.07 -50.47
N LEU C 452 26.45 -4.22 -51.33
CA LEU C 452 27.18 -3.06 -50.87
C LEU C 452 26.22 -1.87 -50.73
N GLY C 453 26.58 -0.96 -49.83
CA GLY C 453 25.72 0.19 -49.61
C GLY C 453 26.47 1.32 -48.92
N LYS C 454 25.75 2.42 -48.73
CA LYS C 454 26.29 3.58 -48.04
C LYS C 454 25.24 4.13 -47.09
N ALA C 455 25.71 4.72 -46.00
CA ALA C 455 24.86 5.41 -45.04
C ALA C 455 25.55 6.70 -44.63
N GLY C 456 24.77 7.76 -44.45
CA GLY C 456 25.36 9.03 -44.10
C GLY C 456 24.32 10.07 -43.79
N TYR C 457 24.78 11.32 -43.70
CA TYR C 457 23.92 12.43 -43.31
C TYR C 457 24.49 13.73 -43.85
N VAL C 458 23.63 14.74 -43.90
CA VAL C 458 24.03 16.13 -44.08
C VAL C 458 23.25 16.95 -43.06
N THR C 459 23.91 17.97 -42.50
CA THR C 459 23.30 18.78 -41.46
C THR C 459 23.13 20.22 -41.94
N ASN C 460 22.30 20.96 -41.21
CA ASN C 460 22.07 22.37 -41.54
C ASN C 460 23.32 23.21 -41.33
N LYS C 461 24.28 22.72 -40.56
CA LYS C 461 25.52 23.44 -40.29
C LYS C 461 26.62 23.10 -41.29
N GLY C 462 26.29 22.42 -42.38
CA GLY C 462 27.26 22.05 -43.39
C GLY C 462 28.02 20.77 -43.13
N ARG C 463 27.77 20.10 -42.00
CA ARG C 463 28.43 18.84 -41.70
C ARG C 463 27.87 17.71 -42.56
N GLN C 464 28.75 16.86 -43.05
CA GLN C 464 28.36 15.73 -43.89
C GLN C 464 29.24 14.52 -43.56
N LYS C 465 28.68 13.33 -43.79
CA LYS C 465 29.43 12.09 -43.71
C LYS C 465 28.75 11.03 -44.55
N VAL C 466 29.55 10.23 -45.23
CA VAL C 466 29.09 9.03 -45.92
C VAL C 466 30.02 7.89 -45.54
N VAL C 467 29.44 6.73 -45.26
CA VAL C 467 30.21 5.58 -44.78
C VAL C 467 29.94 4.38 -45.68
N PRO C 468 30.97 3.70 -46.17
CA PRO C 468 30.75 2.51 -46.98
C PRO C 468 30.42 1.30 -46.12
N LEU C 469 29.55 0.44 -46.65
CA LEU C 469 29.09 -0.74 -45.94
C LEU C 469 29.11 -1.94 -46.87
N THR C 470 29.46 -3.10 -46.32
CA THR C 470 29.52 -4.34 -47.07
C THR C 470 28.51 -5.33 -46.52
N ASN C 471 27.93 -6.13 -47.42
CA ASN C 471 26.98 -7.17 -47.05
C ASN C 471 25.86 -6.61 -46.17
N THR C 472 25.06 -5.74 -46.78
CA THR C 472 24.03 -5.00 -46.07
C THR C 472 22.79 -4.90 -46.93
N THR C 473 21.74 -4.30 -46.37
CA THR C 473 20.46 -4.14 -47.04
C THR C 473 20.00 -2.70 -46.87
N ASN C 474 18.98 -2.32 -47.66
CA ASN C 474 18.40 -0.99 -47.53
C ASN C 474 17.96 -0.72 -46.09
N GLN C 475 17.30 -1.69 -45.48
CA GLN C 475 16.84 -1.51 -44.10
C GLN C 475 18.03 -1.30 -43.16
N LYS C 476 19.11 -2.06 -43.35
CA LYS C 476 20.26 -1.94 -42.46
C LYS C 476 20.97 -0.59 -42.64
N THR C 477 21.09 -0.11 -43.88
CA THR C 477 21.73 1.17 -44.09
C THR C 477 20.89 2.31 -43.52
N GLU C 478 19.56 2.15 -43.51
CA GLU C 478 18.71 3.17 -42.90
C GLU C 478 18.94 3.27 -41.41
N LEU C 479 19.04 2.13 -40.72
CA LEU C 479 19.40 2.14 -39.30
C LEU C 479 20.81 2.69 -39.11
N GLN C 480 21.73 2.33 -40.00
CA GLN C 480 23.11 2.79 -39.87
C GLN C 480 23.19 4.31 -39.99
N ALA C 481 22.45 4.88 -40.93
CA ALA C 481 22.46 6.34 -41.10
C ALA C 481 22.04 7.04 -39.82
N ILE C 482 20.97 6.56 -39.18
CA ILE C 482 20.52 7.17 -37.93
C ILE C 482 21.56 6.98 -36.85
N TYR C 483 22.18 5.79 -36.79
CA TYR C 483 23.23 5.56 -35.80
C TYR C 483 24.38 6.55 -35.99
N LEU C 484 24.74 6.84 -37.24
CA LEU C 484 25.80 7.81 -37.49
C LEU C 484 25.42 9.19 -36.96
N ALA C 485 24.17 9.61 -37.15
CA ALA C 485 23.75 10.91 -36.68
C ALA C 485 23.79 10.98 -35.16
N LEU C 486 23.46 9.88 -34.48
CA LEU C 486 23.53 9.86 -33.03
C LEU C 486 24.96 9.90 -32.54
N GLN C 487 25.86 9.19 -33.21
CA GLN C 487 27.27 9.20 -32.82
C GLN C 487 27.89 10.59 -32.94
N ASP C 488 27.56 11.31 -34.01
CA ASP C 488 28.28 12.52 -34.38
C ASP C 488 27.57 13.80 -33.95
N SER C 489 26.53 13.71 -33.13
CA SER C 489 25.79 14.88 -32.69
C SER C 489 26.00 15.10 -31.19
N GLY C 490 25.66 16.32 -30.76
CA GLY C 490 25.71 16.64 -29.35
C GLY C 490 24.57 15.98 -28.58
N LEU C 491 24.37 16.48 -27.36
CA LEU C 491 23.36 15.89 -26.49
C LEU C 491 21.94 16.13 -26.97
N GLU C 492 21.75 17.08 -27.88
CA GLU C 492 20.45 17.39 -28.46
C GLU C 492 20.58 17.37 -29.98
N VAL C 493 19.63 16.72 -30.65
CA VAL C 493 19.74 16.55 -32.10
C VAL C 493 18.36 16.34 -32.69
N ASN C 494 18.13 16.95 -33.85
CA ASN C 494 16.99 16.64 -34.71
C ASN C 494 17.45 15.72 -35.83
N ILE C 495 16.66 14.68 -36.10
CA ILE C 495 17.01 13.69 -37.11
C ILE C 495 15.81 13.52 -38.05
N VAL C 496 16.07 13.63 -39.35
CA VAL C 496 15.06 13.48 -40.39
C VAL C 496 15.42 12.27 -41.24
N THR C 497 14.47 11.36 -41.41
CA THR C 497 14.70 10.15 -42.17
C THR C 497 13.48 9.85 -43.05
N ASN C 498 13.69 8.95 -44.01
CA ASN C 498 12.54 8.50 -44.83
C ASN C 498 12.34 7.01 -44.57
N SER C 499 12.97 6.47 -43.52
CA SER C 499 12.84 5.05 -43.21
C SER C 499 11.64 4.83 -42.30
N GLN C 500 10.51 4.42 -42.90
CA GLN C 500 9.39 3.96 -42.08
C GLN C 500 9.80 2.75 -41.24
N TYR C 501 10.64 1.89 -41.81
CA TYR C 501 11.13 0.73 -41.08
C TYR C 501 11.88 1.15 -39.82
N ALA C 502 12.83 2.08 -39.96
CA ALA C 502 13.63 2.49 -38.82
C ALA C 502 12.80 3.23 -37.78
N LEU C 503 11.94 4.15 -38.23
CA LEU C 503 11.15 4.93 -37.29
C LEU C 503 10.20 4.04 -36.49
N GLY C 504 9.58 3.06 -37.16
CA GLY C 504 8.67 2.18 -36.46
C GLY C 504 9.33 1.42 -35.32
N ILE C 505 10.60 1.06 -35.51
CA ILE C 505 11.33 0.33 -34.47
C ILE C 505 11.65 1.26 -33.30
N ILE C 506 12.19 2.44 -33.59
CA ILE C 506 12.68 3.33 -32.54
C ILE C 506 11.53 3.95 -31.76
N GLN C 507 10.42 4.26 -32.44
CA GLN C 507 9.31 4.92 -31.77
C GLN C 507 8.67 4.05 -30.71
N ALA C 508 8.87 2.73 -30.75
CA ALA C 508 8.36 1.83 -29.71
C ALA C 508 9.28 1.75 -28.50
N GLN C 509 10.27 2.65 -28.39
CA GLN C 509 11.21 2.73 -27.28
C GLN C 509 11.75 1.35 -26.88
N PRO C 510 12.35 0.62 -27.81
CA PRO C 510 13.00 -0.65 -27.42
C PRO C 510 14.20 -0.39 -26.53
N ASP C 511 14.41 -1.28 -25.56
CA ASP C 511 15.60 -1.24 -24.72
C ASP C 511 16.48 -2.47 -24.91
N LYS C 512 16.07 -3.41 -25.75
CA LYS C 512 16.84 -4.62 -26.01
C LYS C 512 16.47 -5.10 -27.41
N SER C 513 17.44 -5.69 -28.09
CA SER C 513 17.24 -6.10 -29.47
C SER C 513 18.13 -7.29 -29.80
N GLU C 514 17.64 -8.13 -30.71
CA GLU C 514 18.47 -9.19 -31.28
C GLU C 514 19.45 -8.64 -32.32
N SER C 515 19.27 -7.39 -32.74
CA SER C 515 20.16 -6.74 -33.71
C SER C 515 21.15 -5.88 -32.95
N GLU C 516 22.44 -6.19 -33.10
CA GLU C 516 23.47 -5.40 -32.43
C GLU C 516 23.44 -3.94 -32.90
N LEU C 517 23.11 -3.70 -34.17
CA LEU C 517 22.99 -2.33 -34.65
C LEU C 517 21.92 -1.58 -33.87
N VAL C 518 20.74 -2.20 -33.70
CA VAL C 518 19.68 -1.57 -32.93
C VAL C 518 20.13 -1.36 -31.48
N ASN C 519 20.88 -2.32 -30.94
CA ASN C 519 21.38 -2.17 -29.58
C ASN C 519 22.35 -1.01 -29.48
N GLN C 520 23.17 -0.78 -30.51
CA GLN C 520 24.06 0.37 -30.51
C GLN C 520 23.26 1.67 -30.63
N ILE C 521 22.21 1.66 -31.44
CA ILE C 521 21.34 2.82 -31.53
C ILE C 521 20.69 3.10 -30.18
N ILE C 522 20.23 2.04 -29.51
CA ILE C 522 19.62 2.20 -28.19
C ILE C 522 20.62 2.81 -27.22
N GLU C 523 21.86 2.32 -27.22
CA GLU C 523 22.86 2.87 -26.32
C GLU C 523 23.08 4.36 -26.58
N GLN C 524 23.06 4.77 -27.85
CA GLN C 524 23.21 6.19 -28.16
C GLN C 524 21.99 6.98 -27.68
N LEU C 525 20.79 6.47 -27.91
CA LEU C 525 19.59 7.20 -27.51
C LEU C 525 19.56 7.41 -25.99
N ILE C 526 20.04 6.43 -25.22
CA ILE C 526 20.04 6.56 -23.78
C ILE C 526 20.99 7.68 -23.32
N LYS C 527 22.06 7.93 -24.08
CA LYS C 527 23.01 8.97 -23.69
C LYS C 527 22.53 10.38 -24.03
N LYS C 528 21.65 10.53 -25.00
CA LYS C 528 21.22 11.85 -25.41
C LYS C 528 20.33 12.48 -24.33
N GLU C 529 20.17 13.80 -24.43
CA GLU C 529 19.26 14.53 -23.56
C GLU C 529 17.96 14.89 -24.26
N LYS C 530 18.00 15.14 -25.56
CA LYS C 530 16.79 15.39 -26.33
C LYS C 530 17.00 14.83 -27.73
N VAL C 531 16.03 14.08 -28.22
CA VAL C 531 16.08 13.47 -29.55
C VAL C 531 14.72 13.62 -30.19
N TYR C 532 14.67 14.29 -31.35
CA TYR C 532 13.45 14.43 -32.12
C TYR C 532 13.65 13.72 -33.45
N LEU C 533 12.91 12.64 -33.66
CA LEU C 533 12.90 11.93 -34.93
C LEU C 533 11.74 12.41 -35.77
N ALA C 534 12.01 12.67 -37.05
CA ALA C 534 10.98 13.09 -37.99
C ALA C 534 11.12 12.29 -39.27
N TRP C 535 9.99 11.85 -39.80
CA TRP C 535 9.91 11.12 -41.05
C TRP C 535 9.46 12.05 -42.16
N VAL C 536 10.04 11.88 -43.34
CA VAL C 536 9.57 12.59 -44.52
C VAL C 536 9.49 11.64 -45.69
N PRO C 537 8.59 11.91 -46.64
CA PRO C 537 8.49 11.04 -47.80
C PRO C 537 9.71 11.20 -48.68
N ALA C 538 10.19 10.07 -49.22
CA ALA C 538 11.38 10.10 -50.04
C ALA C 538 11.05 10.56 -51.45
N HIS C 539 12.08 11.04 -52.15
CA HIS C 539 11.99 11.37 -53.56
C HIS C 539 10.91 12.41 -53.84
N LYS C 540 10.66 13.30 -52.89
CA LYS C 540 9.70 14.38 -53.05
C LYS C 540 10.37 15.76 -53.09
N GLY C 541 11.70 15.79 -53.17
CA GLY C 541 12.41 17.06 -53.25
C GLY C 541 12.38 17.84 -51.96
N ILE C 542 12.70 17.18 -50.84
CA ILE C 542 12.63 17.78 -49.51
C ILE C 542 14.04 18.07 -49.03
N GLY C 543 14.27 19.31 -48.62
CA GLY C 543 15.43 19.71 -47.84
C GLY C 543 16.72 18.98 -48.14
N GLY C 544 17.52 18.76 -47.09
CA GLY C 544 18.73 17.96 -47.21
C GLY C 544 18.48 16.49 -47.41
N ASN C 545 17.23 16.05 -47.30
CA ASN C 545 16.92 14.65 -47.56
C ASN C 545 17.24 14.27 -48.99
N GLU C 546 16.92 15.15 -49.94
CA GLU C 546 17.27 14.90 -51.34
C GLU C 546 18.78 14.91 -51.54
N GLN C 547 19.50 15.73 -50.76
CA GLN C 547 20.96 15.78 -50.89
C GLN C 547 21.59 14.47 -50.42
N VAL C 548 21.18 13.98 -49.25
CA VAL C 548 21.80 12.78 -48.70
C VAL C 548 21.39 11.54 -49.49
N ASP C 549 20.21 11.57 -50.11
CA ASP C 549 19.82 10.43 -50.96
C ASP C 549 20.73 10.30 -52.17
N LYS C 550 21.22 11.42 -52.70
CA LYS C 550 22.16 11.37 -53.81
C LYS C 550 23.48 10.75 -53.36
N LEU C 551 24.00 11.20 -52.21
CA LEU C 551 25.28 10.70 -51.73
C LEU C 551 25.28 9.18 -51.60
N VAL C 552 24.18 8.61 -51.11
CA VAL C 552 24.13 7.16 -50.86
C VAL C 552 23.65 6.36 -52.06
N SER C 553 23.24 7.03 -53.14
CA SER C 553 22.77 6.34 -54.34
C SER C 553 21.46 5.62 -54.08
N GLU D 7 -40.12 -31.44 -40.47
CA GLU D 7 -40.39 -30.12 -39.91
C GLU D 7 -39.09 -29.33 -39.77
N THR D 8 -37.96 -30.01 -39.86
CA THR D 8 -36.65 -29.39 -39.75
C THR D 8 -36.04 -29.22 -41.14
N VAL D 9 -35.55 -28.02 -41.43
CA VAL D 9 -34.89 -27.72 -42.70
C VAL D 9 -33.54 -28.43 -42.73
N PRO D 10 -33.29 -29.31 -43.70
CA PRO D 10 -31.99 -29.96 -43.77
C PRO D 10 -30.91 -28.96 -44.20
N VAL D 11 -29.75 -29.05 -43.55
CA VAL D 11 -28.64 -28.15 -43.80
C VAL D 11 -27.36 -28.95 -43.91
N LYS D 12 -26.52 -28.60 -44.88
CA LYS D 12 -25.24 -29.26 -45.12
C LYS D 12 -24.12 -28.25 -44.90
N LEU D 13 -22.90 -28.77 -44.84
CA LEU D 13 -21.72 -27.93 -44.81
C LEU D 13 -21.23 -27.65 -46.22
N LYS D 14 -20.42 -26.61 -46.36
CA LYS D 14 -19.83 -26.31 -47.66
C LYS D 14 -18.97 -27.48 -48.10
N PRO D 15 -19.15 -27.98 -49.32
CA PRO D 15 -18.47 -29.22 -49.71
C PRO D 15 -16.96 -29.13 -49.52
N GLY D 16 -16.39 -30.19 -48.96
CA GLY D 16 -14.97 -30.24 -48.69
C GLY D 16 -14.55 -29.57 -47.39
N MET D 17 -15.47 -29.34 -46.48
CA MET D 17 -15.16 -28.66 -45.22
C MET D 17 -15.75 -29.45 -44.06
N ASP D 18 -14.91 -29.74 -43.06
CA ASP D 18 -15.35 -30.42 -41.85
C ASP D 18 -16.09 -29.42 -40.96
N GLY D 19 -16.39 -29.83 -39.72
CA GLY D 19 -17.06 -28.97 -38.77
C GLY D 19 -16.08 -28.16 -37.94
N PRO D 20 -16.63 -27.30 -37.08
CA PRO D 20 -15.76 -26.46 -36.23
C PRO D 20 -15.06 -27.30 -35.16
N LYS D 21 -13.76 -27.07 -35.00
CA LYS D 21 -12.96 -27.74 -33.98
C LYS D 21 -12.09 -26.69 -33.27
N VAL D 22 -12.73 -25.87 -32.44
CA VAL D 22 -12.09 -24.76 -31.76
C VAL D 22 -12.05 -25.05 -30.26
N LYS D 23 -10.86 -24.96 -29.67
CA LYS D 23 -10.70 -25.27 -28.26
C LYS D 23 -11.38 -24.22 -27.39
N GLN D 24 -11.95 -24.67 -26.27
CA GLN D 24 -12.53 -23.78 -25.29
C GLN D 24 -11.45 -23.08 -24.48
N TRP D 25 -11.63 -21.78 -24.25
CA TRP D 25 -10.67 -21.02 -23.47
C TRP D 25 -11.11 -20.93 -22.01
N PRO D 26 -10.17 -20.70 -21.10
CA PRO D 26 -10.50 -20.68 -19.67
C PRO D 26 -11.50 -19.58 -19.34
N LEU D 27 -12.42 -19.89 -18.42
CA LEU D 27 -13.44 -18.96 -17.97
C LEU D 27 -13.29 -18.68 -16.48
N THR D 28 -13.71 -17.49 -16.07
CA THR D 28 -13.69 -17.12 -14.67
C THR D 28 -14.74 -17.91 -13.90
N GLU D 29 -14.64 -17.84 -12.56
CA GLU D 29 -15.59 -18.54 -11.71
C GLU D 29 -17.02 -18.10 -11.98
N GLU D 30 -17.27 -16.79 -11.96
CA GLU D 30 -18.63 -16.29 -12.10
C GLU D 30 -19.23 -16.66 -13.46
N LYS D 31 -18.40 -16.76 -14.50
CA LYS D 31 -18.94 -17.09 -15.82
C LYS D 31 -19.32 -18.57 -15.89
N ILE D 32 -18.57 -19.44 -15.23
CA ILE D 32 -18.91 -20.85 -15.21
C ILE D 32 -20.15 -21.09 -14.36
N LYS D 33 -20.22 -20.45 -13.18
CA LYS D 33 -21.40 -20.60 -12.34
C LYS D 33 -22.67 -20.14 -13.07
N ALA D 34 -22.58 -19.02 -13.79
CA ALA D 34 -23.72 -18.57 -14.58
C ALA D 34 -24.04 -19.54 -15.70
N LEU D 35 -23.01 -20.17 -16.28
CA LEU D 35 -23.25 -21.14 -17.35
C LEU D 35 -23.95 -22.39 -16.82
N VAL D 36 -23.49 -22.89 -15.66
CA VAL D 36 -24.11 -24.09 -15.09
C VAL D 36 -25.59 -23.85 -14.83
N GLU D 37 -25.91 -22.71 -14.21
CA GLU D 37 -27.31 -22.36 -13.98
C GLU D 37 -28.07 -22.26 -15.31
N ILE D 38 -27.46 -21.61 -16.30
CA ILE D 38 -28.13 -21.45 -17.60
C ILE D 38 -28.31 -22.79 -18.28
N CYS D 39 -27.25 -23.60 -18.31
CA CYS D 39 -27.32 -24.87 -19.04
C CYS D 39 -28.18 -25.90 -18.31
N THR D 40 -28.31 -25.80 -16.99
CA THR D 40 -29.21 -26.71 -16.28
C THR D 40 -30.64 -26.53 -16.76
N GLU D 41 -31.10 -25.28 -16.88
CA GLU D 41 -32.46 -25.03 -17.34
C GLU D 41 -32.63 -25.43 -18.81
N MET D 42 -31.59 -25.24 -19.63
CA MET D 42 -31.72 -25.59 -21.04
C MET D 42 -31.76 -27.10 -21.26
N GLU D 43 -31.08 -27.87 -20.40
CA GLU D 43 -31.18 -29.32 -20.52
C GLU D 43 -32.48 -29.85 -19.95
N LYS D 44 -32.93 -29.31 -18.82
CA LYS D 44 -34.23 -29.67 -18.28
C LYS D 44 -35.33 -29.45 -19.31
N GLU D 45 -35.32 -28.29 -19.96
CA GLU D 45 -36.31 -27.95 -20.96
C GLU D 45 -36.01 -28.59 -22.31
N GLY D 46 -35.03 -29.49 -22.38
CA GLY D 46 -34.74 -30.23 -23.59
C GLY D 46 -34.02 -29.45 -24.67
N LYS D 47 -33.70 -28.19 -24.45
CA LYS D 47 -33.07 -27.39 -25.49
C LYS D 47 -31.64 -27.83 -25.79
N ILE D 48 -30.97 -28.48 -24.84
CA ILE D 48 -29.64 -29.03 -25.05
C ILE D 48 -29.57 -30.40 -24.39
N SER D 49 -28.71 -31.26 -24.94
CA SER D 49 -28.54 -32.61 -24.43
C SER D 49 -27.05 -32.96 -24.42
N LYS D 50 -26.62 -33.67 -23.38
CA LYS D 50 -25.22 -34.04 -23.26
C LYS D 50 -24.80 -35.00 -24.36
N ILE D 51 -23.50 -34.96 -24.69
CA ILE D 51 -22.89 -35.82 -25.68
C ILE D 51 -21.57 -36.34 -25.13
N GLY D 52 -20.89 -37.17 -25.91
CA GLY D 52 -19.65 -37.75 -25.49
C GLY D 52 -18.47 -37.29 -26.33
N PRO D 53 -17.29 -37.84 -26.06
CA PRO D 53 -16.11 -37.46 -26.84
C PRO D 53 -16.10 -38.01 -28.25
N GLU D 54 -17.05 -38.88 -28.61
CA GLU D 54 -17.12 -39.38 -29.97
C GLU D 54 -17.48 -38.29 -30.97
N ASN D 55 -18.01 -37.16 -30.49
CA ASN D 55 -18.28 -36.01 -31.35
C ASN D 55 -17.01 -35.18 -31.46
N PRO D 56 -16.35 -35.12 -32.62
CA PRO D 56 -15.06 -34.44 -32.72
C PRO D 56 -15.14 -32.93 -32.85
N TYR D 57 -16.34 -32.35 -32.86
CA TYR D 57 -16.51 -30.92 -33.06
C TYR D 57 -16.69 -30.21 -31.73
N ASN D 58 -16.31 -28.93 -31.71
CA ASN D 58 -16.49 -28.11 -30.52
C ASN D 58 -16.40 -26.64 -30.91
N THR D 59 -17.11 -25.81 -30.14
CA THR D 59 -17.18 -24.38 -30.39
C THR D 59 -17.09 -23.68 -29.04
N PRO D 60 -16.28 -22.64 -28.90
CA PRO D 60 -16.12 -21.98 -27.60
C PRO D 60 -17.43 -21.38 -27.12
N VAL D 61 -17.59 -21.38 -25.79
CA VAL D 61 -18.77 -20.81 -25.14
C VAL D 61 -18.31 -19.97 -23.95
N PHE D 62 -19.04 -18.90 -23.69
CA PHE D 62 -18.81 -18.09 -22.51
C PHE D 62 -20.11 -17.34 -22.19
N ALA D 63 -20.05 -16.43 -21.23
CA ALA D 63 -21.24 -15.74 -20.75
C ALA D 63 -20.96 -14.25 -20.63
N ILE D 64 -22.01 -13.46 -20.83
CA ILE D 64 -21.93 -12.01 -20.78
C ILE D 64 -23.12 -11.48 -19.99
N LYS D 65 -22.99 -10.21 -19.60
CA LYS D 65 -24.08 -9.42 -19.04
C LYS D 65 -24.39 -8.29 -20.01
N LYS D 66 -25.59 -8.30 -20.57
CA LYS D 66 -25.94 -7.30 -21.57
C LYS D 66 -26.17 -5.94 -20.92
N LYS D 67 -26.42 -4.95 -21.78
CA LYS D 67 -26.49 -3.56 -21.34
C LYS D 67 -27.52 -3.38 -20.23
N ASP D 68 -27.07 -2.85 -19.10
CA ASP D 68 -27.97 -2.52 -17.98
C ASP D 68 -28.81 -3.72 -17.54
N SER D 69 -28.29 -4.92 -17.73
CA SER D 69 -28.97 -6.15 -17.35
C SER D 69 -28.31 -6.76 -16.12
N THR D 70 -29.13 -7.20 -15.18
CA THR D 70 -28.65 -7.82 -13.94
C THR D 70 -28.58 -9.33 -14.04
N LYS D 71 -29.12 -9.92 -15.09
CA LYS D 71 -29.11 -11.36 -15.29
C LYS D 71 -28.16 -11.71 -16.41
N TRP D 72 -27.46 -12.84 -16.25
CA TRP D 72 -26.45 -13.25 -17.22
C TRP D 72 -27.09 -13.72 -18.52
N ARG D 73 -26.30 -13.68 -19.59
CA ARG D 73 -26.69 -14.15 -20.91
C ARG D 73 -25.59 -15.02 -21.50
N LYS D 74 -25.97 -16.07 -22.21
CA LYS D 74 -25.03 -17.03 -22.78
C LYS D 74 -24.70 -16.67 -24.22
N LEU D 75 -23.41 -16.72 -24.55
CA LEU D 75 -22.93 -16.40 -25.90
C LEU D 75 -21.98 -17.49 -26.37
N VAL D 76 -22.23 -18.00 -27.58
CA VAL D 76 -21.42 -19.02 -28.20
C VAL D 76 -20.70 -18.42 -29.40
N ASP D 77 -19.38 -18.62 -29.46
CA ASP D 77 -18.57 -18.08 -30.56
C ASP D 77 -18.70 -19.02 -31.77
N PHE D 78 -19.82 -18.87 -32.47
CA PHE D 78 -20.11 -19.65 -33.67
C PHE D 78 -19.45 -19.09 -34.93
N ARG D 79 -18.42 -18.27 -34.80
CA ARG D 79 -17.76 -17.70 -35.97
C ARG D 79 -17.22 -18.80 -36.88
N GLU D 80 -16.62 -19.83 -36.31
CA GLU D 80 -16.05 -20.90 -37.13
C GLU D 80 -17.16 -21.72 -37.80
N LEU D 81 -18.25 -22.00 -37.08
CA LEU D 81 -19.36 -22.73 -37.68
C LEU D 81 -20.06 -21.91 -38.75
N ASN D 82 -20.23 -20.61 -38.51
CA ASN D 82 -20.93 -19.77 -39.48
C ASN D 82 -20.17 -19.68 -40.81
N LYS D 83 -18.84 -19.67 -40.76
CA LYS D 83 -18.08 -19.63 -42.02
C LYS D 83 -18.14 -20.95 -42.76
N ARG D 84 -18.30 -22.06 -42.04
CA ARG D 84 -18.38 -23.38 -42.64
C ARG D 84 -19.79 -23.83 -42.97
N THR D 85 -20.81 -23.12 -42.46
CA THR D 85 -22.19 -23.49 -42.75
C THR D 85 -22.57 -23.06 -44.16
N GLN D 86 -23.37 -23.91 -44.82
CA GLN D 86 -23.81 -23.62 -46.17
C GLN D 86 -24.47 -22.26 -46.26
N ASP D 87 -24.07 -21.48 -47.28
CA ASP D 87 -24.70 -20.20 -47.52
C ASP D 87 -26.16 -20.42 -47.93
N PHE D 88 -27.07 -19.74 -47.26
CA PHE D 88 -28.49 -19.95 -47.49
C PHE D 88 -29.00 -19.17 -48.70
N TRP D 89 -28.16 -19.02 -49.72
CA TRP D 89 -28.64 -18.50 -50.99
C TRP D 89 -29.06 -19.64 -51.93
N GLU D 90 -28.34 -20.76 -51.89
CA GLU D 90 -28.77 -21.92 -52.67
C GLU D 90 -30.06 -22.51 -52.12
N VAL D 91 -30.21 -22.50 -50.78
CA VAL D 91 -31.53 -22.81 -50.21
C VAL D 91 -32.45 -21.61 -50.26
N GLN D 92 -31.95 -20.44 -50.66
CA GLN D 92 -32.75 -19.24 -50.88
C GLN D 92 -33.40 -18.73 -49.60
N LEU D 93 -32.85 -19.08 -48.44
CA LEU D 93 -33.30 -18.55 -47.16
C LEU D 93 -32.53 -17.30 -46.74
N GLY D 94 -31.96 -16.57 -47.70
CA GLY D 94 -31.23 -15.35 -47.35
C GLY D 94 -32.15 -14.18 -47.11
N ILE D 95 -31.73 -13.32 -46.18
CA ILE D 95 -32.52 -12.16 -45.76
C ILE D 95 -32.01 -10.94 -46.53
N PRO D 96 -32.85 -10.25 -47.28
CA PRO D 96 -32.41 -9.02 -47.97
C PRO D 96 -32.18 -7.89 -46.97
N HIS D 97 -31.56 -6.83 -47.47
CA HIS D 97 -31.19 -5.69 -46.66
C HIS D 97 -31.88 -4.42 -47.15
N PRO D 98 -32.60 -3.70 -46.27
CA PRO D 98 -33.25 -2.46 -46.70
C PRO D 98 -32.33 -1.24 -46.62
N ALA D 99 -32.09 -0.61 -47.77
CA ALA D 99 -31.22 0.56 -47.81
C ALA D 99 -31.81 1.77 -47.08
N GLY D 100 -33.07 1.72 -46.66
CA GLY D 100 -33.70 2.83 -45.99
C GLY D 100 -33.59 2.82 -44.48
N LEU D 101 -33.08 1.74 -43.89
CA LEU D 101 -32.96 1.67 -42.43
C LEU D 101 -32.02 2.74 -41.91
N LYS D 102 -30.93 3.00 -42.63
CA LYS D 102 -29.96 4.00 -42.20
C LYS D 102 -30.50 5.43 -42.28
N LYS D 103 -31.64 5.64 -42.94
CA LYS D 103 -32.20 6.97 -43.10
C LYS D 103 -33.22 7.32 -42.03
N LYS D 104 -33.68 6.34 -41.25
CA LYS D 104 -34.69 6.61 -40.23
C LYS D 104 -34.11 7.43 -39.08
N LYS D 105 -34.97 8.21 -38.43
CA LYS D 105 -34.54 9.08 -37.35
C LYS D 105 -34.16 8.29 -36.10
N SER D 106 -34.83 7.17 -35.85
CA SER D 106 -34.56 6.33 -34.69
C SER D 106 -34.61 4.87 -35.08
N VAL D 107 -33.71 4.08 -34.49
CA VAL D 107 -33.65 2.65 -34.75
C VAL D 107 -33.44 1.94 -33.42
N THR D 108 -34.34 1.03 -33.07
CA THR D 108 -34.25 0.25 -31.85
C THR D 108 -33.83 -1.18 -32.18
N VAL D 109 -32.93 -1.73 -31.38
CA VAL D 109 -32.40 -3.07 -31.58
C VAL D 109 -32.95 -3.97 -30.49
N LEU D 110 -33.71 -4.99 -30.89
CA LEU D 110 -34.33 -5.94 -29.97
C LEU D 110 -33.69 -7.31 -30.12
N ASP D 111 -33.31 -7.91 -28.99
CA ASP D 111 -32.77 -9.26 -28.97
C ASP D 111 -33.91 -10.26 -29.00
N VAL D 112 -34.13 -10.89 -30.16
CA VAL D 112 -35.19 -11.87 -30.33
C VAL D 112 -34.64 -13.29 -30.40
N GLY D 113 -33.36 -13.47 -30.09
CA GLY D 113 -32.77 -14.80 -30.17
C GLY D 113 -33.42 -15.80 -29.24
N ASP D 114 -34.00 -15.33 -28.12
CA ASP D 114 -34.63 -16.26 -27.19
C ASP D 114 -35.78 -17.01 -27.86
N ALA D 115 -36.42 -16.39 -28.86
CA ALA D 115 -37.49 -17.06 -29.59
C ALA D 115 -36.98 -18.23 -30.42
N TYR D 116 -35.68 -18.23 -30.75
CA TYR D 116 -35.13 -19.34 -31.53
C TYR D 116 -35.19 -20.67 -30.81
N PHE D 117 -35.34 -20.65 -29.48
CA PHE D 117 -35.28 -21.88 -28.68
C PHE D 117 -36.48 -22.79 -28.89
N SER D 118 -37.40 -22.48 -29.79
CA SER D 118 -38.57 -23.30 -30.02
C SER D 118 -38.48 -24.15 -31.28
N VAL D 119 -37.71 -23.73 -32.28
CA VAL D 119 -37.64 -24.42 -33.56
C VAL D 119 -36.59 -25.53 -33.51
N PRO D 120 -36.94 -26.76 -33.87
CA PRO D 120 -35.92 -27.83 -33.94
C PRO D 120 -34.92 -27.58 -35.05
N LEU D 121 -33.83 -28.32 -34.99
CA LEU D 121 -32.73 -28.22 -35.94
C LEU D 121 -32.49 -29.59 -36.55
N ASP D 122 -32.08 -29.61 -37.82
CA ASP D 122 -31.78 -30.86 -38.49
C ASP D 122 -30.82 -31.69 -37.65
N GLU D 123 -31.26 -32.90 -37.28
CA GLU D 123 -30.47 -33.72 -36.37
C GLU D 123 -29.08 -34.00 -36.94
N ASP D 124 -28.99 -34.26 -38.24
CA ASP D 124 -27.70 -34.58 -38.84
C ASP D 124 -26.72 -33.41 -38.75
N PHE D 125 -27.23 -32.20 -38.51
CA PHE D 125 -26.38 -31.03 -38.36
C PHE D 125 -26.11 -30.66 -36.90
N ARG D 126 -26.84 -31.25 -35.96
CA ARG D 126 -26.69 -30.88 -34.55
C ARG D 126 -25.34 -31.31 -33.98
N LYS D 127 -24.70 -32.31 -34.56
CA LYS D 127 -23.39 -32.72 -34.05
C LYS D 127 -22.34 -31.62 -34.21
N TYR D 128 -22.61 -30.60 -35.01
CA TYR D 128 -21.69 -29.50 -35.22
C TYR D 128 -21.81 -28.39 -34.19
N THR D 129 -22.89 -28.37 -33.39
CA THR D 129 -23.12 -27.33 -32.40
C THR D 129 -22.54 -27.68 -31.03
N ALA D 130 -21.60 -28.63 -30.97
CA ALA D 130 -21.07 -29.07 -29.69
C ALA D 130 -20.25 -27.99 -29.02
N PHE D 131 -20.38 -27.89 -27.69
CA PHE D 131 -19.56 -27.01 -26.88
C PHE D 131 -19.21 -27.71 -25.59
N THR D 132 -18.18 -27.20 -24.90
CA THR D 132 -17.63 -27.82 -23.72
C THR D 132 -17.52 -26.80 -22.59
N ILE D 133 -18.05 -27.16 -21.43
CA ILE D 133 -18.01 -26.33 -20.23
C ILE D 133 -16.83 -26.79 -19.38
N PRO D 134 -15.84 -25.95 -19.11
CA PRO D 134 -14.69 -26.35 -18.31
C PRO D 134 -14.98 -26.19 -16.82
N SER D 135 -13.98 -26.53 -16.01
CA SER D 135 -14.06 -26.41 -14.56
C SER D 135 -12.80 -25.75 -14.02
N ILE D 136 -12.94 -25.10 -12.88
CA ILE D 136 -11.82 -24.41 -12.25
C ILE D 136 -10.79 -25.43 -11.78
N ASN D 137 -9.51 -25.14 -12.04
CA ASN D 137 -8.40 -26.00 -11.66
C ASN D 137 -8.52 -27.40 -12.23
N ASN D 138 -9.31 -27.58 -13.28
CA ASN D 138 -9.48 -28.87 -13.93
C ASN D 138 -9.85 -29.96 -12.93
N GLU D 139 -10.72 -29.62 -11.99
CA GLU D 139 -11.23 -30.61 -11.06
C GLU D 139 -12.01 -31.69 -11.80
N THR D 140 -12.96 -31.27 -12.64
CA THR D 140 -13.74 -32.17 -13.48
C THR D 140 -13.41 -31.93 -14.95
N PRO D 141 -13.32 -32.99 -15.75
CA PRO D 141 -13.14 -32.81 -17.20
C PRO D 141 -14.27 -31.99 -17.81
N GLY D 142 -14.09 -31.65 -19.07
CA GLY D 142 -15.07 -30.82 -19.74
C GLY D 142 -16.41 -31.52 -19.87
N ILE D 143 -17.48 -30.77 -19.62
CA ILE D 143 -18.84 -31.27 -19.75
C ILE D 143 -19.36 -30.81 -21.11
N ARG D 144 -19.61 -31.76 -22.01
CA ARG D 144 -19.96 -31.46 -23.38
C ARG D 144 -21.46 -31.53 -23.60
N TYR D 145 -21.94 -30.69 -24.51
CA TYR D 145 -23.36 -30.61 -24.86
C TYR D 145 -23.50 -30.46 -26.37
N GLN D 146 -24.75 -30.41 -26.83
CA GLN D 146 -25.08 -30.00 -28.18
C GLN D 146 -26.51 -29.47 -28.16
N TYR D 147 -26.88 -28.75 -29.20
CA TYR D 147 -28.15 -28.03 -29.24
C TYR D 147 -29.24 -28.89 -29.87
N ASN D 148 -30.44 -28.82 -29.29
CA ASN D 148 -31.63 -29.46 -29.83
C ASN D 148 -32.61 -28.46 -30.43
N VAL D 149 -32.32 -27.16 -30.33
CA VAL D 149 -33.18 -26.13 -30.91
C VAL D 149 -32.33 -25.25 -31.81
N LEU D 150 -32.89 -24.14 -32.27
CA LEU D 150 -32.11 -23.18 -33.03
C LEU D 150 -31.16 -22.47 -32.09
N PRO D 151 -29.85 -22.62 -32.26
CA PRO D 151 -28.92 -22.01 -31.31
C PRO D 151 -28.70 -20.53 -31.60
N GLN D 152 -28.63 -19.75 -30.53
CA GLN D 152 -28.30 -18.33 -30.67
C GLN D 152 -26.90 -18.17 -31.22
N GLY D 153 -26.70 -17.16 -32.06
CA GLY D 153 -25.41 -16.88 -32.63
C GLY D 153 -25.06 -17.65 -33.88
N TRP D 154 -25.94 -18.54 -34.35
CA TRP D 154 -25.70 -19.27 -35.57
C TRP D 154 -26.35 -18.55 -36.74
N LYS D 155 -25.65 -18.52 -37.88
CA LYS D 155 -26.14 -17.78 -39.03
C LYS D 155 -27.33 -18.47 -39.69
N GLY D 156 -27.50 -19.77 -39.47
CA GLY D 156 -28.66 -20.47 -40.01
C GLY D 156 -29.93 -20.28 -39.21
N SER D 157 -29.81 -19.81 -37.97
CA SER D 157 -31.01 -19.61 -37.14
C SER D 157 -31.92 -18.54 -37.72
N PRO D 158 -31.43 -17.35 -38.09
CA PRO D 158 -32.33 -16.36 -38.70
C PRO D 158 -32.81 -16.78 -40.09
N ALA D 159 -32.02 -17.57 -40.82
CA ALA D 159 -32.43 -17.99 -42.16
C ALA D 159 -33.56 -19.02 -42.08
N ILE D 160 -33.39 -20.04 -41.23
CA ILE D 160 -34.44 -21.05 -41.08
C ILE D 160 -35.70 -20.42 -40.50
N PHE D 161 -35.53 -19.53 -39.52
CA PHE D 161 -36.65 -18.86 -38.88
C PHE D 161 -37.22 -17.73 -39.72
N GLN D 162 -36.60 -17.39 -40.85
CA GLN D 162 -37.05 -16.26 -41.64
C GLN D 162 -38.47 -16.46 -42.12
N SER D 163 -38.79 -17.64 -42.63
CA SER D 163 -40.15 -17.92 -43.07
C SER D 163 -41.15 -17.71 -41.94
N SER D 164 -40.83 -18.25 -40.75
CA SER D 164 -41.68 -18.06 -39.60
C SER D 164 -41.69 -16.60 -39.13
N MET D 165 -40.57 -15.90 -39.28
CA MET D 165 -40.47 -14.53 -38.76
C MET D 165 -41.42 -13.60 -39.50
N THR D 166 -41.41 -13.65 -40.84
CA THR D 166 -42.27 -12.76 -41.61
C THR D 166 -43.75 -12.98 -41.25
N LYS D 167 -44.11 -14.21 -40.89
CA LYS D 167 -45.48 -14.47 -40.44
C LYS D 167 -45.81 -13.69 -39.18
N ILE D 168 -44.90 -13.74 -38.20
CA ILE D 168 -45.16 -13.10 -36.91
C ILE D 168 -45.25 -11.59 -37.07
N LEU D 169 -44.51 -11.02 -38.03
CA LEU D 169 -44.46 -9.57 -38.23
C LEU D 169 -45.52 -9.07 -39.20
N GLU D 170 -46.18 -9.96 -39.95
CA GLU D 170 -47.20 -9.54 -40.90
C GLU D 170 -48.25 -8.63 -40.30
N PRO D 171 -48.86 -8.94 -39.15
CA PRO D 171 -49.86 -8.02 -38.59
C PRO D 171 -49.31 -6.66 -38.25
N PHE D 172 -48.16 -6.60 -37.55
CA PHE D 172 -47.59 -5.30 -37.19
C PHE D 172 -47.10 -4.56 -38.42
N LYS D 173 -46.46 -5.28 -39.35
CA LYS D 173 -45.93 -4.63 -40.55
C LYS D 173 -47.06 -4.09 -41.42
N LYS D 174 -48.18 -4.82 -41.49
CA LYS D 174 -49.30 -4.35 -42.29
C LYS D 174 -49.95 -3.10 -41.70
N GLN D 175 -49.95 -2.98 -40.37
CA GLN D 175 -50.51 -1.79 -39.73
C GLN D 175 -49.56 -0.61 -39.82
N ASN D 176 -48.25 -0.86 -39.89
CA ASN D 176 -47.23 0.19 -39.98
C ASN D 176 -46.36 -0.06 -41.19
N PRO D 177 -46.84 0.28 -42.39
CA PRO D 177 -46.07 -0.01 -43.61
C PRO D 177 -44.85 0.87 -43.78
N ASP D 178 -44.72 1.96 -43.02
CA ASP D 178 -43.60 2.86 -43.15
C ASP D 178 -42.45 2.53 -42.21
N ILE D 179 -42.71 1.77 -41.15
CA ILE D 179 -41.66 1.41 -40.20
C ILE D 179 -40.82 0.29 -40.78
N VAL D 180 -39.51 0.49 -40.81
CA VAL D 180 -38.58 -0.47 -41.41
C VAL D 180 -38.15 -1.47 -40.35
N ILE D 181 -38.11 -2.75 -40.72
CA ILE D 181 -37.71 -3.83 -39.84
C ILE D 181 -36.63 -4.64 -40.54
N TYR D 182 -35.48 -4.79 -39.88
CA TYR D 182 -34.37 -5.58 -40.39
C TYR D 182 -33.95 -6.60 -39.35
N GLN D 183 -33.62 -7.80 -39.81
CA GLN D 183 -33.20 -8.90 -38.95
C GLN D 183 -31.76 -9.28 -39.27
N TYR D 184 -30.92 -9.29 -38.24
CA TYR D 184 -29.54 -9.75 -38.37
C TYR D 184 -29.21 -10.58 -37.14
N MET D 185 -28.87 -11.86 -37.36
CA MET D 185 -28.50 -12.78 -36.29
C MET D 185 -29.63 -12.78 -35.26
N ASP D 186 -29.34 -12.66 -33.97
CA ASP D 186 -30.34 -12.73 -32.92
C ASP D 186 -31.00 -11.39 -32.61
N ASP D 187 -30.81 -10.39 -33.47
CA ASP D 187 -31.29 -9.05 -33.21
C ASP D 187 -32.32 -8.62 -34.26
N LEU D 188 -33.17 -7.67 -33.88
CA LEU D 188 -34.18 -7.11 -34.76
C LEU D 188 -34.02 -5.61 -34.77
N TYR D 189 -33.84 -5.03 -35.96
CA TYR D 189 -33.62 -3.61 -36.12
C TYR D 189 -34.90 -2.98 -36.65
N VAL D 190 -35.49 -2.07 -35.87
CA VAL D 190 -36.76 -1.44 -36.20
C VAL D 190 -36.55 0.06 -36.20
N GLY D 191 -36.67 0.69 -37.36
CA GLY D 191 -36.46 2.11 -37.51
C GLY D 191 -37.73 2.83 -37.93
N SER D 192 -37.87 4.06 -37.45
CA SER D 192 -39.02 4.89 -37.79
C SER D 192 -38.60 6.36 -37.75
N ASP D 193 -39.33 7.18 -38.49
CA ASP D 193 -39.11 8.63 -38.49
C ASP D 193 -40.03 9.35 -37.51
N LEU D 194 -40.85 8.63 -36.76
CA LEU D 194 -41.79 9.27 -35.85
C LEU D 194 -41.04 9.88 -34.66
N GLU D 195 -41.77 10.64 -33.86
CA GLU D 195 -41.19 11.25 -32.67
C GLU D 195 -40.71 10.18 -31.70
N ILE D 196 -39.69 10.53 -30.91
CA ILE D 196 -39.04 9.56 -30.04
C ILE D 196 -40.04 8.98 -29.04
N GLY D 197 -40.82 9.85 -28.39
CA GLY D 197 -41.83 9.35 -27.48
C GLY D 197 -42.83 8.44 -28.17
N GLN D 198 -43.27 8.83 -29.36
CA GLN D 198 -44.14 7.96 -30.14
C GLN D 198 -43.37 6.74 -30.67
N HIS D 199 -42.06 6.90 -30.88
CA HIS D 199 -41.24 5.76 -31.27
C HIS D 199 -41.15 4.73 -30.15
N ARG D 200 -40.81 5.18 -28.94
CA ARG D 200 -40.74 4.27 -27.80
C ARG D 200 -42.10 3.63 -27.50
N THR D 201 -43.18 4.38 -27.69
CA THR D 201 -44.52 3.83 -27.45
C THR D 201 -44.82 2.70 -28.41
N LYS D 202 -44.66 2.94 -29.71
CA LYS D 202 -44.89 1.88 -30.71
C LYS D 202 -43.92 0.73 -30.55
N ILE D 203 -42.76 0.95 -29.95
CA ILE D 203 -41.82 -0.14 -29.71
C ILE D 203 -42.41 -1.15 -28.74
N GLU D 204 -43.05 -0.66 -27.67
CA GLU D 204 -43.69 -1.56 -26.71
C GLU D 204 -44.77 -2.39 -27.37
N GLU D 205 -45.46 -1.83 -28.37
CA GLU D 205 -46.44 -2.61 -29.11
C GLU D 205 -45.83 -3.88 -29.70
N LEU D 206 -44.70 -3.74 -30.40
CA LEU D 206 -44.09 -4.87 -31.06
C LEU D 206 -43.55 -5.91 -30.09
N ARG D 207 -43.19 -5.50 -28.87
CA ARG D 207 -42.65 -6.44 -27.90
C ARG D 207 -43.66 -7.54 -27.57
N GLN D 208 -44.84 -7.14 -27.11
CA GLN D 208 -45.87 -8.11 -26.76
C GLN D 208 -46.48 -8.77 -28.00
N HIS D 209 -46.39 -8.12 -29.17
CA HIS D 209 -46.79 -8.78 -30.40
C HIS D 209 -45.99 -10.07 -30.62
N LEU D 210 -44.71 -10.06 -30.27
CA LEU D 210 -43.92 -11.28 -30.32
C LEU D 210 -44.23 -12.21 -29.15
N LEU D 211 -44.68 -11.65 -28.02
CA LEU D 211 -45.09 -12.48 -26.90
C LEU D 211 -46.35 -13.29 -27.21
N ARG D 212 -47.12 -12.89 -28.23
CA ARG D 212 -48.26 -13.68 -28.64
C ARG D 212 -47.85 -14.99 -29.32
N TRP D 213 -46.59 -15.14 -29.72
CA TRP D 213 -46.04 -16.40 -30.16
C TRP D 213 -45.06 -17.02 -29.18
N GLY D 214 -44.20 -16.20 -28.56
CA GLY D 214 -43.29 -16.66 -27.54
C GLY D 214 -43.97 -17.06 -26.25
N PRO D 227 -31.33 -10.04 -21.38
CA PRO D 227 -31.19 -11.00 -22.47
C PRO D 227 -32.47 -11.15 -23.29
N PHE D 228 -33.61 -11.15 -22.61
CA PHE D 228 -34.90 -11.35 -23.26
C PHE D 228 -35.35 -10.02 -23.88
N LEU D 229 -36.59 -9.98 -24.36
CA LEU D 229 -37.13 -8.86 -25.11
C LEU D 229 -37.04 -7.52 -24.38
N TRP D 230 -36.77 -7.55 -23.08
CA TRP D 230 -37.03 -6.38 -22.24
C TRP D 230 -36.08 -5.22 -22.55
N MET D 231 -34.90 -5.49 -23.09
CA MET D 231 -33.92 -4.42 -23.30
C MET D 231 -34.28 -3.57 -24.51
N GLY D 232 -33.85 -2.31 -24.46
CA GLY D 232 -34.08 -1.38 -25.55
C GLY D 232 -33.20 -0.15 -25.52
N TYR D 233 -32.58 0.17 -26.65
CA TYR D 233 -31.76 1.38 -26.78
C TYR D 233 -31.85 1.88 -28.22
N GLU D 234 -31.79 3.20 -28.37
CA GLU D 234 -32.09 3.86 -29.62
C GLU D 234 -30.82 4.31 -30.34
N LEU D 235 -30.78 4.05 -31.64
CA LEU D 235 -29.75 4.57 -32.53
C LEU D 235 -30.34 5.67 -33.40
N HIS D 236 -29.47 6.38 -34.11
CA HIS D 236 -29.89 7.46 -35.00
C HIS D 236 -28.98 7.49 -36.21
N PRO D 237 -29.20 6.59 -37.18
CA PRO D 237 -28.28 6.51 -38.33
C PRO D 237 -28.31 7.73 -39.23
N ASP D 238 -29.40 8.49 -39.25
CA ASP D 238 -29.43 9.70 -40.08
C ASP D 238 -28.47 10.76 -39.59
N LYS D 239 -27.90 10.61 -38.39
CA LYS D 239 -26.93 11.54 -37.85
C LYS D 239 -25.49 11.08 -38.06
N TRP D 240 -25.28 9.94 -38.71
CA TRP D 240 -23.93 9.44 -38.93
C TRP D 240 -23.27 10.18 -40.09
N THR D 241 -22.09 10.72 -39.83
CA THR D 241 -21.32 11.50 -40.78
C THR D 241 -19.94 10.87 -41.00
N VAL D 242 -19.18 11.46 -41.91
CA VAL D 242 -17.84 10.99 -42.22
C VAL D 242 -16.82 11.99 -41.68
N GLN D 243 -15.59 11.53 -41.52
CA GLN D 243 -14.49 12.35 -41.04
C GLN D 243 -13.54 12.67 -42.19
N PRO D 244 -13.56 13.89 -42.72
CA PRO D 244 -12.69 14.20 -43.85
C PRO D 244 -11.26 14.52 -43.40
N ILE D 245 -10.34 14.37 -44.35
CA ILE D 245 -8.95 14.75 -44.11
C ILE D 245 -8.86 16.26 -44.05
N VAL D 246 -8.32 16.78 -42.95
CA VAL D 246 -8.26 18.22 -42.71
C VAL D 246 -6.80 18.64 -42.52
N LEU D 247 -6.43 19.75 -43.15
CA LEU D 247 -5.12 20.36 -42.93
C LEU D 247 -5.29 21.60 -42.07
N PRO D 248 -4.67 21.68 -40.90
CA PRO D 248 -4.74 22.92 -40.12
C PRO D 248 -4.10 24.07 -40.90
N GLU D 249 -4.55 25.28 -40.60
CA GLU D 249 -3.96 26.49 -41.16
C GLU D 249 -3.24 27.25 -40.06
N LYS D 250 -1.98 27.57 -40.31
CA LYS D 250 -1.16 28.33 -39.39
C LYS D 250 -0.83 29.68 -40.01
N ASP D 251 -0.52 30.64 -39.15
CA ASP D 251 -0.13 31.96 -39.63
C ASP D 251 1.37 32.04 -39.92
N SER D 252 2.19 31.26 -39.23
CA SER D 252 3.60 31.09 -39.55
C SER D 252 3.91 29.59 -39.61
N TRP D 253 4.73 29.20 -40.58
CA TRP D 253 5.09 27.79 -40.76
C TRP D 253 6.60 27.62 -40.55
N THR D 254 6.97 26.59 -39.80
CA THR D 254 8.36 26.18 -39.66
C THR D 254 8.70 25.10 -40.69
N VAL D 255 10.00 24.86 -40.87
CA VAL D 255 10.44 23.78 -41.74
C VAL D 255 9.80 22.47 -41.33
N ASN D 256 9.77 22.19 -40.02
CA ASN D 256 9.15 20.96 -39.54
C ASN D 256 7.67 20.93 -39.86
N ASP D 257 6.99 22.09 -39.77
CA ASP D 257 5.58 22.14 -40.12
C ASP D 257 5.35 21.75 -41.57
N ILE D 258 6.16 22.30 -42.48
CA ILE D 258 5.98 22.03 -43.90
C ILE D 258 6.34 20.58 -44.22
N GLN D 259 7.36 20.03 -43.55
CA GLN D 259 7.67 18.63 -43.74
C GLN D 259 6.50 17.75 -43.32
N LYS D 260 5.96 18.00 -42.13
CA LYS D 260 4.75 17.29 -41.67
C LYS D 260 3.64 17.42 -42.70
N LEU D 261 3.39 18.64 -43.16
CA LEU D 261 2.32 18.88 -44.13
C LEU D 261 2.55 18.12 -45.41
N VAL D 262 3.77 18.19 -45.95
CA VAL D 262 4.07 17.52 -47.22
C VAL D 262 3.88 16.01 -47.08
N GLY D 263 4.31 15.45 -45.95
CA GLY D 263 4.10 14.03 -45.72
C GLY D 263 2.63 13.66 -45.65
N LYS D 264 1.84 14.45 -44.92
CA LYS D 264 0.42 14.18 -44.81
C LYS D 264 -0.26 14.28 -46.18
N LEU D 265 0.05 15.33 -46.94
CA LEU D 265 -0.51 15.46 -48.28
C LEU D 265 -0.06 14.33 -49.19
N ASN D 266 1.18 13.87 -49.03
CA ASN D 266 1.66 12.77 -49.85
C ASN D 266 0.90 11.48 -49.58
N TRP D 267 0.60 11.24 -48.30
CA TRP D 267 -0.16 10.03 -47.88
C TRP D 267 -1.62 10.17 -48.30
N ALA D 268 -2.11 11.40 -48.39
CA ALA D 268 -3.51 11.68 -48.80
C ALA D 268 -3.64 11.54 -50.32
N SER D 269 -2.53 11.68 -51.04
CA SER D 269 -2.54 11.57 -52.49
C SER D 269 -2.91 10.17 -52.95
N GLN D 270 -2.74 9.17 -52.09
CA GLN D 270 -3.18 7.82 -52.44
C GLN D 270 -4.70 7.75 -52.51
N ILE D 271 -5.39 8.62 -51.81
CA ILE D 271 -6.85 8.68 -51.86
C ILE D 271 -7.32 9.70 -52.88
N TYR D 272 -6.78 10.92 -52.83
CA TYR D 272 -7.10 11.97 -53.79
C TYR D 272 -5.92 12.13 -54.75
N PRO D 273 -6.01 11.61 -55.98
CA PRO D 273 -4.82 11.63 -56.86
C PRO D 273 -4.41 13.02 -57.30
N GLY D 274 -5.30 14.01 -57.23
CA GLY D 274 -4.99 15.36 -57.69
C GLY D 274 -4.17 16.20 -56.74
N ILE D 275 -3.75 15.65 -55.60
CA ILE D 275 -3.01 16.42 -54.60
C ILE D 275 -1.57 16.54 -55.06
N LYS D 276 -1.01 17.75 -54.95
CA LYS D 276 0.35 18.03 -55.38
C LYS D 276 1.13 18.65 -54.24
N VAL D 277 2.43 18.36 -54.21
CA VAL D 277 3.31 18.84 -53.15
C VAL D 277 4.54 19.50 -53.75
N ARG D 278 4.52 19.73 -55.06
CA ARG D 278 5.69 20.30 -55.73
C ARG D 278 6.07 21.65 -55.13
N GLN D 279 5.12 22.58 -55.10
CA GLN D 279 5.44 23.93 -54.66
C GLN D 279 5.73 23.99 -53.17
N LEU D 280 5.20 23.04 -52.39
CA LEU D 280 5.48 23.05 -50.96
C LEU D 280 6.85 22.45 -50.65
N SER D 281 7.25 21.41 -51.39
CA SER D 281 8.58 20.85 -51.21
C SER D 281 9.66 21.88 -51.57
N LYS D 282 9.43 22.65 -52.63
CA LYS D 282 10.41 23.64 -53.06
C LYS D 282 10.75 24.62 -51.95
N LEU D 283 9.78 24.89 -51.05
CA LEU D 283 10.06 25.76 -49.91
C LEU D 283 11.16 25.20 -49.02
N LEU D 284 11.40 23.89 -49.06
CA LEU D 284 12.44 23.27 -48.24
C LEU D 284 13.73 23.06 -49.02
N ARG D 285 13.95 23.81 -50.09
CA ARG D 285 15.15 23.63 -50.90
C ARG D 285 16.36 24.09 -50.10
N GLY D 286 17.31 23.18 -49.89
CA GLY D 286 18.48 23.44 -49.08
C GLY D 286 18.64 22.40 -47.98
N THR D 287 19.21 22.83 -46.86
CA THR D 287 19.42 21.97 -45.70
C THR D 287 19.24 22.83 -44.44
N LYS D 288 17.99 22.99 -44.03
CA LYS D 288 17.62 23.98 -43.03
C LYS D 288 17.30 23.34 -41.69
N ALA D 289 17.39 24.14 -40.64
CA ALA D 289 17.00 23.71 -39.32
C ALA D 289 15.49 23.51 -39.24
N LEU D 290 15.07 22.52 -38.44
CA LEU D 290 13.65 22.16 -38.39
C LEU D 290 12.78 23.28 -37.84
N THR D 291 13.32 24.11 -36.95
CA THR D 291 12.55 25.16 -36.30
C THR D 291 12.63 26.49 -37.02
N GLU D 292 13.21 26.52 -38.23
CA GLU D 292 13.33 27.76 -38.98
C GLU D 292 11.99 28.15 -39.59
N VAL D 293 11.61 29.40 -39.41
CA VAL D 293 10.36 29.92 -39.97
C VAL D 293 10.61 30.31 -41.42
N ILE D 294 9.85 29.74 -42.33
CA ILE D 294 9.98 30.05 -43.76
C ILE D 294 8.62 30.49 -44.29
N PRO D 295 8.56 31.61 -45.00
CA PRO D 295 7.27 32.09 -45.51
C PRO D 295 6.84 31.34 -46.75
N LEU D 296 5.53 31.33 -46.98
CA LEU D 296 4.97 30.64 -48.14
C LEU D 296 5.13 31.50 -49.39
N THR D 297 5.48 30.84 -50.48
CA THR D 297 5.48 31.48 -51.80
C THR D 297 4.05 31.53 -52.34
N GLU D 298 3.83 32.42 -53.31
CA GLU D 298 2.52 32.50 -53.94
C GLU D 298 2.14 31.17 -54.60
N GLU D 299 3.13 30.50 -55.20
CA GLU D 299 2.84 29.22 -55.83
C GLU D 299 2.51 28.15 -54.81
N ALA D 300 3.15 28.20 -53.63
CA ALA D 300 2.82 27.22 -52.60
C ALA D 300 1.44 27.49 -52.01
N GLU D 301 1.04 28.76 -51.90
CA GLU D 301 -0.29 29.07 -51.40
C GLU D 301 -1.36 28.62 -52.38
N LEU D 302 -1.12 28.79 -53.68
CA LEU D 302 -2.06 28.29 -54.67
C LEU D 302 -2.15 26.77 -54.62
N GLU D 303 -1.01 26.11 -54.41
CA GLU D 303 -1.01 24.65 -54.27
C GLU D 303 -1.81 24.23 -53.04
N LEU D 304 -1.61 24.92 -51.92
CA LEU D 304 -2.34 24.61 -50.70
C LEU D 304 -3.84 24.81 -50.90
N ALA D 305 -4.22 25.94 -51.52
CA ALA D 305 -5.64 26.19 -51.76
C ALA D 305 -6.26 25.11 -52.63
N GLU D 306 -5.54 24.65 -53.65
CA GLU D 306 -6.08 23.61 -54.52
C GLU D 306 -6.18 22.28 -53.80
N ASN D 307 -5.22 21.97 -52.93
CA ASN D 307 -5.28 20.73 -52.17
C ASN D 307 -6.47 20.75 -51.21
N ARG D 308 -6.73 21.89 -50.57
CA ARG D 308 -7.90 22.00 -49.71
C ARG D 308 -9.18 21.86 -50.52
N GLU D 309 -9.20 22.41 -51.73
CA GLU D 309 -10.32 22.20 -52.64
C GLU D 309 -10.61 20.72 -52.81
N ILE D 310 -9.56 19.93 -53.08
CA ILE D 310 -9.73 18.51 -53.34
C ILE D 310 -10.18 17.75 -52.10
N LEU D 311 -9.77 18.20 -50.90
CA LEU D 311 -10.12 17.49 -49.69
C LEU D 311 -11.55 17.75 -49.23
N LYS D 312 -12.21 18.79 -49.74
CA LYS D 312 -13.61 19.02 -49.38
C LYS D 312 -14.56 18.17 -50.22
N GLU D 313 -14.22 17.91 -51.47
CA GLU D 313 -15.10 17.11 -52.32
C GLU D 313 -14.99 15.64 -51.96
N PRO D 314 -16.03 14.85 -52.28
CA PRO D 314 -16.01 13.43 -51.91
C PRO D 314 -15.07 12.63 -52.78
N VAL D 315 -14.75 11.42 -52.29
CA VAL D 315 -13.91 10.52 -53.06
C VAL D 315 -14.72 9.96 -54.23
N HIS D 316 -14.07 9.82 -55.38
CA HIS D 316 -14.73 9.38 -56.60
C HIS D 316 -14.65 7.86 -56.74
N GLY D 317 -15.76 7.27 -57.16
CA GLY D 317 -15.74 5.84 -57.47
C GLY D 317 -15.69 4.89 -56.30
N VAL D 318 -16.36 5.21 -55.20
CA VAL D 318 -16.41 4.33 -54.04
C VAL D 318 -17.73 3.57 -54.14
N TYR D 319 -17.68 2.43 -54.83
CA TYR D 319 -18.84 1.57 -55.05
CA TYR D 319 -18.84 1.57 -55.04
C TYR D 319 -18.84 0.43 -54.04
N TYR D 320 -20.02 0.14 -53.49
CA TYR D 320 -20.17 -0.96 -52.54
C TYR D 320 -20.46 -2.25 -53.29
N ASP D 321 -19.62 -3.26 -53.08
CA ASP D 321 -19.84 -4.57 -53.68
C ASP D 321 -20.39 -5.51 -52.63
N PRO D 322 -21.64 -5.95 -52.74
CA PRO D 322 -22.21 -6.85 -51.71
C PRO D 322 -21.49 -8.17 -51.59
N SER D 323 -20.80 -8.63 -52.64
CA SER D 323 -20.12 -9.92 -52.60
C SER D 323 -18.75 -9.85 -51.95
N LYS D 324 -18.23 -8.66 -51.69
CA LYS D 324 -16.93 -8.50 -51.05
C LYS D 324 -17.09 -8.21 -49.57
N ASP D 325 -16.09 -8.57 -48.79
CA ASP D 325 -16.13 -8.38 -47.35
C ASP D 325 -15.79 -6.94 -46.98
N LEU D 326 -16.35 -6.49 -45.87
CA LEU D 326 -16.05 -5.17 -45.33
C LEU D 326 -14.87 -5.26 -44.38
N ILE D 327 -13.99 -4.27 -44.46
CA ILE D 327 -12.80 -4.20 -43.63
C ILE D 327 -12.83 -2.91 -42.83
N ALA D 328 -12.45 -3.00 -41.56
CA ALA D 328 -12.43 -1.84 -40.66
C ALA D 328 -11.05 -1.72 -40.03
N GLU D 329 -10.43 -0.56 -40.18
CA GLU D 329 -9.18 -0.23 -39.52
C GLU D 329 -9.46 0.78 -38.41
N ILE D 330 -8.74 0.65 -37.30
CA ILE D 330 -8.92 1.51 -36.14
C ILE D 330 -7.56 2.06 -35.73
N GLN D 331 -7.51 3.35 -35.42
CA GLN D 331 -6.32 4.00 -34.91
C GLN D 331 -6.62 4.56 -33.53
N LYS D 332 -5.72 4.30 -32.58
CA LYS D 332 -5.79 4.92 -31.27
C LYS D 332 -5.17 6.31 -31.35
N GLN D 333 -5.99 7.34 -31.14
CA GLN D 333 -5.54 8.72 -31.24
C GLN D 333 -5.15 9.31 -29.88
N GLY D 334 -5.32 8.57 -28.80
CA GLY D 334 -5.04 9.08 -27.48
C GLY D 334 -6.18 9.93 -26.94
N GLN D 335 -6.22 10.05 -25.61
CA GLN D 335 -7.24 10.85 -24.94
C GLN D 335 -8.64 10.32 -25.26
N GLY D 336 -8.80 9.01 -25.23
CA GLY D 336 -10.09 8.38 -25.49
C GLY D 336 -10.60 8.53 -26.90
N GLN D 337 -9.81 9.09 -27.82
CA GLN D 337 -10.22 9.27 -29.20
C GLN D 337 -9.78 8.09 -30.06
N TRP D 338 -10.68 7.64 -30.93
CA TRP D 338 -10.41 6.52 -31.82
C TRP D 338 -11.00 6.82 -33.20
N THR D 339 -10.17 6.73 -34.22
CA THR D 339 -10.62 6.90 -35.60
C THR D 339 -10.69 5.53 -36.28
N TYR D 340 -11.56 5.45 -37.29
CA TYR D 340 -11.75 4.19 -37.99
C TYR D 340 -12.18 4.47 -39.43
N GLN D 341 -11.89 3.51 -40.31
CA GLN D 341 -12.30 3.59 -41.70
C GLN D 341 -12.84 2.24 -42.15
N ILE D 342 -13.90 2.27 -42.94
CA ILE D 342 -14.53 1.06 -43.48
C ILE D 342 -14.37 1.08 -44.99
N TYR D 343 -13.86 -0.02 -45.54
CA TYR D 343 -13.59 -0.10 -46.97
C TYR D 343 -13.55 -1.56 -47.39
N GLN D 344 -13.60 -1.77 -48.70
CA GLN D 344 -13.39 -3.07 -49.31
C GLN D 344 -12.14 -3.12 -50.17
N GLU D 345 -11.84 -2.05 -50.89
CA GLU D 345 -10.60 -1.84 -51.62
C GLU D 345 -9.77 -0.76 -50.95
N PRO D 346 -8.45 -0.93 -50.87
CA PRO D 346 -7.62 0.07 -50.20
C PRO D 346 -7.82 1.46 -50.80
N PHE D 347 -7.92 2.45 -49.91
CA PHE D 347 -8.05 3.87 -50.25
C PHE D 347 -9.41 4.21 -50.87
N LYS D 348 -10.32 3.24 -50.99
CA LYS D 348 -11.69 3.49 -51.41
C LYS D 348 -12.57 3.26 -50.18
N ASN D 349 -12.62 4.28 -49.32
CA ASN D 349 -13.32 4.14 -48.04
C ASN D 349 -14.82 4.34 -48.23
N LEU D 350 -15.60 3.40 -47.69
CA LEU D 350 -17.04 3.58 -47.66
C LEU D 350 -17.48 4.48 -46.52
N LYS D 351 -16.74 4.47 -45.42
CA LYS D 351 -17.05 5.34 -44.29
C LYS D 351 -15.80 5.56 -43.45
N THR D 352 -15.69 6.76 -42.89
CA THR D 352 -14.66 7.11 -41.92
C THR D 352 -15.34 7.76 -40.72
N GLY D 353 -14.88 7.42 -39.52
CA GLY D 353 -15.51 7.91 -38.31
C GLY D 353 -14.50 8.16 -37.21
N LYS D 354 -15.00 8.69 -36.09
CA LYS D 354 -14.18 9.02 -34.94
C LYS D 354 -15.02 8.81 -33.69
N TYR D 355 -14.74 7.73 -32.96
CA TYR D 355 -15.45 7.38 -31.74
C TYR D 355 -14.63 7.82 -30.53
N ALA D 356 -15.31 8.44 -29.56
CA ALA D 356 -14.64 9.02 -28.40
C ALA D 356 -15.23 8.51 -27.10
N ARG D 357 -16.14 9.29 -26.51
CA ARG D 357 -16.85 8.95 -25.28
C ARG D 357 -16.01 8.10 -24.34
N MET D 358 -14.87 8.63 -23.89
CA MET D 358 -13.99 7.89 -22.99
C MET D 358 -14.67 7.57 -21.66
N ARG D 359 -15.73 8.29 -21.30
CA ARG D 359 -16.42 8.08 -20.05
C ARG D 359 -16.74 6.59 -19.85
N GLY D 360 -16.79 6.17 -18.60
CA GLY D 360 -16.97 4.77 -18.25
C GLY D 360 -15.77 4.23 -17.49
N ALA D 361 -15.15 3.18 -18.00
CA ALA D 361 -13.86 2.72 -17.48
C ALA D 361 -12.80 3.65 -18.04
N HIS D 362 -12.70 4.83 -17.43
CA HIS D 362 -11.96 5.96 -17.98
C HIS D 362 -10.46 5.68 -18.12
N THR D 363 -9.97 4.54 -17.67
CA THR D 363 -8.54 4.23 -17.74
C THR D 363 -8.33 2.81 -18.23
N ASN D 364 -8.99 2.44 -19.33
CA ASN D 364 -8.93 1.08 -19.85
C ASN D 364 -8.95 1.16 -21.37
N ASP D 365 -7.78 0.96 -21.99
CA ASP D 365 -7.68 1.04 -23.45
C ASP D 365 -8.42 -0.12 -24.11
N VAL D 366 -8.33 -1.31 -23.54
CA VAL D 366 -8.93 -2.48 -24.17
C VAL D 366 -10.45 -2.36 -24.16
N LYS D 367 -11.02 -1.83 -23.07
CA LYS D 367 -12.46 -1.68 -23.00
C LYS D 367 -12.96 -0.64 -24.01
N GLN D 368 -12.22 0.47 -24.17
CA GLN D 368 -12.60 1.46 -25.15
C GLN D 368 -12.56 0.88 -26.56
N LEU D 369 -11.55 0.06 -26.86
CA LEU D 369 -11.46 -0.55 -28.18
C LEU D 369 -12.58 -1.55 -28.40
N THR D 370 -12.88 -2.37 -27.38
CA THR D 370 -14.00 -3.31 -27.49
C THR D 370 -15.30 -2.58 -27.80
N GLU D 371 -15.57 -1.48 -27.08
CA GLU D 371 -16.76 -0.69 -27.37
C GLU D 371 -16.73 -0.15 -28.78
N ALA D 372 -15.58 0.37 -29.21
CA ALA D 372 -15.48 0.93 -30.56
C ALA D 372 -15.74 -0.15 -31.62
N VAL D 373 -15.22 -1.35 -31.41
CA VAL D 373 -15.47 -2.44 -32.35
C VAL D 373 -16.95 -2.73 -32.46
N GLN D 374 -17.67 -2.69 -31.33
CA GLN D 374 -19.09 -2.99 -31.34
C GLN D 374 -19.89 -1.89 -32.02
N LYS D 375 -19.58 -0.63 -31.75
CA LYS D 375 -20.26 0.47 -32.44
C LYS D 375 -20.05 0.39 -33.94
N ILE D 376 -18.82 0.13 -34.38
CA ILE D 376 -18.54 0.10 -35.82
C ILE D 376 -19.30 -1.05 -36.47
N THR D 377 -19.35 -2.21 -35.80
CA THR D 377 -20.13 -3.33 -36.31
C THR D 377 -21.60 -2.96 -36.39
N THR D 378 -22.14 -2.38 -35.32
CA THR D 378 -23.54 -1.98 -35.32
C THR D 378 -23.86 -1.06 -36.49
N GLU D 379 -22.96 -0.12 -36.79
CA GLU D 379 -23.17 0.78 -37.92
C GLU D 379 -23.10 0.03 -39.24
N SER D 380 -22.20 -0.95 -39.34
CA SER D 380 -22.08 -1.71 -40.58
C SER D 380 -23.32 -2.55 -40.84
N ILE D 381 -23.93 -3.09 -39.77
CA ILE D 381 -25.16 -3.85 -39.94
C ILE D 381 -26.28 -2.96 -40.44
N VAL D 382 -26.39 -1.75 -39.89
CA VAL D 382 -27.45 -0.83 -40.30
C VAL D 382 -27.24 -0.36 -41.73
N ILE D 383 -25.98 -0.11 -42.10
CA ILE D 383 -25.69 0.50 -43.40
C ILE D 383 -25.61 -0.55 -44.51
N TRP D 384 -24.96 -1.68 -44.25
CA TRP D 384 -24.75 -2.70 -45.27
C TRP D 384 -25.28 -4.08 -44.90
N GLY D 385 -25.77 -4.28 -43.68
CA GLY D 385 -26.21 -5.59 -43.26
C GLY D 385 -25.10 -6.62 -43.17
N LYS D 386 -23.85 -6.19 -43.04
CA LYS D 386 -22.71 -7.06 -42.91
C LYS D 386 -21.86 -6.65 -41.72
N THR D 387 -21.22 -7.62 -41.10
CA THR D 387 -20.22 -7.19 -40.13
C THR D 387 -18.85 -7.15 -40.78
N PRO D 388 -18.06 -6.12 -40.52
CA PRO D 388 -16.76 -5.99 -41.18
C PRO D 388 -15.69 -6.80 -40.46
N LYS D 389 -14.63 -7.10 -41.21
CA LYS D 389 -13.43 -7.68 -40.64
C LYS D 389 -12.54 -6.57 -40.09
N PHE D 390 -12.18 -6.68 -38.81
CA PHE D 390 -11.46 -5.63 -38.11
C PHE D 390 -9.95 -5.89 -38.12
N LYS D 391 -9.18 -4.82 -38.28
CA LYS D 391 -7.74 -4.83 -38.03
C LYS D 391 -7.52 -4.06 -36.74
N LEU D 392 -7.18 -4.78 -35.67
CA LEU D 392 -7.17 -4.16 -34.35
C LEU D 392 -5.76 -3.74 -33.97
N PRO D 393 -5.57 -2.45 -33.52
CA PRO D 393 -4.25 -2.00 -33.05
C PRO D 393 -3.98 -2.43 -31.61
N ILE D 394 -3.64 -3.71 -31.46
CA ILE D 394 -3.45 -4.30 -30.13
C ILE D 394 -2.75 -5.64 -30.28
N GLN D 395 -1.93 -5.99 -29.29
CA GLN D 395 -1.28 -7.29 -29.30
CA GLN D 395 -1.28 -7.29 -29.29
C GLN D 395 -2.33 -8.40 -29.17
N LYS D 396 -2.05 -9.53 -29.80
CA LYS D 396 -3.00 -10.63 -29.82
C LYS D 396 -3.31 -11.11 -28.40
N GLU D 397 -2.28 -11.40 -27.61
CA GLU D 397 -2.50 -11.93 -26.26
C GLU D 397 -3.26 -10.93 -25.39
N THR D 398 -3.01 -9.63 -25.57
CA THR D 398 -3.68 -8.62 -24.75
C THR D 398 -5.17 -8.60 -25.06
N TRP D 399 -5.53 -8.57 -26.34
CA TRP D 399 -6.94 -8.58 -26.72
C TRP D 399 -7.63 -9.85 -26.25
N GLU D 400 -7.01 -11.01 -26.53
CA GLU D 400 -7.65 -12.28 -26.22
C GLU D 400 -7.83 -12.48 -24.72
N THR D 401 -6.99 -11.84 -23.91
CA THR D 401 -7.08 -12.02 -22.46
C THR D 401 -8.25 -11.25 -21.84
N TRP D 402 -8.68 -10.16 -22.48
CA TRP D 402 -9.59 -9.22 -21.84
C TRP D 402 -10.88 -8.93 -22.61
N TRP D 403 -10.97 -9.25 -23.90
CA TRP D 403 -12.06 -8.69 -24.70
C TRP D 403 -13.42 -9.23 -24.29
N THR D 404 -13.49 -10.47 -23.78
CA THR D 404 -14.78 -11.01 -23.37
C THR D 404 -15.31 -10.33 -22.13
N GLU D 405 -14.43 -9.76 -21.30
CA GLU D 405 -14.86 -9.09 -20.08
C GLU D 405 -15.70 -7.85 -20.37
N TYR D 406 -15.65 -7.32 -21.59
CA TYR D 406 -16.36 -6.10 -21.93
C TYR D 406 -17.32 -6.27 -23.10
N TRP D 407 -17.43 -7.47 -23.67
CA TRP D 407 -18.32 -7.71 -24.79
C TRP D 407 -19.77 -7.81 -24.32
N GLN D 408 -20.68 -7.12 -25.02
CA GLN D 408 -22.09 -7.14 -24.65
C GLN D 408 -23.01 -7.31 -25.85
N ALA D 409 -22.50 -7.81 -26.98
CA ALA D 409 -23.31 -8.06 -28.16
C ALA D 409 -23.44 -9.56 -28.37
N THR D 410 -24.46 -9.95 -29.13
CA THR D 410 -24.73 -11.37 -29.37
C THR D 410 -23.98 -11.93 -30.57
N TRP D 411 -23.33 -11.08 -31.36
CA TRP D 411 -22.49 -11.52 -32.46
C TRP D 411 -21.02 -11.19 -32.17
N ILE D 412 -20.14 -11.81 -32.94
CA ILE D 412 -18.70 -11.58 -32.81
C ILE D 412 -18.10 -11.46 -34.20
N PRO D 413 -17.52 -10.32 -34.57
CA PRO D 413 -16.96 -10.17 -35.91
C PRO D 413 -15.60 -10.82 -36.03
N GLU D 414 -15.19 -11.03 -37.28
CA GLU D 414 -13.83 -11.48 -37.55
C GLU D 414 -12.86 -10.34 -37.29
N TRP D 415 -11.66 -10.70 -36.82
CA TRP D 415 -10.66 -9.68 -36.54
C TRP D 415 -9.26 -10.25 -36.73
N GLU D 416 -8.33 -9.34 -36.98
CA GLU D 416 -6.90 -9.64 -37.01
C GLU D 416 -6.17 -8.48 -36.33
N PHE D 417 -4.88 -8.68 -36.08
CA PHE D 417 -4.11 -7.76 -35.25
C PHE D 417 -2.99 -7.12 -36.08
N VAL D 418 -2.92 -5.79 -36.03
CA VAL D 418 -1.95 -5.02 -36.80
C VAL D 418 -1.16 -4.12 -35.86
N ASN D 419 0.04 -3.77 -36.29
CA ASN D 419 0.89 -2.84 -35.53
C ASN D 419 1.52 -1.87 -36.54
N THR D 420 0.93 -0.68 -36.66
CA THR D 420 1.38 0.33 -37.61
C THR D 420 1.72 1.63 -36.89
N PRO D 421 2.99 1.89 -36.62
CA PRO D 421 3.36 3.15 -35.98
C PRO D 421 2.86 4.35 -36.78
N PRO D 422 2.36 5.39 -36.09
CA PRO D 422 1.85 6.56 -36.81
C PRO D 422 2.95 7.54 -37.19
N LEU D 423 3.39 7.50 -38.44
CA LEU D 423 4.38 8.46 -38.92
C LEU D 423 3.75 9.81 -39.25
N VAL D 424 2.58 9.78 -39.87
CA VAL D 424 1.83 11.00 -40.24
C VAL D 424 0.46 10.90 -39.61
N LYS D 425 0.04 11.97 -38.93
CA LYS D 425 -1.26 12.05 -38.29
C LYS D 425 -2.30 12.50 -39.33
N LEU D 426 -2.87 11.53 -40.03
CA LEU D 426 -3.79 11.83 -41.12
C LEU D 426 -5.22 12.07 -40.62
N TRP D 427 -5.75 11.13 -39.85
CA TRP D 427 -7.14 11.19 -39.43
C TRP D 427 -7.34 11.97 -38.14
N TYR D 428 -6.27 12.44 -37.51
CA TYR D 428 -6.29 13.09 -36.20
C TYR D 428 -7.53 13.96 -35.99
#